data_5M4X
#
_entry.id   5M4X
#
_cell.length_a   120.292
_cell.length_b   120.292
_cell.length_c   344.884
_cell.angle_alpha   90.000
_cell.angle_beta   90.000
_cell.angle_gamma   90.000
#
_symmetry.space_group_name_H-M   'P 41 21 2'
#
_entity_poly.entity_id   1
_entity_poly.type   'polypeptide(L)'
_entity_poly.pdbx_seq_one_letter_code
;MDTKLYIDGQWVNSSSGKTVDKYSPVTGQVIGRMEAATRDDVDRAIDAAEDAFWAWNDLGSVERSKIIYRAKELIEKNRA
ELENIIMEENGKPVKEAKEEVDGVIDQIQYYAEWARKLNGEVVEGTSSHRKIFQYKVPYGIVVALTPWNFPAGMVARKLA
PALLTGNTVVLKPSSDTPGSAEWIVRKFVEAGVPKGVLNFITGRGSEIGDYIVEHKKVNLITMTGSTATGQRIMQKASAN
MAKLILELGGKAPFMVWKDADMDNALKTLLWAKYWNAGQSCIAAERLYVHEDIYDTFMSRFVELSRKLALGDPKNADMGP
LINKGALQATSEIVEEAKESGAKILFGGSQPSLSGPYRNGYFFLPTIIGNADQKSKIFQEEIFAPVIGARKISSVEEMCD
LANDNKYGLASYLFTKDPNIIFEASERIRFGELYVNMPGPEASQGYHTGFRMTGQAGEGSKYGISEYLKLKNIYVDYSGK
PLHINTVRDDLFQSGRPVLGSSHHHHHH
;
_entity_poly.pdbx_strand_id   A,B,C,D
#
# COMPACT_ATOMS: atom_id res chain seq x y z
N MET A 1 -45.00 20.82 10.92
CA MET A 1 -44.32 21.07 12.22
C MET A 1 -43.66 22.45 12.20
N ASP A 2 -43.55 23.08 13.36
CA ASP A 2 -42.81 24.32 13.50
C ASP A 2 -41.42 24.03 14.08
N THR A 3 -40.38 24.31 13.32
CA THR A 3 -39.02 24.10 13.78
C THR A 3 -38.46 25.36 14.42
N LYS A 4 -37.48 25.15 15.31
CA LYS A 4 -36.86 26.23 16.05
C LYS A 4 -35.33 26.13 15.88
N LEU A 5 -34.62 26.97 16.60
CA LEU A 5 -33.15 26.94 16.66
C LEU A 5 -32.71 26.17 17.90
N TYR A 6 -31.53 25.56 17.83
CA TYR A 6 -30.88 24.97 18.98
C TYR A 6 -29.54 25.68 19.14
N ILE A 7 -29.44 26.55 20.16
CA ILE A 7 -28.25 27.35 20.42
C ILE A 7 -27.83 27.19 21.89
N ASP A 8 -26.56 26.84 22.12
CA ASP A 8 -26.01 26.59 23.45
C ASP A 8 -26.93 25.76 24.35
N GLY A 9 -27.40 24.65 23.81
CA GLY A 9 -28.16 23.67 24.56
C GLY A 9 -29.63 23.98 24.81
N GLN A 10 -30.15 25.01 24.16
CA GLN A 10 -31.56 25.37 24.28
C GLN A 10 -32.26 25.51 22.95
N TRP A 11 -33.51 25.05 22.89
CA TRP A 11 -34.39 25.35 21.77
C TRP A 11 -34.93 26.77 21.92
N VAL A 12 -34.60 27.66 20.98
CA VAL A 12 -35.00 29.08 21.06
C VAL A 12 -35.58 29.58 19.74
N ASN A 13 -36.20 30.74 19.79
CA ASN A 13 -36.72 31.43 18.61
C ASN A 13 -35.65 32.35 18.04
N SER A 14 -35.84 32.79 16.80
CA SER A 14 -35.00 33.82 16.19
C SER A 14 -35.05 35.09 17.04
N SER A 15 -33.90 35.78 17.17
CA SER A 15 -33.83 37.01 17.97
C SER A 15 -34.60 38.17 17.33
N SER A 16 -34.71 38.17 16.00
CA SER A 16 -35.46 39.19 15.26
C SER A 16 -36.96 38.96 15.29
N GLY A 17 -37.39 37.75 15.68
CA GLY A 17 -38.78 37.41 15.65
C GLY A 17 -39.35 36.97 14.28
N LYS A 18 -38.52 36.94 13.24
CA LYS A 18 -39.01 36.54 11.90
C LYS A 18 -39.06 35.00 11.72
N THR A 19 -40.00 34.52 10.92
CA THR A 19 -40.05 33.12 10.48
C THR A 19 -40.23 33.05 8.97
N VAL A 20 -39.97 31.85 8.43
CA VAL A 20 -40.23 31.55 7.01
C VAL A 20 -41.18 30.37 6.92
N ASP A 21 -42.12 30.45 5.98
CA ASP A 21 -43.13 29.41 5.80
C ASP A 21 -42.52 28.26 5.02
N LYS A 22 -42.93 27.03 5.36
CA LYS A 22 -42.51 25.82 4.63
C LYS A 22 -43.70 25.28 3.87
N TYR A 23 -43.56 25.15 2.56
CA TYR A 23 -44.61 24.66 1.68
C TYR A 23 -44.44 23.17 1.40
N SER A 24 -45.57 22.46 1.29
CA SER A 24 -45.58 21.07 0.85
C SER A 24 -45.42 21.04 -0.66
N PRO A 25 -44.43 20.29 -1.17
CA PRO A 25 -44.34 20.14 -2.62
C PRO A 25 -45.42 19.24 -3.22
N VAL A 26 -46.14 18.50 -2.37
CA VAL A 26 -47.25 17.65 -2.78
C VAL A 26 -48.57 18.43 -2.96
N THR A 27 -48.87 19.34 -2.03
CA THR A 27 -50.11 20.13 -2.05
C THR A 27 -49.94 21.60 -2.42
N GLY A 28 -48.73 22.13 -2.26
CA GLY A 28 -48.45 23.55 -2.50
C GLY A 28 -48.97 24.47 -1.42
N GLN A 29 -49.39 23.90 -0.28
CA GLN A 29 -49.91 24.66 0.86
C GLN A 29 -48.83 24.73 1.93
N VAL A 30 -48.87 25.79 2.74
CA VAL A 30 -47.98 25.91 3.88
C VAL A 30 -48.29 24.77 4.87
N ILE A 31 -47.26 24.05 5.31
CA ILE A 31 -47.42 22.96 6.30
C ILE A 31 -46.57 23.11 7.57
N GLY A 32 -45.82 24.21 7.68
CA GLY A 32 -44.92 24.41 8.79
C GLY A 32 -44.22 25.76 8.73
N ARG A 33 -43.40 26.02 9.73
CA ARG A 33 -42.60 27.23 9.83
C ARG A 33 -41.26 26.89 10.46
N MET A 34 -40.30 27.76 10.20
CA MET A 34 -38.96 27.66 10.75
C MET A 34 -38.56 29.05 11.15
N GLU A 35 -37.65 29.15 12.10
CA GLU A 35 -37.18 30.46 12.56
C GLU A 35 -36.15 31.01 11.61
N ALA A 36 -36.20 32.31 11.33
CA ALA A 36 -35.24 32.97 10.44
C ALA A 36 -34.15 33.62 11.27
N ALA A 37 -33.08 32.87 11.52
CA ALA A 37 -32.01 33.31 12.44
C ALA A 37 -31.35 34.62 11.98
N THR A 38 -30.92 35.42 12.94
CA THR A 38 -30.15 36.65 12.65
C THR A 38 -28.66 36.37 12.66
N ARG A 39 -27.91 37.36 12.21
CA ARG A 39 -26.46 37.38 12.37
C ARG A 39 -26.10 37.10 13.83
N ASP A 40 -26.83 37.78 14.72
CA ASP A 40 -26.56 37.71 16.15
C ASP A 40 -26.68 36.27 16.64
N ASP A 41 -27.76 35.61 16.21
CA ASP A 41 -28.02 34.22 16.57
C ASP A 41 -26.88 33.32 16.13
N VAL A 42 -26.45 33.54 14.90
CA VAL A 42 -25.34 32.79 14.29
C VAL A 42 -24.10 32.92 15.15
N ASP A 43 -23.82 34.18 15.51
CA ASP A 43 -22.65 34.54 16.33
C ASP A 43 -22.69 33.78 17.64
N ARG A 44 -23.87 33.81 18.25
CA ARG A 44 -24.11 33.15 19.55
C ARG A 44 -23.81 31.67 19.44
N ALA A 45 -24.33 31.06 18.37
CA ALA A 45 -24.15 29.64 18.09
C ALA A 45 -22.65 29.31 18.01
N ILE A 46 -21.96 30.15 17.25
CA ILE A 46 -20.52 29.99 17.04
C ILE A 46 -19.77 30.04 18.36
N ASP A 47 -20.15 31.00 19.18
CA ASP A 47 -19.56 31.20 20.51
C ASP A 47 -19.75 29.96 21.37
N ALA A 48 -20.98 29.44 21.33
CA ALA A 48 -21.34 28.22 22.06
C ALA A 48 -20.45 27.06 21.66
N ALA A 49 -20.30 26.93 20.34
CA ALA A 49 -19.46 25.88 19.73
C ALA A 49 -18.03 25.98 20.26
N GLU A 50 -17.53 27.20 20.24
CA GLU A 50 -16.18 27.52 20.70
C GLU A 50 -16.00 27.08 22.16
N ASP A 51 -17.00 27.44 22.97
CA ASP A 51 -17.00 27.14 24.39
C ASP A 51 -16.95 25.63 24.60
N ALA A 52 -17.76 24.91 23.81
CA ALA A 52 -17.93 23.50 24.05
C ALA A 52 -16.77 22.70 23.53
N PHE A 53 -15.83 23.32 22.82
CA PHE A 53 -14.97 22.55 21.92
C PHE A 53 -14.04 21.67 22.78
N TRP A 54 -13.39 22.36 23.71
CA TRP A 54 -12.32 21.75 24.49
C TRP A 54 -12.82 20.56 25.28
N ALA A 55 -13.99 20.76 25.90
CA ALA A 55 -14.65 19.72 26.71
C ALA A 55 -14.92 18.50 25.85
N TRP A 56 -15.46 18.77 24.65
CA TRP A 56 -15.80 17.72 23.68
C TRP A 56 -14.56 16.90 23.33
N ASN A 57 -13.47 17.65 23.07
CA ASN A 57 -12.21 17.06 22.68
C ASN A 57 -11.70 16.13 23.80
N ASP A 58 -11.80 16.63 25.04
CA ASP A 58 -11.27 15.91 26.17
C ASP A 58 -12.03 14.63 26.42
N LEU A 59 -13.30 14.50 25.99
CA LEU A 59 -14.03 13.29 26.25
C LEU A 59 -13.43 12.08 25.61
N GLY A 60 -12.67 12.25 24.52
CA GLY A 60 -11.98 11.15 23.86
C GLY A 60 -12.92 10.52 22.86
N SER A 61 -12.34 9.78 21.93
CA SER A 61 -13.12 9.32 20.81
C SER A 61 -14.20 8.36 21.27
N VAL A 62 -13.85 7.51 22.24
CA VAL A 62 -14.65 6.37 22.63
C VAL A 62 -16.02 6.84 23.12
N GLU A 63 -15.96 7.84 24.00
CA GLU A 63 -17.16 8.41 24.60
C GLU A 63 -18.08 8.98 23.52
N ARG A 64 -17.45 9.69 22.59
CA ARG A 64 -18.17 10.31 21.48
C ARG A 64 -18.90 9.23 20.67
N SER A 65 -18.16 8.17 20.38
CA SER A 65 -18.67 7.02 19.62
C SER A 65 -19.85 6.41 20.30
N LYS A 66 -19.78 6.26 21.64
CA LYS A 66 -20.84 5.72 22.45
C LYS A 66 -22.16 6.52 22.20
N ILE A 67 -21.97 7.84 22.31
CA ILE A 67 -23.06 8.79 22.14
C ILE A 67 -23.69 8.64 20.75
N ILE A 68 -22.82 8.55 19.76
CA ILE A 68 -23.23 8.41 18.36
C ILE A 68 -24.06 7.14 18.18
N TYR A 69 -23.58 6.06 18.78
CA TYR A 69 -24.25 4.76 18.74
C TYR A 69 -25.64 4.86 19.32
N ARG A 70 -25.72 5.53 20.47
CA ARG A 70 -26.99 5.75 21.17
C ARG A 70 -27.98 6.47 20.27
N ALA A 71 -27.46 7.53 19.63
CA ALA A 71 -28.24 8.36 18.71
C ALA A 71 -28.81 7.51 17.57
N LYS A 72 -27.93 6.69 17.02
CA LYS A 72 -28.28 5.79 15.92
C LYS A 72 -29.42 4.86 16.34
N GLU A 73 -29.27 4.30 17.53
CA GLU A 73 -30.25 3.38 18.10
C GLU A 73 -31.62 4.07 18.22
N LEU A 74 -31.57 5.30 18.74
CA LEU A 74 -32.76 6.11 18.92
C LEU A 74 -33.48 6.33 17.58
N ILE A 75 -32.67 6.67 16.58
CA ILE A 75 -33.15 6.92 15.22
C ILE A 75 -33.87 5.67 14.67
N GLU A 76 -33.21 4.52 14.89
CA GLU A 76 -33.74 3.24 14.46
C GLU A 76 -35.10 2.96 15.08
N LYS A 77 -35.16 3.23 16.39
CA LYS A 77 -36.38 3.06 17.18
C LYS A 77 -37.53 3.90 16.59
N ASN A 78 -37.24 5.14 16.18
CA ASN A 78 -38.26 6.08 15.71
C ASN A 78 -38.19 6.46 14.20
N ARG A 79 -37.58 5.60 13.37
CA ARG A 79 -37.32 5.81 11.97
C ARG A 79 -38.57 6.16 11.18
N ALA A 80 -39.70 5.61 11.63
CA ALA A 80 -40.99 5.81 10.97
C ALA A 80 -41.32 7.28 10.91
N GLU A 81 -41.13 7.96 12.04
CA GLU A 81 -41.39 9.39 12.17
C GLU A 81 -40.56 10.18 11.14
N LEU A 82 -39.29 9.81 11.07
CA LEU A 82 -38.34 10.44 10.16
C LEU A 82 -38.81 10.28 8.72
N GLU A 83 -39.22 9.06 8.40
CA GLU A 83 -39.71 8.71 7.07
C GLU A 83 -40.90 9.61 6.71
N ASN A 84 -41.82 9.70 7.66
CA ASN A 84 -43.02 10.50 7.50
C ASN A 84 -42.69 11.96 7.21
N ILE A 85 -41.74 12.46 7.99
CA ILE A 85 -41.24 13.84 7.85
C ILE A 85 -40.71 14.07 6.44
N ILE A 86 -39.90 13.11 5.99
CA ILE A 86 -39.29 13.16 4.67
C ILE A 86 -40.38 13.24 3.59
N MET A 87 -41.38 12.38 3.76
CA MET A 87 -42.50 12.31 2.83
C MET A 87 -43.23 13.65 2.76
N GLU A 88 -43.45 14.24 3.93
CA GLU A 88 -44.10 15.53 4.06
C GLU A 88 -43.31 16.64 3.33
N GLU A 89 -42.00 16.69 3.59
CA GLU A 89 -41.20 17.85 3.22
C GLU A 89 -40.72 17.77 1.80
N ASN A 90 -40.36 16.56 1.34
CA ASN A 90 -39.87 16.38 -0.02
C ASN A 90 -40.81 15.64 -0.99
N GLY A 91 -41.87 15.02 -0.48
CA GLY A 91 -42.81 14.30 -1.33
C GLY A 91 -42.21 13.07 -2.00
N LYS A 92 -41.12 12.55 -1.45
CA LYS A 92 -40.45 11.38 -2.02
C LYS A 92 -41.39 10.20 -1.90
N PRO A 93 -41.43 9.31 -2.93
CA PRO A 93 -42.13 8.04 -2.74
C PRO A 93 -41.65 7.31 -1.48
N VAL A 94 -42.57 6.60 -0.82
CA VAL A 94 -42.36 6.00 0.49
C VAL A 94 -41.09 5.18 0.51
N LYS A 95 -40.94 4.39 -0.56
CA LYS A 95 -39.82 3.46 -0.74
C LYS A 95 -38.51 4.23 -0.64
N GLU A 96 -38.46 5.33 -1.40
CA GLU A 96 -37.28 6.19 -1.48
C GLU A 96 -36.90 6.71 -0.10
N ALA A 97 -37.93 7.17 0.62
CA ALA A 97 -37.77 7.72 1.96
C ALA A 97 -37.15 6.66 2.88
N LYS A 98 -37.71 5.46 2.79
CA LYS A 98 -37.26 4.33 3.59
C LYS A 98 -35.78 4.06 3.34
N GLU A 99 -35.45 4.05 2.05
CA GLU A 99 -34.07 3.81 1.57
C GLU A 99 -33.13 4.82 2.18
N GLU A 100 -33.56 6.08 2.12
CA GLU A 100 -32.77 7.20 2.64
C GLU A 100 -32.50 7.01 4.13
N VAL A 101 -33.56 6.64 4.85
CA VAL A 101 -33.48 6.41 6.28
C VAL A 101 -32.45 5.33 6.61
N ASP A 102 -32.55 4.25 5.82
CA ASP A 102 -31.66 3.09 5.95
C ASP A 102 -30.22 3.53 5.80
N GLY A 103 -30.01 4.32 4.75
CA GLY A 103 -28.68 4.86 4.38
C GLY A 103 -28.11 5.65 5.50
N VAL A 104 -28.95 6.52 6.07
CA VAL A 104 -28.60 7.41 7.20
C VAL A 104 -28.10 6.55 8.35
N ILE A 105 -28.89 5.52 8.66
CA ILE A 105 -28.62 4.63 9.78
C ILE A 105 -27.21 3.97 9.59
N ASP A 106 -27.04 3.51 8.35
CA ASP A 106 -25.84 2.73 8.01
C ASP A 106 -24.62 3.59 8.11
N GLN A 107 -24.74 4.79 7.61
CA GLN A 107 -23.61 5.77 7.63
C GLN A 107 -23.27 6.08 9.03
N ILE A 108 -24.30 6.29 9.88
CA ILE A 108 -24.05 6.59 11.31
C ILE A 108 -23.26 5.47 11.95
N GLN A 109 -23.68 4.23 11.65
CA GLN A 109 -23.05 3.03 12.19
C GLN A 109 -21.55 3.00 11.79
N TYR A 110 -21.35 3.28 10.52
CA TYR A 110 -20.03 3.20 9.92
C TYR A 110 -19.10 4.22 10.57
N TYR A 111 -19.62 5.41 10.71
CA TYR A 111 -18.81 6.50 11.29
C TYR A 111 -18.53 6.19 12.74
N ALA A 112 -19.47 5.60 13.47
CA ALA A 112 -19.22 5.20 14.85
C ALA A 112 -18.10 4.17 14.94
N GLU A 113 -18.14 3.21 14.02
CA GLU A 113 -17.12 2.19 13.93
C GLU A 113 -15.74 2.76 13.71
N TRP A 114 -15.47 4.00 13.30
CA TRP A 114 -14.04 4.49 13.29
C TRP A 114 -13.43 4.94 14.65
N ALA A 115 -14.20 4.85 15.74
CA ALA A 115 -13.65 5.15 17.09
C ALA A 115 -12.37 4.36 17.38
N ARG A 116 -11.39 5.07 17.92
CA ARG A 116 -10.08 4.51 18.28
C ARG A 116 -9.28 3.96 17.10
N LYS A 117 -9.68 4.26 15.87
CA LYS A 117 -8.98 3.69 14.71
C LYS A 117 -8.25 4.79 13.94
N SER A 127 17.92 11.28 13.75
CA SER A 127 18.90 10.56 14.55
C SER A 127 18.20 9.67 15.57
N SER A 128 18.98 8.84 16.27
CA SER A 128 18.46 7.93 17.29
C SER A 128 17.91 8.65 18.54
N HIS A 129 18.29 9.91 18.76
CA HIS A 129 17.75 10.71 19.86
C HIS A 129 16.78 11.82 19.39
N ARG A 130 16.10 11.56 18.27
CA ARG A 130 15.06 12.46 17.75
C ARG A 130 13.80 11.69 17.41
N LYS A 131 12.64 12.23 17.76
CA LYS A 131 11.35 11.62 17.44
C LYS A 131 10.37 12.63 16.89
N ILE A 132 9.44 12.15 16.07
CA ILE A 132 8.35 12.97 15.54
C ILE A 132 7.05 12.36 16.05
N PHE A 133 6.30 13.11 16.85
CA PHE A 133 4.99 12.69 17.34
C PHE A 133 3.89 13.25 16.43
N GLN A 134 3.00 12.40 15.91
CA GLN A 134 1.95 12.83 14.98
C GLN A 134 0.59 12.60 15.56
N TYR A 135 -0.03 13.68 15.98
CA TYR A 135 -1.37 13.65 16.56
C TYR A 135 -2.34 14.01 15.44
N LYS A 136 -3.52 13.39 15.45
CA LYS A 136 -4.59 13.77 14.56
C LYS A 136 -5.66 14.41 15.42
N VAL A 137 -5.99 15.67 15.13
CA VAL A 137 -6.84 16.49 16.00
C VAL A 137 -7.96 17.18 15.22
N PRO A 138 -9.04 17.59 15.91
CA PRO A 138 -10.12 18.27 15.20
C PRO A 138 -9.67 19.60 14.56
N TYR A 139 -10.40 20.04 13.54
CA TYR A 139 -10.21 21.39 13.00
C TYR A 139 -10.77 22.47 13.94
N GLY A 140 -11.80 22.12 14.71
CA GLY A 140 -12.38 23.01 15.70
C GLY A 140 -13.86 23.19 15.46
N ILE A 141 -14.24 24.36 14.95
CA ILE A 141 -15.63 24.72 14.70
C ILE A 141 -16.00 24.44 13.23
N VAL A 142 -16.96 23.53 13.04
CA VAL A 142 -17.40 23.06 11.73
C VAL A 142 -18.75 23.67 11.41
N VAL A 143 -18.91 24.18 10.20
CA VAL A 143 -20.21 24.62 9.71
C VAL A 143 -20.64 23.61 8.69
N ALA A 144 -21.84 23.09 8.84
CA ALA A 144 -22.35 22.10 7.91
C ALA A 144 -23.52 22.64 7.15
N LEU A 145 -23.44 22.57 5.83
CA LEU A 145 -24.51 22.98 4.95
C LEU A 145 -25.06 21.80 4.24
N THR A 146 -26.31 21.46 4.52
CA THR A 146 -26.93 20.33 3.90
C THR A 146 -28.06 20.64 2.97
N PRO A 147 -27.85 20.28 1.73
CA PRO A 147 -28.82 20.42 0.66
C PRO A 147 -29.86 19.34 0.78
N TRP A 148 -31.01 19.73 0.28
CA TRP A 148 -32.27 19.05 0.38
C TRP A 148 -32.43 17.94 -0.58
N ASN A 149 -31.38 17.60 -1.32
CA ASN A 149 -31.49 16.47 -2.22
C ASN A 149 -31.81 15.24 -1.37
N PHE A 150 -31.10 15.02 -0.26
CA PHE A 150 -31.35 13.94 0.70
C PHE A 150 -31.15 14.62 2.06
N PRO A 151 -32.18 15.29 2.51
CA PRO A 151 -32.14 16.17 3.67
C PRO A 151 -31.87 15.48 5.01
N ALA A 152 -31.87 14.15 5.03
CA ALA A 152 -31.49 13.39 6.22
C ALA A 152 -30.12 12.76 6.01
N GLY A 153 -29.97 12.14 4.83
CA GLY A 153 -28.79 11.38 4.50
C GLY A 153 -27.55 12.28 4.55
N MET A 154 -27.70 13.46 3.94
CA MET A 154 -26.59 14.41 3.90
C MET A 154 -26.22 14.87 5.29
N VAL A 155 -27.23 15.10 6.12
CA VAL A 155 -27.03 15.49 7.53
C VAL A 155 -26.20 14.42 8.25
N ALA A 156 -26.61 13.17 8.04
CA ALA A 156 -25.95 12.02 8.64
C ALA A 156 -24.47 11.98 8.24
N ARG A 157 -24.25 12.18 6.94
CA ARG A 157 -22.91 12.17 6.36
C ARG A 157 -22.06 13.24 7.04
N LYS A 158 -22.64 14.44 7.18
CA LYS A 158 -21.93 15.56 7.75
C LYS A 158 -21.64 15.52 9.25
N LEU A 159 -22.72 15.36 10.02
CA LEU A 159 -22.68 15.43 11.47
C LEU A 159 -21.84 14.33 12.07
N ALA A 160 -22.11 13.10 11.68
CA ALA A 160 -21.47 11.96 12.36
C ALA A 160 -19.95 12.05 12.45
N PRO A 161 -19.28 12.04 11.27
CA PRO A 161 -17.83 11.91 11.28
C PRO A 161 -17.18 13.08 11.97
N ALA A 162 -17.71 14.28 11.72
CA ALA A 162 -17.24 15.51 12.35
C ALA A 162 -17.29 15.37 13.88
N LEU A 163 -18.45 14.90 14.34
CA LEU A 163 -18.71 14.73 15.76
C LEU A 163 -17.71 13.73 16.37
N LEU A 164 -17.49 12.65 15.65
CA LEU A 164 -16.63 11.59 16.12
C LEU A 164 -15.19 12.11 16.22
N THR A 165 -14.75 12.90 15.24
CA THR A 165 -13.41 13.37 15.23
C THR A 165 -13.25 14.46 16.27
N GLY A 166 -14.26 14.86 17.04
CA GLY A 166 -14.06 15.85 18.11
C GLY A 166 -14.27 17.31 17.72
N ASN A 167 -14.85 17.57 16.56
CA ASN A 167 -15.25 18.93 16.16
C ASN A 167 -16.60 19.26 16.77
N THR A 168 -16.82 20.56 17.02
CA THR A 168 -18.15 21.09 17.34
C THR A 168 -18.79 21.63 16.08
N VAL A 169 -20.12 21.68 16.05
CA VAL A 169 -20.87 21.86 14.82
C VAL A 169 -21.95 22.92 14.92
N VAL A 170 -22.03 23.76 13.88
CA VAL A 170 -23.19 24.60 13.60
C VAL A 170 -23.77 24.12 12.27
N LEU A 171 -24.96 23.55 12.32
CA LEU A 171 -25.64 23.00 11.13
C LEU A 171 -26.68 24.00 10.63
N LYS A 172 -26.64 24.33 9.34
CA LYS A 172 -27.72 25.06 8.68
C LYS A 172 -28.23 24.17 7.56
N PRO A 173 -29.48 23.69 7.66
CA PRO A 173 -30.02 22.94 6.56
C PRO A 173 -30.58 23.85 5.50
N SER A 174 -30.98 23.25 4.38
CA SER A 174 -31.69 23.98 3.35
C SER A 174 -32.98 24.55 3.94
N SER A 175 -33.33 25.76 3.52
CA SER A 175 -34.61 26.37 3.86
C SER A 175 -35.82 25.51 3.44
N ASP A 176 -35.66 24.63 2.44
CA ASP A 176 -36.74 23.74 1.98
C ASP A 176 -36.99 22.51 2.85
N THR A 177 -36.01 22.10 3.65
CA THR A 177 -36.09 20.84 4.40
C THR A 177 -35.51 20.93 5.81
N PRO A 178 -36.02 21.86 6.62
CA PRO A 178 -35.44 21.97 7.93
C PRO A 178 -35.84 20.78 8.82
N GLY A 179 -37.02 20.20 8.56
CA GLY A 179 -37.73 19.43 9.57
C GLY A 179 -36.94 18.20 9.97
N SER A 180 -36.52 17.47 8.92
CA SER A 180 -35.76 16.23 9.07
C SER A 180 -34.49 16.49 9.87
N ALA A 181 -33.80 17.55 9.47
CA ALA A 181 -32.55 17.97 10.09
C ALA A 181 -32.76 18.24 11.58
N GLU A 182 -33.83 18.98 11.85
CA GLU A 182 -34.20 19.34 13.22
C GLU A 182 -34.43 18.10 14.05
N TRP A 183 -35.16 17.15 13.48
CA TRP A 183 -35.47 15.89 14.13
C TRP A 183 -34.18 15.14 14.50
N ILE A 184 -33.27 15.11 13.52
CA ILE A 184 -31.98 14.45 13.68
C ILE A 184 -31.21 15.08 14.85
N VAL A 185 -31.22 16.41 14.87
CA VAL A 185 -30.55 17.19 15.90
C VAL A 185 -31.10 16.84 17.28
N ARG A 186 -32.43 16.78 17.34
CA ARG A 186 -33.16 16.44 18.57
C ARG A 186 -32.73 15.07 19.08
N LYS A 187 -32.67 14.13 18.14
CA LYS A 187 -32.27 12.75 18.42
C LYS A 187 -30.87 12.72 19.04
N PHE A 188 -29.98 13.48 18.39
CA PHE A 188 -28.60 13.58 18.82
C PHE A 188 -28.50 14.11 20.26
N VAL A 189 -29.29 15.15 20.51
CA VAL A 189 -29.37 15.78 21.82
C VAL A 189 -29.81 14.77 22.88
N GLU A 190 -30.84 14.02 22.52
CA GLU A 190 -31.40 12.98 23.39
C GLU A 190 -30.32 11.94 23.73
N ALA A 191 -29.57 11.53 22.71
CA ALA A 191 -28.49 10.58 22.85
C ALA A 191 -27.44 11.06 23.81
N GLY A 192 -27.32 12.37 24.07
CA GLY A 192 -26.39 12.89 25.07
C GLY A 192 -25.30 13.83 24.57
N VAL A 193 -25.45 14.38 23.37
CA VAL A 193 -24.53 15.42 22.90
C VAL A 193 -24.61 16.62 23.84
N PRO A 194 -23.46 17.08 24.39
CA PRO A 194 -23.54 18.18 25.38
C PRO A 194 -23.85 19.55 24.80
N LYS A 195 -24.21 20.48 25.70
CA LYS A 195 -24.59 21.85 25.32
C LYS A 195 -23.46 22.53 24.55
N GLY A 196 -23.81 23.15 23.43
CA GLY A 196 -22.85 23.86 22.58
C GLY A 196 -22.13 23.03 21.53
N VAL A 197 -22.09 21.70 21.69
CA VAL A 197 -21.37 20.82 20.75
C VAL A 197 -22.06 20.78 19.39
N LEU A 198 -23.39 20.81 19.42
CA LEU A 198 -24.19 20.82 18.21
C LEU A 198 -25.15 21.98 18.28
N ASN A 199 -25.09 22.85 17.28
CA ASN A 199 -26.02 23.97 17.17
C ASN A 199 -26.76 23.90 15.84
N PHE A 200 -28.01 24.32 15.85
CA PHE A 200 -28.91 24.21 14.71
C PHE A 200 -29.45 25.59 14.38
N ILE A 201 -29.14 26.07 13.17
CA ILE A 201 -29.50 27.40 12.71
C ILE A 201 -30.23 27.25 11.37
N THR A 202 -31.50 27.68 11.33
CA THR A 202 -32.27 27.78 10.09
C THR A 202 -32.36 29.25 9.69
N GLY A 203 -32.57 29.50 8.40
CA GLY A 203 -32.71 30.87 7.91
C GLY A 203 -32.32 31.07 6.48
N ARG A 204 -32.95 32.08 5.84
CA ARG A 204 -32.73 32.37 4.43
C ARG A 204 -31.30 32.87 4.18
N GLY A 205 -30.64 32.16 3.25
CA GLY A 205 -29.23 32.37 2.91
C GLY A 205 -28.93 33.73 2.35
N SER A 206 -29.92 34.31 1.66
CA SER A 206 -29.89 35.70 1.20
C SER A 206 -29.68 36.70 2.34
N GLU A 207 -30.05 36.33 3.56
CA GLU A 207 -29.76 37.17 4.73
C GLU A 207 -28.46 36.78 5.44
N ILE A 208 -28.21 35.48 5.67
CA ILE A 208 -27.22 35.09 6.64
C ILE A 208 -26.19 34.17 6.08
N GLY A 209 -26.37 33.59 4.89
CA GLY A 209 -25.58 32.47 4.45
C GLY A 209 -24.10 32.85 4.36
N ASP A 210 -23.92 33.98 3.70
CA ASP A 210 -22.57 34.58 3.48
C ASP A 210 -21.92 34.83 4.83
N TYR A 211 -22.69 35.41 5.74
CA TYR A 211 -22.22 35.74 7.09
C TYR A 211 -21.73 34.46 7.80
N ILE A 212 -22.56 33.43 7.70
CA ILE A 212 -22.25 32.13 8.31
C ILE A 212 -20.94 31.57 7.76
N VAL A 213 -20.80 31.68 6.44
CA VAL A 213 -19.58 31.22 5.76
C VAL A 213 -18.33 31.97 6.26
N GLU A 214 -18.35 33.30 6.24
CA GLU A 214 -17.10 34.08 6.40
C GLU A 214 -16.74 34.49 7.83
N HIS A 215 -17.48 33.96 8.82
CA HIS A 215 -17.31 34.32 10.23
C HIS A 215 -15.89 34.02 10.77
N LYS A 216 -15.34 34.98 11.51
CA LYS A 216 -13.95 34.97 12.00
C LYS A 216 -13.50 33.63 12.61
N LYS A 217 -14.35 33.05 13.45
CA LYS A 217 -14.08 31.84 14.25
C LYS A 217 -14.29 30.46 13.58
N VAL A 218 -14.84 30.43 12.35
CA VAL A 218 -15.11 29.16 11.65
C VAL A 218 -13.82 28.54 11.11
N ASN A 219 -13.62 27.24 11.35
CA ASN A 219 -12.41 26.54 10.90
C ASN A 219 -12.59 25.64 9.69
N LEU A 220 -13.76 25.04 9.53
CA LEU A 220 -14.02 24.12 8.43
C LEU A 220 -15.47 24.26 7.97
N ILE A 221 -15.69 24.17 6.66
CA ILE A 221 -17.02 24.20 6.09
C ILE A 221 -17.21 22.95 5.25
N THR A 222 -18.27 22.21 5.52
CA THR A 222 -18.62 21.00 4.78
C THR A 222 -19.98 21.22 4.14
N MET A 223 -20.05 21.04 2.83
CA MET A 223 -21.22 21.45 2.07
C MET A 223 -21.45 20.56 0.86
N THR A 224 -22.72 20.35 0.54
CA THR A 224 -23.15 19.69 -0.67
C THR A 224 -24.28 20.53 -1.26
N GLY A 225 -24.26 20.73 -2.58
CA GLY A 225 -25.25 21.57 -3.24
C GLY A 225 -24.84 21.94 -4.65
N SER A 226 -25.28 23.11 -5.12
CA SER A 226 -25.03 23.55 -6.50
C SER A 226 -23.66 24.18 -6.65
N THR A 227 -23.20 24.23 -7.89
CA THR A 227 -21.86 24.66 -8.18
C THR A 227 -21.67 26.14 -7.85
N ALA A 228 -22.67 26.94 -8.21
CA ALA A 228 -22.64 28.37 -7.98
C ALA A 228 -22.49 28.68 -6.50
N THR A 229 -23.29 27.97 -5.71
CA THR A 229 -23.28 28.11 -4.24
C THR A 229 -21.90 27.82 -3.70
N GLY A 230 -21.33 26.72 -4.20
CA GLY A 230 -19.99 26.27 -3.80
C GLY A 230 -18.95 27.35 -4.09
N GLN A 231 -19.05 27.91 -5.29
CA GLN A 231 -18.16 28.98 -5.75
C GLN A 231 -18.24 30.17 -4.79
N ARG A 232 -19.47 30.53 -4.47
CA ARG A 232 -19.75 31.65 -3.58
C ARG A 232 -19.08 31.44 -2.23
N ILE A 233 -19.27 30.21 -1.73
CA ILE A 233 -18.72 29.79 -0.43
C ILE A 233 -17.21 29.93 -0.43
N MET A 234 -16.61 29.46 -1.51
CA MET A 234 -15.16 29.50 -1.71
C MET A 234 -14.66 30.94 -1.64
N GLN A 235 -15.38 31.80 -2.36
CA GLN A 235 -15.05 33.23 -2.44
C GLN A 235 -15.08 33.83 -1.02
N LYS A 236 -16.14 33.48 -0.29
CA LYS A 236 -16.34 34.01 1.04
C LYS A 236 -15.20 33.57 1.96
N ALA A 237 -14.78 32.30 1.83
CA ALA A 237 -13.89 31.74 2.81
C ALA A 237 -12.53 32.28 2.69
N SER A 238 -12.22 33.06 1.66
CA SER A 238 -10.96 33.79 1.64
C SER A 238 -10.74 34.66 2.90
N ALA A 239 -11.83 35.15 3.50
CA ALA A 239 -11.80 35.94 4.75
C ALA A 239 -11.21 35.20 5.97
N ASN A 240 -11.59 33.93 6.13
CA ASN A 240 -11.20 33.15 7.32
C ASN A 240 -10.32 31.94 7.06
N MET A 241 -9.99 31.71 5.78
CA MET A 241 -9.09 30.63 5.39
C MET A 241 -9.61 29.23 5.81
N ALA A 242 -10.93 29.04 5.88
CA ALA A 242 -11.50 27.75 6.34
C ALA A 242 -11.16 26.61 5.39
N LYS A 243 -10.99 25.41 5.96
CA LYS A 243 -10.87 24.17 5.19
C LYS A 243 -12.24 23.92 4.57
N LEU A 244 -12.27 23.62 3.28
CA LEU A 244 -13.51 23.41 2.54
C LEU A 244 -13.67 21.96 2.08
N ILE A 245 -14.84 21.38 2.40
CA ILE A 245 -15.29 20.13 1.81
C ILE A 245 -16.56 20.47 1.03
N LEU A 246 -16.45 20.40 -0.30
CA LEU A 246 -17.54 20.75 -1.20
C LEU A 246 -17.81 19.62 -2.20
N GLU A 247 -19.07 19.21 -2.30
CA GLU A 247 -19.52 18.21 -3.28
C GLU A 247 -20.51 19.04 -4.09
N LEU A 248 -20.37 19.12 -5.41
CA LEU A 248 -21.17 20.09 -6.17
C LEU A 248 -21.92 19.56 -7.40
N GLY A 249 -22.33 18.30 -7.39
CA GLY A 249 -23.16 17.77 -8.48
C GLY A 249 -22.46 17.74 -9.84
N GLY A 250 -23.26 17.69 -10.91
CA GLY A 250 -22.72 17.54 -12.24
C GLY A 250 -23.73 17.46 -13.36
N LYS A 251 -23.28 16.87 -14.46
CA LYS A 251 -24.06 16.76 -15.68
C LYS A 251 -23.68 15.44 -16.33
N ALA A 252 -24.18 14.37 -15.72
CA ALA A 252 -23.73 13.02 -16.04
C ALA A 252 -24.21 12.57 -17.41
N PRO A 253 -23.26 12.21 -18.31
CA PRO A 253 -23.67 11.62 -19.57
C PRO A 253 -24.06 10.16 -19.42
N PHE A 254 -25.13 9.74 -20.08
CA PHE A 254 -25.61 8.35 -20.09
C PHE A 254 -25.44 7.78 -21.49
N MET A 255 -24.51 6.83 -21.63
CA MET A 255 -24.06 6.37 -22.95
C MET A 255 -24.46 4.91 -23.17
N VAL A 256 -25.18 4.65 -24.28
CA VAL A 256 -25.68 3.32 -24.62
C VAL A 256 -25.17 2.90 -26.01
N TRP A 257 -24.18 2.01 -26.02
CA TRP A 257 -23.62 1.50 -27.28
C TRP A 257 -24.58 0.48 -27.91
N LYS A 258 -24.40 0.24 -29.20
CA LYS A 258 -25.26 -0.70 -29.98
C LYS A 258 -25.43 -2.10 -29.40
N ASP A 259 -24.41 -2.63 -28.72
CA ASP A 259 -24.46 -3.99 -28.16
C ASP A 259 -25.00 -4.10 -26.71
N ALA A 260 -25.57 -3.02 -26.20
CA ALA A 260 -26.04 -2.98 -24.81
C ALA A 260 -27.19 -3.95 -24.57
N ASP A 261 -27.30 -4.47 -23.34
CA ASP A 261 -28.47 -5.26 -22.93
C ASP A 261 -29.58 -4.28 -22.72
N MET A 262 -30.62 -4.39 -23.52
CA MET A 262 -31.47 -3.22 -23.70
C MET A 262 -32.21 -2.92 -22.37
N ASP A 263 -32.81 -4.00 -21.85
CA ASP A 263 -33.72 -3.94 -20.74
C ASP A 263 -33.06 -3.28 -19.52
N ASN A 264 -31.88 -3.85 -19.24
CA ASN A 264 -31.05 -3.43 -18.10
C ASN A 264 -30.74 -1.97 -18.22
N ALA A 265 -30.31 -1.60 -19.45
CA ALA A 265 -29.91 -0.21 -19.77
C ALA A 265 -31.08 0.73 -19.45
N LEU A 266 -32.25 0.32 -19.93
CA LEU A 266 -33.48 1.10 -19.76
C LEU A 266 -33.78 1.31 -18.29
N LYS A 267 -33.66 0.23 -17.54
CA LYS A 267 -33.91 0.23 -16.10
C LYS A 267 -32.98 1.27 -15.42
N THR A 268 -31.71 1.18 -15.81
CA THR A 268 -30.68 2.05 -15.26
C THR A 268 -31.01 3.51 -15.54
N LEU A 269 -31.43 3.76 -16.77
CA LEU A 269 -31.81 5.11 -17.22
C LEU A 269 -32.94 5.65 -16.39
N LEU A 270 -33.93 4.78 -16.18
CA LEU A 270 -35.13 5.12 -15.38
C LEU A 270 -34.72 5.52 -13.98
N TRP A 271 -33.81 4.72 -13.39
CA TRP A 271 -33.33 4.96 -12.05
C TRP A 271 -32.61 6.37 -11.97
N ALA A 272 -31.81 6.55 -12.96
CA ALA A 272 -30.83 7.63 -13.02
C ALA A 272 -31.54 8.94 -13.19
N LYS A 273 -32.53 8.97 -14.05
CA LYS A 273 -33.31 10.20 -14.29
C LYS A 273 -34.39 10.35 -13.24
N TYR A 274 -35.13 9.31 -12.90
CA TYR A 274 -36.37 9.54 -12.16
C TYR A 274 -36.30 9.31 -10.65
N TRP A 275 -35.24 8.65 -10.18
CA TRP A 275 -35.00 8.54 -8.75
C TRP A 275 -34.93 9.95 -8.17
N ASN A 276 -35.78 10.22 -7.20
CA ASN A 276 -35.89 11.53 -6.55
C ASN A 276 -36.19 12.64 -7.56
N ALA A 277 -36.98 12.29 -8.57
CA ALA A 277 -37.32 13.18 -9.67
C ALA A 277 -36.13 13.88 -10.33
N GLY A 278 -34.99 13.20 -10.38
CA GLY A 278 -33.79 13.71 -11.04
C GLY A 278 -32.99 14.71 -10.23
N GLN A 279 -33.30 14.81 -8.94
CA GLN A 279 -32.70 15.81 -8.07
C GLN A 279 -31.57 15.12 -7.31
N SER A 280 -30.48 14.81 -8.02
CA SER A 280 -29.33 14.09 -7.48
C SER A 280 -28.03 14.55 -8.02
N CYS A 281 -26.99 14.20 -7.35
CA CYS A 281 -25.68 14.70 -7.74
C CYS A 281 -25.02 13.83 -8.79
N ILE A 282 -25.66 12.78 -9.15
CA ILE A 282 -25.19 11.85 -10.14
C ILE A 282 -26.26 11.50 -11.13
N ALA A 283 -27.38 12.22 -11.16
CA ALA A 283 -28.49 11.88 -12.04
C ALA A 283 -28.14 11.94 -13.53
N ALA A 284 -28.82 11.13 -14.31
CA ALA A 284 -28.65 11.14 -15.77
C ALA A 284 -29.08 12.49 -16.30
N GLU A 285 -28.15 13.23 -16.90
CA GLU A 285 -28.40 14.59 -17.40
C GLU A 285 -28.33 14.76 -18.93
N ARG A 286 -27.64 13.83 -19.61
CA ARG A 286 -27.52 13.83 -21.06
C ARG A 286 -27.58 12.40 -21.58
N LEU A 287 -28.37 12.15 -22.62
CA LEU A 287 -28.53 10.80 -23.19
C LEU A 287 -27.91 10.70 -24.58
N TYR A 288 -26.96 9.77 -24.73
CA TYR A 288 -26.27 9.50 -25.99
C TYR A 288 -26.51 8.03 -26.36
N VAL A 289 -27.19 7.78 -27.47
CA VAL A 289 -27.53 6.39 -27.90
C VAL A 289 -27.08 6.10 -29.34
N HIS A 290 -26.58 4.88 -29.55
CA HIS A 290 -26.01 4.49 -30.83
C HIS A 290 -27.08 4.47 -31.92
N GLU A 291 -26.76 5.09 -33.06
CA GLU A 291 -27.69 5.24 -34.21
C GLU A 291 -28.41 3.98 -34.71
N ASP A 292 -27.71 2.84 -34.66
CA ASP A 292 -28.26 1.52 -35.00
C ASP A 292 -29.47 1.07 -34.19
N ILE A 293 -29.54 1.46 -32.92
CA ILE A 293 -30.67 1.06 -32.05
C ILE A 293 -31.50 2.24 -31.59
N TYR A 294 -31.22 3.43 -32.13
CA TYR A 294 -31.50 4.64 -31.34
C TYR A 294 -33.03 4.71 -31.13
N ASP A 295 -33.71 4.63 -32.29
CA ASP A 295 -35.12 4.94 -32.43
C ASP A 295 -35.95 4.08 -31.48
N THR A 296 -35.65 2.78 -31.61
CA THR A 296 -36.33 1.71 -30.84
C THR A 296 -36.18 1.99 -29.37
N PHE A 297 -34.92 2.29 -29.00
CA PHE A 297 -34.53 2.54 -27.60
C PHE A 297 -35.38 3.69 -27.05
N MET A 298 -35.43 4.74 -27.85
CA MET A 298 -36.15 5.96 -27.48
C MET A 298 -37.61 5.68 -27.24
N SER A 299 -38.20 4.88 -28.11
CA SER A 299 -39.59 4.56 -27.95
C SER A 299 -39.73 3.87 -26.63
N ARG A 300 -38.95 2.82 -26.48
CA ARG A 300 -39.04 2.00 -25.28
C ARG A 300 -39.05 2.89 -24.03
N PHE A 301 -38.13 3.84 -24.04
CA PHE A 301 -37.96 4.79 -22.94
C PHE A 301 -39.24 5.57 -22.71
N VAL A 302 -39.80 6.04 -23.83
CA VAL A 302 -41.04 6.81 -23.83
C VAL A 302 -42.16 6.01 -23.19
N GLU A 303 -42.25 4.75 -23.63
CA GLU A 303 -43.27 3.81 -23.13
C GLU A 303 -43.15 3.67 -21.61
N LEU A 304 -41.91 3.48 -21.18
CA LEU A 304 -41.60 3.29 -19.76
C LEU A 304 -42.06 4.52 -18.96
N SER A 305 -41.73 5.68 -19.50
CA SER A 305 -42.08 6.95 -18.89
C SER A 305 -43.58 7.09 -18.73
N ARG A 306 -44.31 6.70 -19.79
CA ARG A 306 -45.76 6.71 -19.80
C ARG A 306 -46.31 6.00 -18.56
N LYS A 307 -45.72 4.86 -18.19
CA LYS A 307 -46.19 4.07 -17.10
C LYS A 307 -45.93 4.54 -15.65
N LEU A 308 -45.11 5.56 -15.44
CA LEU A 308 -44.77 6.04 -14.09
C LEU A 308 -45.87 6.91 -13.51
N ALA A 309 -46.32 6.57 -12.31
CA ALA A 309 -47.39 7.31 -11.63
C ALA A 309 -46.81 8.45 -10.80
N LEU A 310 -47.42 9.63 -10.88
CA LEU A 310 -47.05 10.75 -10.01
C LEU A 310 -48.19 10.99 -9.02
N GLY A 311 -47.87 11.58 -7.88
CA GLY A 311 -48.86 11.94 -6.88
C GLY A 311 -48.41 11.55 -5.48
N ASP A 312 -49.27 10.84 -4.76
CA ASP A 312 -49.06 10.59 -3.33
C ASP A 312 -47.86 9.67 -3.07
N PRO A 313 -46.99 10.04 -2.11
CA PRO A 313 -45.88 9.18 -1.71
C PRO A 313 -46.26 7.72 -1.39
N LYS A 314 -47.46 7.50 -0.84
CA LYS A 314 -47.97 6.15 -0.53
C LYS A 314 -48.02 5.20 -1.74
N ASN A 315 -48.19 5.74 -2.95
CA ASN A 315 -48.29 4.90 -4.16
C ASN A 315 -47.57 5.38 -5.43
N ALA A 316 -46.97 6.57 -5.42
CA ALA A 316 -46.37 7.13 -6.64
C ALA A 316 -45.05 6.46 -6.94
N ASP A 317 -44.69 6.46 -8.22
CA ASP A 317 -43.38 6.06 -8.67
C ASP A 317 -42.37 7.20 -8.58
N MET A 318 -42.82 8.44 -8.77
CA MET A 318 -41.94 9.60 -8.72
C MET A 318 -42.60 10.76 -8.02
N GLY A 319 -41.80 11.52 -7.26
CA GLY A 319 -42.31 12.64 -6.48
C GLY A 319 -42.25 13.97 -7.20
N PRO A 320 -42.63 15.05 -6.50
CA PRO A 320 -42.60 16.38 -7.05
C PRO A 320 -41.24 17.02 -6.96
N LEU A 321 -41.07 18.14 -7.65
CA LEU A 321 -39.91 19.00 -7.42
C LEU A 321 -40.07 19.67 -6.07
N ILE A 322 -38.95 20.10 -5.51
CA ILE A 322 -38.91 20.59 -4.12
C ILE A 322 -39.71 21.87 -3.85
N ASN A 323 -39.75 22.81 -4.80
CA ASN A 323 -40.47 24.08 -4.58
C ASN A 323 -41.00 24.71 -5.88
N LYS A 324 -41.83 25.75 -5.72
CA LYS A 324 -42.45 26.44 -6.84
C LYS A 324 -41.38 26.94 -7.79
N GLY A 325 -40.33 27.53 -7.20
CA GLY A 325 -39.28 28.19 -7.96
C GLY A 325 -38.61 27.22 -8.92
N ALA A 326 -38.29 26.05 -8.38
CA ALA A 326 -37.65 24.98 -9.15
C ALA A 326 -38.52 24.58 -10.34
N LEU A 327 -39.81 24.42 -10.05
CA LEU A 327 -40.80 24.05 -11.05
C LEU A 327 -40.79 25.05 -12.19
N GLN A 328 -40.83 26.32 -11.78
CA GLN A 328 -40.86 27.46 -12.71
C GLN A 328 -39.64 27.41 -13.62
N ALA A 329 -38.49 27.18 -13.00
CA ALA A 329 -37.20 27.11 -13.70
C ALA A 329 -37.25 26.01 -14.75
N THR A 330 -37.76 24.85 -14.34
CA THR A 330 -37.89 23.68 -15.20
C THR A 330 -38.74 24.03 -16.44
N SER A 331 -39.87 24.68 -16.14
CA SER A 331 -40.81 25.10 -17.17
C SER A 331 -40.13 26.00 -18.19
N GLU A 332 -39.37 26.95 -17.65
CA GLU A 332 -38.64 27.93 -18.46
C GLU A 332 -37.65 27.23 -19.38
N ILE A 333 -36.94 26.26 -18.80
CA ILE A 333 -35.95 25.46 -19.54
C ILE A 333 -36.63 24.76 -20.72
N VAL A 334 -37.78 24.14 -20.40
CA VAL A 334 -38.55 23.40 -21.38
C VAL A 334 -38.96 24.34 -22.55
N GLU A 335 -39.42 25.52 -22.17
CA GLU A 335 -39.85 26.53 -23.13
C GLU A 335 -38.71 26.93 -24.04
N GLU A 336 -37.55 27.13 -23.44
CA GLU A 336 -36.32 27.50 -24.16
C GLU A 336 -35.99 26.43 -25.19
N ALA A 337 -36.07 25.18 -24.74
CA ALA A 337 -35.80 24.01 -25.58
C ALA A 337 -36.73 24.01 -26.80
N LYS A 338 -38.02 24.24 -26.51
CA LYS A 338 -39.05 24.29 -27.53
C LYS A 338 -38.80 25.40 -28.57
N GLU A 339 -38.70 26.62 -28.03
CA GLU A 339 -38.61 27.84 -28.82
C GLU A 339 -37.24 27.97 -29.48
N SER A 340 -36.58 26.83 -29.72
CA SER A 340 -35.31 26.77 -30.39
C SER A 340 -35.12 25.45 -31.17
N GLY A 341 -36.21 24.88 -31.69
CA GLY A 341 -36.14 23.71 -32.58
C GLY A 341 -36.52 22.36 -32.02
N ALA A 342 -36.39 22.18 -30.70
CA ALA A 342 -36.44 20.83 -30.11
C ALA A 342 -37.81 20.17 -30.17
N LYS A 343 -37.80 18.85 -30.40
CA LYS A 343 -38.99 18.02 -30.37
C LYS A 343 -39.16 17.43 -28.97
N ILE A 344 -40.27 17.75 -28.31
CA ILE A 344 -40.63 17.09 -27.05
C ILE A 344 -41.24 15.74 -27.39
N LEU A 345 -40.51 14.67 -27.13
CA LEU A 345 -40.94 13.32 -27.47
C LEU A 345 -41.97 12.77 -26.48
N PHE A 346 -41.92 13.24 -25.23
CA PHE A 346 -42.96 12.96 -24.25
C PHE A 346 -42.87 13.96 -23.09
N GLY A 347 -44.03 14.26 -22.51
CA GLY A 347 -44.12 15.09 -21.30
C GLY A 347 -44.02 16.57 -21.61
N GLY A 348 -43.20 17.28 -20.84
CA GLY A 348 -42.88 18.70 -21.09
C GLY A 348 -43.80 19.70 -20.41
N SER A 349 -44.53 19.23 -19.41
CA SER A 349 -45.48 20.07 -18.70
C SER A 349 -45.77 19.44 -17.36
N GLN A 350 -46.57 20.14 -16.56
CA GLN A 350 -47.09 19.57 -15.34
C GLN A 350 -48.10 18.50 -15.72
N PRO A 351 -48.27 17.47 -14.86
CA PRO A 351 -49.33 16.50 -15.09
C PRO A 351 -50.69 17.13 -14.76
N SER A 352 -51.76 16.39 -15.04
CA SER A 352 -53.11 16.84 -14.72
C SER A 352 -53.70 15.93 -13.64
N LEU A 353 -53.60 16.38 -12.38
CA LEU A 353 -53.93 15.57 -11.22
C LEU A 353 -55.12 16.12 -10.46
N SER A 354 -55.82 15.21 -9.78
CA SER A 354 -57.04 15.55 -9.04
C SER A 354 -56.71 16.12 -7.68
N GLY A 355 -57.69 16.81 -7.09
CA GLY A 355 -57.61 17.29 -5.71
C GLY A 355 -56.44 18.20 -5.40
N PRO A 356 -55.90 18.09 -4.14
CA PRO A 356 -54.77 18.92 -3.67
C PRO A 356 -53.47 18.83 -4.51
N TYR A 357 -53.27 17.68 -5.16
CA TYR A 357 -52.06 17.37 -5.90
C TYR A 357 -51.83 18.30 -7.09
N ARG A 358 -52.91 18.81 -7.69
CA ARG A 358 -52.76 19.71 -8.84
C ARG A 358 -51.97 21.01 -8.53
N ASN A 359 -51.95 21.42 -7.26
CA ASN A 359 -51.18 22.59 -6.84
C ASN A 359 -49.81 22.27 -6.23
N GLY A 360 -49.46 20.98 -6.21
CA GLY A 360 -48.10 20.54 -5.94
C GLY A 360 -47.17 20.88 -7.10
N TYR A 361 -45.87 20.64 -6.90
CA TYR A 361 -44.86 21.02 -7.88
C TYR A 361 -44.41 19.79 -8.68
N PHE A 362 -45.38 19.08 -9.24
CA PHE A 362 -45.09 17.90 -10.03
C PHE A 362 -44.72 18.30 -11.42
N PHE A 363 -43.85 17.53 -12.04
CA PHE A 363 -43.51 17.72 -13.44
C PHE A 363 -43.41 16.37 -14.10
N LEU A 364 -43.93 16.26 -15.31
CA LEU A 364 -43.96 14.99 -16.03
C LEU A 364 -42.56 14.57 -16.45
N PRO A 365 -42.31 13.25 -16.50
CA PRO A 365 -41.13 12.75 -17.18
C PRO A 365 -41.04 13.37 -18.55
N THR A 366 -39.93 14.03 -18.86
CA THR A 366 -39.81 14.77 -20.08
C THR A 366 -38.59 14.35 -20.89
N ILE A 367 -38.83 14.02 -22.15
CA ILE A 367 -37.83 13.46 -23.04
C ILE A 367 -37.79 14.31 -24.30
N ILE A 368 -36.60 14.74 -24.70
CA ILE A 368 -36.43 15.73 -25.76
C ILE A 368 -35.48 15.23 -26.86
N GLY A 369 -35.90 15.34 -28.12
CA GLY A 369 -35.07 15.01 -29.29
C GLY A 369 -34.77 16.24 -30.12
N ASN A 370 -34.01 16.06 -31.21
CA ASN A 370 -33.52 17.18 -32.01
C ASN A 370 -32.71 18.09 -31.11
N ALA A 371 -31.85 17.48 -30.29
CA ALA A 371 -31.25 18.14 -29.15
C ALA A 371 -29.84 18.65 -29.50
N ASP A 372 -29.63 19.96 -29.35
CA ASP A 372 -28.36 20.59 -29.66
C ASP A 372 -27.33 20.33 -28.54
N GLN A 373 -26.19 19.72 -28.91
CA GLN A 373 -25.06 19.52 -27.98
C GLN A 373 -24.62 20.82 -27.26
N LYS A 374 -24.71 21.94 -27.97
CA LYS A 374 -24.38 23.26 -27.44
C LYS A 374 -25.49 23.97 -26.62
N SER A 375 -26.69 23.38 -26.53
CA SER A 375 -27.84 24.04 -25.87
C SER A 375 -27.76 24.02 -24.35
N LYS A 376 -28.63 24.84 -23.72
CA LYS A 376 -28.78 24.87 -22.24
C LYS A 376 -29.11 23.48 -21.66
N ILE A 377 -29.98 22.73 -22.34
CA ILE A 377 -30.36 21.36 -21.96
C ILE A 377 -29.15 20.43 -21.83
N PHE A 378 -28.14 20.65 -22.66
CA PHE A 378 -26.93 19.82 -22.67
C PHE A 378 -25.73 20.41 -21.91
N GLN A 379 -25.76 21.71 -21.61
CA GLN A 379 -24.62 22.35 -20.96
C GLN A 379 -24.82 22.82 -19.51
N GLU A 380 -26.05 23.10 -19.10
CA GLU A 380 -26.33 23.58 -17.73
C GLU A 380 -27.11 22.52 -16.92
N GLU A 381 -26.74 22.35 -15.64
CA GLU A 381 -27.38 21.37 -14.74
C GLU A 381 -28.89 21.59 -14.69
N ILE A 382 -29.66 20.49 -14.81
CA ILE A 382 -31.14 20.52 -14.86
C ILE A 382 -31.75 20.20 -13.49
N PHE A 383 -31.35 19.07 -12.91
CA PHE A 383 -31.76 18.68 -11.55
C PHE A 383 -33.30 18.52 -11.48
N ALA A 384 -33.84 17.79 -12.45
CA ALA A 384 -35.29 17.64 -12.65
C ALA A 384 -35.53 16.48 -13.62
N PRO A 385 -36.79 15.98 -13.78
CA PRO A 385 -37.02 14.77 -14.59
C PRO A 385 -37.11 15.02 -16.12
N VAL A 386 -36.05 15.62 -16.65
CA VAL A 386 -36.00 16.10 -18.02
C VAL A 386 -34.67 15.68 -18.59
N ILE A 387 -34.66 15.19 -19.82
CA ILE A 387 -33.39 14.84 -20.47
C ILE A 387 -33.50 14.97 -21.97
N GLY A 388 -32.41 15.42 -22.58
CA GLY A 388 -32.30 15.45 -24.03
C GLY A 388 -31.49 14.26 -24.50
N ALA A 389 -31.80 13.78 -25.71
CA ALA A 389 -31.13 12.62 -26.31
C ALA A 389 -30.52 12.97 -27.67
N ARG A 390 -29.45 12.28 -28.00
CA ARG A 390 -28.65 12.59 -29.18
C ARG A 390 -28.07 11.27 -29.73
N LYS A 391 -27.96 11.16 -31.05
CA LYS A 391 -27.40 9.97 -31.69
C LYS A 391 -25.88 10.00 -31.62
N ILE A 392 -25.27 8.83 -31.63
CA ILE A 392 -23.83 8.70 -31.80
C ILE A 392 -23.53 7.59 -32.79
N SER A 393 -22.38 7.71 -33.42
CA SER A 393 -21.92 6.75 -34.41
C SER A 393 -20.44 6.33 -34.30
N SER A 394 -19.70 6.86 -33.34
CA SER A 394 -18.32 6.42 -33.11
C SER A 394 -17.95 6.62 -31.65
N VAL A 395 -16.94 5.88 -31.22
CA VAL A 395 -16.52 5.84 -29.83
C VAL A 395 -15.86 7.16 -29.44
N GLU A 396 -14.95 7.60 -30.33
CA GLU A 396 -14.22 8.85 -30.14
C GLU A 396 -15.18 10.03 -30.00
N GLU A 397 -16.15 10.05 -30.90
CA GLU A 397 -17.19 11.08 -30.95
C GLU A 397 -17.93 11.14 -29.63
N MET A 398 -18.32 9.95 -29.17
CA MET A 398 -19.06 9.77 -27.92
C MET A 398 -18.26 10.36 -26.76
N CYS A 399 -16.98 10.01 -26.74
CA CYS A 399 -16.05 10.46 -25.70
C CYS A 399 -16.00 11.98 -25.67
N ASP A 400 -15.86 12.54 -26.86
CA ASP A 400 -15.80 14.00 -27.06
C ASP A 400 -17.05 14.67 -26.48
N LEU A 401 -18.19 14.08 -26.82
CA LEU A 401 -19.48 14.56 -26.36
C LEU A 401 -19.57 14.58 -24.84
N ALA A 402 -19.10 13.47 -24.26
CA ALA A 402 -19.09 13.28 -22.82
C ALA A 402 -18.24 14.39 -22.16
N ASN A 403 -17.06 14.63 -22.76
CA ASN A 403 -16.11 15.50 -22.13
C ASN A 403 -16.46 16.95 -22.32
N ASP A 404 -17.30 17.26 -23.30
CA ASP A 404 -17.75 18.62 -23.58
C ASP A 404 -18.77 19.15 -22.54
N ASN A 405 -18.22 19.50 -21.37
CA ASN A 405 -19.02 19.92 -20.20
C ASN A 405 -18.09 20.58 -19.18
N LYS A 406 -18.60 21.60 -18.50
CA LYS A 406 -17.88 22.19 -17.35
C LYS A 406 -17.88 21.26 -16.12
N TYR A 407 -18.75 20.28 -16.08
CA TYR A 407 -18.83 19.44 -14.89
C TYR A 407 -18.43 18.00 -15.09
N GLY A 408 -17.62 17.48 -14.19
CA GLY A 408 -17.18 16.10 -14.31
C GLY A 408 -17.33 15.25 -13.07
N LEU A 409 -18.54 14.81 -12.77
CA LEU A 409 -18.73 13.98 -11.60
C LEU A 409 -19.01 12.54 -11.96
N ALA A 410 -20.26 12.25 -12.25
CA ALA A 410 -20.69 10.88 -12.61
C ALA A 410 -20.83 10.71 -14.13
N SER A 411 -20.83 9.45 -14.57
CA SER A 411 -21.09 9.08 -15.95
C SER A 411 -21.58 7.64 -15.98
N TYR A 412 -22.35 7.27 -17.00
CA TYR A 412 -22.88 5.90 -17.17
C TYR A 412 -22.60 5.34 -18.56
N LEU A 413 -22.23 4.06 -18.64
CA LEU A 413 -21.95 3.40 -19.92
C LEU A 413 -22.56 2.01 -19.98
N PHE A 414 -23.34 1.74 -21.03
CA PHE A 414 -23.83 0.38 -21.29
C PHE A 414 -23.27 -0.18 -22.60
N THR A 415 -22.49 -1.26 -22.47
CA THR A 415 -21.90 -1.96 -23.61
C THR A 415 -21.38 -3.31 -23.16
N LYS A 416 -21.21 -4.22 -24.11
CA LYS A 416 -20.56 -5.50 -23.87
C LYS A 416 -19.20 -5.58 -24.58
N ASP A 417 -18.69 -4.47 -25.14
CA ASP A 417 -17.39 -4.46 -25.78
C ASP A 417 -16.32 -4.04 -24.75
N PRO A 418 -15.44 -4.99 -24.36
CA PRO A 418 -14.51 -4.76 -23.28
C PRO A 418 -13.53 -3.67 -23.64
N ASN A 419 -13.12 -3.62 -24.90
CA ASN A 419 -12.13 -2.65 -25.37
C ASN A 419 -12.62 -1.23 -25.13
N ILE A 420 -13.88 -1.02 -25.51
CA ILE A 420 -14.55 0.28 -25.36
C ILE A 420 -14.53 0.70 -23.89
N ILE A 421 -14.89 -0.26 -23.04
CA ILE A 421 -14.96 -0.03 -21.59
C ILE A 421 -13.59 0.40 -21.07
N PHE A 422 -12.55 -0.32 -21.52
CA PHE A 422 -11.19 -0.07 -21.12
C PHE A 422 -10.80 1.40 -21.52
N GLU A 423 -11.15 1.73 -22.74
CA GLU A 423 -10.80 3.01 -23.31
C GLU A 423 -11.46 4.16 -22.56
N ALA A 424 -12.72 3.96 -22.25
CA ALA A 424 -13.48 4.96 -21.49
C ALA A 424 -12.91 5.13 -20.12
N SER A 425 -12.46 4.05 -19.47
CA SER A 425 -11.75 4.17 -18.20
C SER A 425 -10.69 5.28 -18.21
N GLU A 426 -9.98 5.50 -19.31
CA GLU A 426 -9.06 6.63 -19.42
C GLU A 426 -9.59 7.87 -20.16
N ARG A 427 -10.39 7.67 -21.20
CA ARG A 427 -10.83 8.81 -22.06
C ARG A 427 -11.98 9.67 -21.48
N ILE A 428 -12.88 9.07 -20.70
CA ILE A 428 -13.98 9.81 -20.05
C ILE A 428 -13.46 10.44 -18.75
N ARG A 429 -13.33 11.77 -18.76
CA ARG A 429 -12.68 12.46 -17.64
C ARG A 429 -13.64 12.80 -16.49
N PHE A 430 -14.14 11.76 -15.82
CA PHE A 430 -15.18 11.88 -14.79
C PHE A 430 -14.84 11.05 -13.57
N GLY A 431 -15.19 11.56 -12.39
CA GLY A 431 -14.83 10.95 -11.10
C GLY A 431 -15.41 9.58 -10.85
N GLU A 432 -16.63 9.34 -11.31
CA GLU A 432 -17.20 8.00 -11.31
C GLU A 432 -17.76 7.66 -12.70
N LEU A 433 -17.45 6.45 -13.15
CA LEU A 433 -18.03 5.85 -14.34
C LEU A 433 -18.76 4.58 -13.90
N TYR A 434 -20.07 4.55 -14.07
CA TYR A 434 -20.87 3.37 -13.75
C TYR A 434 -21.09 2.57 -15.05
N VAL A 435 -20.55 1.35 -15.09
CA VAL A 435 -20.54 0.53 -16.33
C VAL A 435 -21.51 -0.63 -16.18
N ASN A 436 -22.58 -0.61 -16.97
CA ASN A 436 -23.66 -1.62 -16.95
C ASN A 436 -24.32 -1.79 -15.58
N MET A 437 -24.39 -0.72 -14.80
CA MET A 437 -25.04 -0.76 -13.49
C MET A 437 -25.35 0.66 -13.01
N PRO A 438 -26.31 0.79 -12.08
CA PRO A 438 -26.59 2.08 -11.48
C PRO A 438 -25.65 2.41 -10.31
N GLY A 463 -12.75 10.15 3.64
CA GLY A 463 -13.72 11.19 3.94
C GLY A 463 -13.70 11.58 5.41
N ILE A 464 -13.65 10.56 6.27
CA ILE A 464 -13.63 10.82 7.73
C ILE A 464 -12.35 11.59 8.12
N SER A 465 -11.23 11.24 7.50
CA SER A 465 -9.97 11.92 7.72
C SER A 465 -10.03 13.38 7.31
N GLU A 466 -10.77 13.73 6.25
CA GLU A 466 -11.05 15.13 5.94
C GLU A 466 -11.35 15.99 7.17
N TYR A 467 -12.07 15.49 8.19
CA TYR A 467 -12.38 16.28 9.41
C TYR A 467 -11.29 16.36 10.49
N LEU A 468 -10.12 15.75 10.25
CA LEU A 468 -8.99 15.78 11.17
C LEU A 468 -7.79 16.51 10.58
N LYS A 469 -7.10 17.26 11.43
CA LYS A 469 -5.87 17.98 11.09
C LYS A 469 -4.67 17.27 11.71
N LEU A 470 -3.59 17.08 10.95
CA LEU A 470 -2.38 16.50 11.50
C LEU A 470 -1.58 17.61 12.17
N LYS A 471 -1.04 17.34 13.37
CA LYS A 471 0.01 18.18 13.94
C LYS A 471 1.22 17.32 14.32
N ASN A 472 2.41 17.84 14.02
CA ASN A 472 3.67 17.15 14.29
C ASN A 472 4.40 17.85 15.42
N ILE A 473 5.08 17.07 16.25
CA ILE A 473 5.98 17.62 17.27
C ILE A 473 7.32 16.93 17.09
N TYR A 474 8.33 17.71 16.70
CA TYR A 474 9.68 17.24 16.47
C TYR A 474 10.50 17.52 17.71
N VAL A 475 11.06 16.49 18.34
CA VAL A 475 11.83 16.62 19.58
C VAL A 475 13.23 16.07 19.41
N ASP A 476 14.23 16.82 19.88
CA ASP A 476 15.62 16.34 20.00
C ASP A 476 15.93 16.27 21.48
N TYR A 477 16.25 15.08 21.96
CA TYR A 477 16.54 14.86 23.38
C TYR A 477 17.97 14.30 23.57
N SER A 478 18.86 14.62 22.63
CA SER A 478 20.28 14.21 22.71
C SER A 478 20.99 14.88 23.86
N GLY A 479 20.64 16.14 24.15
CA GLY A 479 21.35 16.95 25.15
C GLY A 479 22.79 17.27 24.77
N LYS A 480 23.12 17.17 23.47
CA LYS A 480 24.47 17.40 22.97
C LYS A 480 24.51 18.72 22.19
N PRO A 481 25.72 19.27 21.95
CA PRO A 481 25.81 20.52 21.17
C PRO A 481 25.29 20.36 19.74
N LEU A 482 24.44 21.30 19.29
CA LEU A 482 23.93 21.29 17.92
C LEU A 482 24.96 21.84 16.96
N HIS A 483 24.92 21.37 15.71
CA HIS A 483 25.76 21.88 14.62
C HIS A 483 24.88 22.18 13.45
N ILE A 484 24.89 23.45 13.02
CA ILE A 484 23.96 23.94 11.99
C ILE A 484 24.83 24.49 10.87
N ASN A 485 24.64 23.95 9.66
CA ASN A 485 25.53 24.24 8.54
C ASN A 485 25.85 25.73 8.36
N THR A 486 24.84 26.57 8.48
CA THR A 486 24.97 28.01 8.19
C THR A 486 25.35 28.89 9.40
N VAL A 487 25.46 28.28 10.58
CA VAL A 487 25.87 28.96 11.81
C VAL A 487 27.30 28.51 12.13
N ARG A 488 28.26 29.42 12.07
CA ARG A 488 29.67 29.09 12.35
C ARG A 488 29.89 28.72 13.82
N ASP A 489 30.47 27.53 14.04
CA ASP A 489 30.77 27.09 15.41
C ASP A 489 31.91 27.86 16.06
N ASP A 490 32.73 28.53 15.26
CA ASP A 490 33.75 29.44 15.81
C ASP A 490 33.16 30.70 16.49
N LEU A 491 31.85 30.94 16.34
CA LEU A 491 31.14 31.90 17.21
C LEU A 491 31.00 31.42 18.67
N PHE A 492 31.12 30.10 18.88
CA PHE A 492 30.99 29.48 20.21
C PHE A 492 32.27 28.78 20.71
N GLN A 493 33.42 29.12 20.10
CA GLN A 493 34.70 29.16 20.88
C GLN A 493 34.91 30.69 21.16
N SER A 494 34.73 31.14 22.41
CA SER A 494 34.13 32.50 22.64
C SER A 494 35.09 33.68 22.43
N MET B 1 21.89 37.79 -16.88
CA MET B 1 21.32 36.93 -17.97
C MET B 1 19.96 37.48 -18.39
N ASP B 2 19.65 37.34 -19.67
CA ASP B 2 18.32 37.71 -20.19
C ASP B 2 17.47 36.45 -20.34
N THR B 3 16.39 36.34 -19.58
CA THR B 3 15.53 35.16 -19.66
C THR B 3 14.38 35.40 -20.63
N LYS B 4 13.84 34.30 -21.15
CA LYS B 4 12.79 34.33 -22.17
C LYS B 4 11.63 33.44 -21.71
N LEU B 5 10.64 33.29 -22.59
CA LEU B 5 9.50 32.38 -22.36
C LEU B 5 9.76 31.06 -23.08
N TYR B 6 9.18 29.98 -22.56
CA TYR B 6 9.16 28.70 -23.23
C TYR B 6 7.70 28.33 -23.44
N ILE B 7 7.22 28.43 -24.67
CA ILE B 7 5.82 28.15 -25.02
C ILE B 7 5.77 27.17 -26.19
N ASP B 8 4.99 26.09 -26.02
CA ASP B 8 4.88 25.01 -27.00
C ASP B 8 6.21 24.59 -27.62
N GLY B 9 7.18 24.34 -26.75
CA GLY B 9 8.46 23.79 -27.16
C GLY B 9 9.47 24.74 -27.78
N GLN B 10 9.19 26.04 -27.72
CA GLN B 10 10.09 27.05 -28.27
C GLN B 10 10.42 28.13 -27.25
N TRP B 11 11.66 28.58 -27.23
CA TRP B 11 12.04 29.79 -26.52
C TRP B 11 11.64 31.01 -27.33
N VAL B 12 10.73 31.84 -26.80
CA VAL B 12 10.20 32.99 -27.52
C VAL B 12 10.21 34.25 -26.66
N ASN B 13 10.01 35.39 -27.31
CA ASN B 13 9.87 36.68 -26.62
C ASN B 13 8.40 36.93 -26.31
N SER B 14 8.14 37.89 -25.43
CA SER B 14 6.77 38.35 -25.16
C SER B 14 6.14 38.87 -26.45
N SER B 15 4.85 38.63 -26.63
CA SER B 15 4.12 39.09 -27.82
C SER B 15 3.98 40.63 -27.89
N SER B 16 3.94 41.27 -26.73
CA SER B 16 3.88 42.74 -26.63
C SER B 16 5.23 43.41 -26.87
N GLY B 17 6.31 42.63 -26.80
CA GLY B 17 7.65 43.17 -26.90
C GLY B 17 8.26 43.72 -25.63
N LYS B 18 7.49 43.77 -24.53
CA LYS B 18 7.95 44.43 -23.30
C LYS B 18 8.78 43.49 -22.42
N THR B 19 9.71 44.06 -21.65
CA THR B 19 10.51 43.32 -20.65
C THR B 19 10.50 44.04 -19.31
N VAL B 20 10.93 43.32 -18.28
CA VAL B 20 11.11 43.87 -16.93
C VAL B 20 12.56 43.68 -16.49
N ASP B 21 13.12 44.68 -15.83
CA ASP B 21 14.51 44.66 -15.39
C ASP B 21 14.62 43.83 -14.12
N LYS B 22 15.73 43.11 -13.97
CA LYS B 22 16.03 42.34 -12.74
C LYS B 22 17.20 43.00 -12.05
N TYR B 23 17.00 43.38 -10.79
CA TYR B 23 18.03 44.03 -9.98
C TYR B 23 18.79 43.04 -9.12
N SER B 24 20.07 43.29 -8.92
CA SER B 24 20.88 42.54 -7.96
C SER B 24 20.58 43.06 -6.56
N PRO B 25 20.18 42.18 -5.63
CA PRO B 25 20.01 42.65 -4.25
C PRO B 25 21.34 42.93 -3.54
N VAL B 26 22.45 42.48 -4.10
CA VAL B 26 23.79 42.73 -3.59
C VAL B 26 24.34 44.13 -3.96
N THR B 27 24.14 44.54 -5.22
CA THR B 27 24.65 45.83 -5.72
C THR B 27 23.57 46.89 -5.96
N GLY B 28 22.32 46.47 -6.11
CA GLY B 28 21.21 47.37 -6.43
C GLY B 28 21.20 47.85 -7.87
N GLN B 29 22.00 47.22 -8.72
CA GLN B 29 22.09 47.56 -10.16
C GLN B 29 21.33 46.51 -10.95
N VAL B 30 20.82 46.90 -12.11
CA VAL B 30 20.18 45.97 -13.03
C VAL B 30 21.24 44.96 -13.51
N ILE B 31 20.92 43.67 -13.43
CA ILE B 31 21.84 42.61 -13.91
C ILE B 31 21.25 41.66 -14.97
N GLY B 32 20.02 41.92 -15.39
CA GLY B 32 19.34 41.02 -16.31
C GLY B 32 17.96 41.54 -16.68
N ARG B 33 17.29 40.80 -17.57
CA ARG B 33 15.95 41.13 -18.02
C ARG B 33 15.17 39.84 -18.22
N MET B 34 13.85 39.94 -18.17
CA MET B 34 12.96 38.82 -18.43
C MET B 34 11.82 39.38 -19.26
N GLU B 35 11.17 38.52 -20.02
CA GLU B 35 10.08 38.93 -20.89
C GLU B 35 8.81 39.11 -20.09
N ALA B 36 8.03 40.16 -20.41
CA ALA B 36 6.77 40.43 -19.72
C ALA B 36 5.62 39.86 -20.54
N ALA B 37 5.26 38.61 -20.25
CA ALA B 37 4.26 37.90 -21.05
C ALA B 37 2.90 38.59 -21.03
N THR B 38 2.17 38.48 -22.14
CA THR B 38 0.81 38.99 -22.24
C THR B 38 -0.19 37.93 -21.88
N ARG B 39 -1.45 38.36 -21.74
CA ARG B 39 -2.57 37.44 -21.60
C ARG B 39 -2.53 36.42 -22.73
N ASP B 40 -2.27 36.92 -23.94
CA ASP B 40 -2.28 36.10 -25.15
C ASP B 40 -1.24 34.98 -25.02
N ASP B 41 -0.05 35.35 -24.55
CA ASP B 41 1.04 34.39 -24.37
C ASP B 41 0.63 33.29 -23.41
N VAL B 42 0.00 33.72 -22.30
CA VAL B 42 -0.47 32.82 -21.26
C VAL B 42 -1.45 31.80 -21.85
N ASP B 43 -2.37 32.35 -22.64
CA ASP B 43 -3.42 31.56 -23.31
C ASP B 43 -2.79 30.49 -24.17
N ARG B 44 -1.80 30.94 -24.95
CA ARG B 44 -1.06 30.07 -25.88
C ARG B 44 -0.42 28.92 -25.12
N ALA B 45 0.23 29.28 -24.01
CA ALA B 45 0.91 28.32 -23.15
C ALA B 45 -0.08 27.25 -22.66
N ILE B 46 -1.23 27.75 -22.21
CA ILE B 46 -2.29 26.89 -21.69
C ILE B 46 -2.75 25.89 -22.77
N ASP B 47 -2.93 26.43 -23.97
CA ASP B 47 -3.36 25.64 -25.11
C ASP B 47 -2.36 24.54 -25.42
N ALA B 48 -1.08 24.91 -25.39
CA ALA B 48 0.03 23.99 -25.61
C ALA B 48 -0.01 22.85 -24.61
N ALA B 49 -0.21 23.23 -23.35
CA ALA B 49 -0.30 22.29 -22.23
C ALA B 49 -1.43 21.28 -22.48
N GLU B 50 -2.57 21.83 -22.88
CA GLU B 50 -3.77 21.04 -23.17
C GLU B 50 -3.47 20.01 -24.27
N ASP B 51 -2.80 20.49 -25.31
CA ASP B 51 -2.45 19.68 -26.46
C ASP B 51 -1.55 18.52 -26.02
N ALA B 52 -0.57 18.84 -25.16
CA ALA B 52 0.44 17.88 -24.82
C ALA B 52 -0.03 16.90 -23.83
N PHE B 53 -1.24 17.06 -23.29
CA PHE B 53 -1.56 16.41 -22.01
C PHE B 53 -1.64 14.90 -22.24
N TRP B 54 -2.45 14.57 -23.25
CA TRP B 54 -2.83 13.18 -23.51
C TRP B 54 -1.62 12.34 -23.83
N ALA B 55 -0.75 12.90 -24.68
CA ALA B 55 0.49 12.24 -25.09
C ALA B 55 1.34 11.94 -23.86
N TRP B 56 1.46 12.94 -22.99
CA TRP B 56 2.25 12.85 -21.77
C TRP B 56 1.72 11.70 -20.88
N ASN B 57 0.39 11.68 -20.77
CA ASN B 57 -0.30 10.70 -19.96
C ASN B 57 0.00 9.28 -20.49
N ASP B 58 -0.06 9.16 -21.82
CA ASP B 58 0.08 7.86 -22.45
C ASP B 58 1.48 7.34 -22.28
N LEU B 59 2.51 8.18 -22.08
CA LEU B 59 3.85 7.67 -21.95
C LEU B 59 4.03 6.76 -20.76
N GLY B 60 3.20 6.90 -19.73
CA GLY B 60 3.24 6.03 -18.58
C GLY B 60 4.21 6.59 -17.58
N SER B 61 4.09 6.13 -16.35
CA SER B 61 4.84 6.76 -15.28
C SER B 61 6.33 6.53 -15.50
N VAL B 62 6.68 5.32 -15.95
CA VAL B 62 8.05 4.85 -15.98
C VAL B 62 8.91 5.78 -16.85
N GLU B 63 8.37 6.05 -18.04
CA GLU B 63 9.05 6.90 -19.02
C GLU B 63 9.29 8.30 -18.43
N ARG B 64 8.24 8.82 -17.77
CA ARG B 64 8.31 10.13 -17.16
C ARG B 64 9.44 10.17 -16.11
N SER B 65 9.46 9.12 -15.30
CA SER B 65 10.45 8.96 -14.24
C SER B 65 11.83 8.94 -14.80
N LYS B 66 12.03 8.23 -15.92
CA LYS B 66 13.30 8.15 -16.61
C LYS B 66 13.82 9.58 -16.93
N ILE B 67 12.89 10.33 -17.54
CA ILE B 67 13.16 11.69 -17.97
C ILE B 67 13.58 12.56 -16.77
N ILE B 68 12.82 12.40 -15.70
CA ILE B 68 13.05 13.14 -14.46
C ILE B 68 14.46 12.84 -13.92
N TYR B 69 14.80 11.56 -13.93
CA TYR B 69 16.10 11.09 -13.48
C TYR B 69 17.21 11.74 -14.27
N ARG B 70 17.02 11.75 -15.59
CA ARG B 70 17.96 12.33 -16.54
C ARG B 70 18.19 13.81 -16.20
N ALA B 71 17.07 14.50 -15.97
CA ALA B 71 17.06 15.92 -15.64
C ALA B 71 17.89 16.17 -14.38
N LYS B 72 17.62 15.33 -13.39
CA LYS B 72 18.30 15.40 -12.09
C LYS B 72 19.80 15.27 -12.28
N GLU B 73 20.17 14.27 -13.08
CA GLU B 73 21.57 13.98 -13.39
C GLU B 73 22.25 15.20 -14.01
N LEU B 74 21.53 15.78 -14.97
CA LEU B 74 22.01 16.97 -15.69
C LEU B 74 22.27 18.11 -14.71
N ILE B 75 21.31 18.30 -13.81
CA ILE B 75 21.38 19.34 -12.79
C ILE B 75 22.63 19.15 -11.91
N GLU B 76 22.83 17.89 -11.52
CA GLU B 76 23.96 17.51 -10.69
C GLU B 76 25.29 17.85 -11.39
N LYS B 77 25.33 17.50 -12.67
CA LYS B 77 26.49 17.76 -13.51
C LYS B 77 26.81 19.27 -13.55
N ASN B 78 25.79 20.12 -13.64
CA ASN B 78 25.98 21.56 -13.78
C ASN B 78 25.51 22.44 -12.58
N ARG B 79 25.44 21.84 -11.38
CA ARG B 79 24.94 22.44 -10.16
C ARG B 79 25.62 23.75 -9.84
N ALA B 80 26.89 23.84 -10.20
CA ALA B 80 27.70 25.03 -9.91
C ALA B 80 27.07 26.27 -10.52
N GLU B 81 26.66 26.12 -11.79
CA GLU B 81 26.01 27.20 -12.53
C GLU B 81 24.77 27.69 -11.80
N LEU B 82 23.96 26.71 -11.37
CA LEU B 82 22.73 26.98 -10.65
C LEU B 82 23.01 27.77 -9.37
N GLU B 83 24.03 27.30 -8.65
CA GLU B 83 24.46 27.93 -7.40
C GLU B 83 24.82 29.41 -7.66
N ASN B 84 25.59 29.60 -8.71
CA ASN B 84 26.05 30.93 -9.11
C ASN B 84 24.87 31.85 -9.40
N ILE B 85 23.91 31.30 -10.13
CA ILE B 85 22.68 32.01 -10.49
C ILE B 85 21.94 32.46 -9.24
N ILE B 86 21.83 31.52 -8.30
CA ILE B 86 21.15 31.76 -7.02
C ILE B 86 21.83 32.92 -6.28
N MET B 87 23.15 32.85 -6.25
CA MET B 87 23.96 33.87 -5.59
C MET B 87 23.72 35.25 -6.21
N GLU B 88 23.68 35.27 -7.54
CA GLU B 88 23.43 36.48 -8.30
C GLU B 88 22.05 37.08 -7.96
N GLU B 89 21.02 36.24 -7.98
CA GLU B 89 19.65 36.73 -8.00
C GLU B 89 19.15 36.99 -6.62
N ASN B 90 19.53 36.16 -5.65
CA ASN B 90 19.08 36.32 -4.26
C ASN B 90 20.14 36.79 -3.25
N GLY B 91 21.41 36.77 -3.65
CA GLY B 91 22.47 37.20 -2.75
C GLY B 91 22.68 36.29 -1.55
N LYS B 92 22.20 35.05 -1.64
CA LYS B 92 22.31 34.10 -0.54
C LYS B 92 23.78 33.79 -0.33
N PRO B 93 24.22 33.65 0.94
CA PRO B 93 25.57 33.13 1.17
C PRO B 93 25.79 31.80 0.44
N VAL B 94 27.02 31.58 -0.02
CA VAL B 94 27.37 30.47 -0.91
C VAL B 94 26.86 29.16 -0.36
N LYS B 95 27.10 28.99 0.96
CA LYS B 95 26.74 27.77 1.69
C LYS B 95 25.25 27.48 1.52
N GLU B 96 24.48 28.55 1.76
CA GLU B 96 23.01 28.47 1.68
C GLU B 96 22.58 28.02 0.30
N ALA B 97 23.19 28.63 -0.71
CA ALA B 97 22.91 28.32 -2.11
C ALA B 97 23.15 26.84 -2.39
N LYS B 98 24.31 26.38 -1.90
CA LYS B 98 24.73 25.00 -2.07
C LYS B 98 23.71 24.05 -1.48
N GLU B 99 23.29 24.41 -0.27
CA GLU B 99 22.29 23.64 0.51
C GLU B 99 21.02 23.51 -0.29
N GLU B 100 20.59 24.65 -0.82
CA GLU B 100 19.35 24.74 -1.63
C GLU B 100 19.44 23.80 -2.83
N VAL B 101 20.59 23.86 -3.50
CA VAL B 101 20.84 23.04 -4.67
C VAL B 101 20.71 21.55 -4.33
N ASP B 102 21.35 21.20 -3.20
CA ASP B 102 21.35 19.83 -2.68
C ASP B 102 19.94 19.37 -2.47
N GLY B 103 19.17 20.23 -1.82
CA GLY B 103 17.75 19.97 -1.49
C GLY B 103 16.96 19.70 -2.71
N VAL B 104 17.17 20.54 -3.72
CA VAL B 104 16.50 20.46 -5.04
C VAL B 104 16.75 19.07 -5.63
N ILE B 105 18.04 18.70 -5.61
CA ILE B 105 18.50 17.45 -6.19
C ILE B 105 17.76 16.27 -5.50
N ASP B 106 17.76 16.37 -4.18
CA ASP B 106 17.24 15.28 -3.35
C ASP B 106 15.77 15.11 -3.58
N GLN B 107 15.08 16.21 -3.63
CA GLN B 107 13.59 16.22 -3.86
C GLN B 107 13.32 15.62 -5.18
N ILE B 108 14.12 16.00 -6.21
CA ILE B 108 13.90 15.43 -7.56
C ILE B 108 14.04 13.93 -7.54
N GLN B 109 15.08 13.47 -6.84
CA GLN B 109 15.38 12.05 -6.71
C GLN B 109 14.17 11.31 -6.08
N TYR B 110 13.68 11.92 -5.02
CA TYR B 110 12.61 11.35 -4.21
C TYR B 110 11.36 11.21 -5.06
N TYR B 111 11.06 12.27 -5.77
CA TYR B 111 9.83 12.29 -6.60
C TYR B 111 9.98 11.28 -7.72
N ALA B 112 11.18 11.13 -8.29
CA ALA B 112 11.39 10.11 -9.31
C ALA B 112 11.14 8.70 -8.77
N GLU B 113 11.63 8.47 -7.56
CA GLU B 113 11.45 7.21 -6.88
C GLU B 113 9.97 6.87 -6.67
N TRP B 114 8.96 7.74 -6.78
CA TRP B 114 7.54 7.23 -6.71
C TRP B 114 6.96 6.60 -8.01
N ALA B 115 7.74 6.53 -9.08
CA ALA B 115 7.29 5.84 -10.31
C ALA B 115 6.81 4.42 -10.02
N ARG B 116 5.67 4.08 -10.62
CA ARG B 116 5.02 2.78 -10.46
C ARG B 116 4.63 2.40 -9.03
N LYS B 117 4.62 3.37 -8.11
CA LYS B 117 4.30 3.05 -6.72
C LYS B 117 2.98 3.63 -6.27
N LEU B 118 2.48 4.62 -7.02
CA LEU B 118 1.07 5.02 -6.93
C LEU B 118 0.33 4.33 -8.11
N ASN B 119 0.34 2.99 -8.10
CA ASN B 119 -0.55 2.17 -8.98
C ASN B 119 -2.03 2.25 -8.58
N GLY B 120 -2.92 1.91 -9.50
CA GLY B 120 -4.35 1.72 -9.19
C GLY B 120 -4.68 0.48 -8.39
N GLU B 121 -5.94 0.35 -7.96
CA GLU B 121 -6.41 -0.71 -7.04
C GLU B 121 -7.78 -1.26 -7.43
N VAL B 122 -8.05 -2.52 -7.08
CA VAL B 122 -9.29 -3.21 -7.40
C VAL B 122 -9.91 -3.72 -6.11
N VAL B 123 -11.13 -3.29 -5.81
CA VAL B 123 -11.81 -3.69 -4.59
C VAL B 123 -13.16 -4.33 -4.90
N GLU B 124 -13.67 -5.07 -3.93
CA GLU B 124 -14.97 -5.75 -4.05
C GLU B 124 -16.12 -4.77 -4.27
N GLY B 125 -17.05 -5.17 -5.13
CA GLY B 125 -18.34 -4.47 -5.29
C GLY B 125 -19.35 -4.97 -4.29
N THR B 126 -20.63 -4.77 -4.59
CA THR B 126 -21.73 -5.19 -3.70
C THR B 126 -22.26 -6.62 -3.97
N SER B 127 -21.65 -7.31 -4.93
CA SER B 127 -21.89 -8.74 -5.17
C SER B 127 -20.60 -9.40 -5.69
N SER B 128 -20.62 -10.72 -5.80
CA SER B 128 -19.46 -11.48 -6.29
C SER B 128 -19.16 -11.25 -7.78
N HIS B 129 -20.12 -10.73 -8.54
CA HIS B 129 -19.88 -10.37 -9.95
C HIS B 129 -19.83 -8.85 -10.19
N ARG B 130 -19.37 -8.11 -9.17
CA ARG B 130 -19.16 -6.66 -9.28
C ARG B 130 -17.80 -6.27 -8.73
N LYS B 131 -17.10 -5.38 -9.43
CA LYS B 131 -15.82 -4.85 -8.96
C LYS B 131 -15.76 -3.35 -9.12
N ILE B 132 -14.95 -2.69 -8.28
CA ILE B 132 -14.71 -1.26 -8.36
C ILE B 132 -13.22 -1.07 -8.63
N PHE B 133 -12.90 -0.48 -9.78
CA PHE B 133 -11.51 -0.20 -10.15
C PHE B 133 -11.18 1.24 -9.79
N GLN B 134 -10.07 1.46 -9.05
CA GLN B 134 -9.66 2.79 -8.62
C GLN B 134 -8.35 3.20 -9.23
N TYR B 135 -8.44 4.06 -10.22
CA TYR B 135 -7.30 4.57 -10.91
C TYR B 135 -6.94 5.92 -10.30
N LYS B 136 -5.65 6.20 -10.31
CA LYS B 136 -5.14 7.50 -9.87
C LYS B 136 -4.65 8.19 -11.12
N VAL B 137 -5.20 9.37 -11.43
CA VAL B 137 -4.96 10.06 -12.70
C VAL B 137 -4.60 11.52 -12.51
N PRO B 138 -3.93 12.12 -13.50
CA PRO B 138 -3.59 13.54 -13.35
C PRO B 138 -4.82 14.46 -13.25
N TYR B 139 -4.64 15.64 -12.65
CA TYR B 139 -5.67 16.68 -12.71
C TYR B 139 -5.78 17.33 -14.08
N GLY B 140 -4.66 17.36 -14.81
CA GLY B 140 -4.64 17.89 -16.18
C GLY B 140 -3.59 18.98 -16.31
N ILE B 141 -4.07 20.22 -16.40
CA ILE B 141 -3.22 21.40 -16.56
C ILE B 141 -2.94 22.06 -15.21
N VAL B 142 -1.66 22.09 -14.83
CA VAL B 142 -1.20 22.61 -13.54
C VAL B 142 -0.54 23.96 -13.76
N VAL B 143 -0.94 24.97 -12.97
CA VAL B 143 -0.22 26.23 -12.90
C VAL B 143 0.60 26.21 -11.63
N ALA B 144 1.89 26.47 -11.76
CA ALA B 144 2.80 26.49 -10.64
C ALA B 144 3.28 27.90 -10.42
N LEU B 145 3.08 28.41 -9.22
CA LEU B 145 3.47 29.76 -8.86
C LEU B 145 4.50 29.68 -7.76
N THR B 146 5.76 29.92 -8.10
CA THR B 146 6.84 29.79 -7.13
C THR B 146 7.32 31.12 -6.60
N PRO B 147 7.69 31.15 -5.32
CA PRO B 147 8.15 32.37 -4.70
C PRO B 147 9.61 32.62 -4.99
N TRP B 148 10.07 33.75 -4.46
CA TRP B 148 11.44 34.21 -4.69
C TRP B 148 12.42 33.69 -3.62
N ASN B 149 11.91 33.32 -2.45
CA ASN B 149 12.77 33.03 -1.30
C ASN B 149 13.58 31.74 -1.43
N PHE B 150 12.96 30.69 -1.99
CA PHE B 150 13.69 29.49 -2.37
C PHE B 150 13.36 29.19 -3.82
N PRO B 151 13.98 29.98 -4.73
CA PRO B 151 13.57 30.06 -6.13
C PRO B 151 13.94 28.85 -6.99
N ALA B 152 14.74 27.94 -6.45
CA ALA B 152 15.05 26.68 -7.14
C ALA B 152 14.32 25.53 -6.44
N GLY B 153 14.44 25.53 -5.12
CA GLY B 153 13.91 24.45 -4.29
C GLY B 153 12.41 24.33 -4.48
N MET B 154 11.74 25.48 -4.44
CA MET B 154 10.29 25.50 -4.61
C MET B 154 9.89 24.99 -5.98
N VAL B 155 10.65 25.39 -6.99
CA VAL B 155 10.43 24.92 -8.37
C VAL B 155 10.51 23.39 -8.43
N ALA B 156 11.55 22.87 -7.80
CA ALA B 156 11.80 21.44 -7.74
C ALA B 156 10.62 20.71 -7.11
N ARG B 157 10.17 21.28 -5.99
CA ARG B 157 9.04 20.74 -5.23
C ARG B 157 7.80 20.66 -6.12
N LYS B 158 7.57 21.77 -6.85
CA LYS B 158 6.40 21.87 -7.70
C LYS B 158 6.38 21.02 -8.97
N LEU B 159 7.42 21.23 -9.78
CA LEU B 159 7.54 20.61 -11.10
C LEU B 159 7.62 19.12 -11.04
N ALA B 160 8.53 18.61 -10.22
CA ALA B 160 8.81 17.16 -10.25
C ALA B 160 7.57 16.28 -10.10
N PRO B 161 6.89 16.39 -8.93
CA PRO B 161 5.83 15.44 -8.65
C PRO B 161 4.70 15.56 -9.62
N ALA B 162 4.36 16.80 -10.00
CA ALA B 162 3.33 17.09 -10.99
C ALA B 162 3.64 16.36 -12.30
N LEU B 163 4.91 16.52 -12.71
CA LEU B 163 5.38 15.95 -13.96
C LEU B 163 5.27 14.42 -13.92
N LEU B 164 5.66 13.87 -12.78
CA LEU B 164 5.68 12.42 -12.62
C LEU B 164 4.25 11.89 -12.68
N THR B 165 3.31 12.59 -12.04
CA THR B 165 1.95 12.13 -11.99
C THR B 165 1.31 12.32 -13.34
N GLY B 166 1.95 12.86 -14.37
CA GLY B 166 1.32 12.94 -15.70
C GLY B 166 0.55 14.23 -15.99
N ASN B 167 0.71 15.26 -15.15
CA ASN B 167 0.16 16.59 -15.43
C ASN B 167 1.10 17.36 -16.35
N THR B 168 0.52 18.27 -17.14
CA THR B 168 1.29 19.28 -17.88
C THR B 168 1.30 20.56 -17.09
N VAL B 169 2.32 21.39 -17.32
CA VAL B 169 2.63 22.50 -16.43
C VAL B 169 2.86 23.82 -17.16
N VAL B 170 2.30 24.88 -16.58
CA VAL B 170 2.67 26.26 -16.89
C VAL B 170 3.24 26.85 -15.60
N LEU B 171 4.54 27.15 -15.63
CA LEU B 171 5.26 27.70 -14.47
C LEU B 171 5.40 29.21 -14.63
N LYS B 172 5.01 29.97 -13.61
CA LYS B 172 5.35 31.40 -13.50
C LYS B 172 6.14 31.58 -12.22
N PRO B 173 7.43 31.93 -12.34
CA PRO B 173 8.18 32.20 -11.12
C PRO B 173 7.94 33.61 -10.65
N SER B 174 8.46 33.91 -9.47
CA SER B 174 8.48 35.29 -8.98
C SER B 174 9.22 36.17 -9.97
N SER B 175 8.72 37.39 -10.16
CA SER B 175 9.41 38.42 -10.94
C SER B 175 10.83 38.72 -10.41
N ASP B 176 11.11 38.46 -9.12
CA ASP B 176 12.44 38.68 -8.54
C ASP B 176 13.47 37.61 -8.84
N THR B 177 13.06 36.40 -9.23
CA THR B 177 13.98 35.27 -9.39
C THR B 177 13.64 34.38 -10.58
N PRO B 178 13.58 34.96 -11.78
CA PRO B 178 13.21 34.14 -12.91
C PRO B 178 14.35 33.17 -13.27
N GLY B 179 15.59 33.57 -13.01
CA GLY B 179 16.74 33.03 -13.74
C GLY B 179 16.91 31.55 -13.43
N SER B 180 16.89 31.25 -12.12
CA SER B 180 17.05 29.90 -11.62
C SER B 180 15.98 28.97 -12.22
N ALA B 181 14.75 29.48 -12.16
CA ALA B 181 13.58 28.76 -12.67
C ALA B 181 13.77 28.42 -14.15
N GLU B 182 14.22 29.44 -14.89
CA GLU B 182 14.46 29.32 -16.33
C GLU B 182 15.48 28.23 -16.60
N TRP B 183 16.56 28.27 -15.82
CA TRP B 183 17.65 27.31 -15.93
C TRP B 183 17.12 25.88 -15.72
N ILE B 184 16.30 25.75 -14.69
CA ILE B 184 15.70 24.47 -14.33
C ILE B 184 14.86 23.93 -15.50
N VAL B 185 14.07 24.84 -16.06
CA VAL B 185 13.20 24.52 -17.19
C VAL B 185 14.02 24.02 -18.37
N ARG B 186 15.11 24.73 -18.63
CA ARG B 186 16.04 24.40 -19.72
C ARG B 186 16.58 22.99 -19.52
N LYS B 187 16.99 22.72 -18.29
CA LYS B 187 17.55 21.42 -17.91
C LYS B 187 16.53 20.31 -18.19
N PHE B 188 15.29 20.57 -17.77
CA PHE B 188 14.19 19.65 -17.96
C PHE B 188 13.98 19.33 -19.44
N VAL B 189 14.01 20.39 -20.24
CA VAL B 189 13.85 20.30 -21.68
C VAL B 189 14.94 19.41 -22.29
N GLU B 190 16.16 19.66 -21.84
CA GLU B 190 17.33 18.90 -22.28
C GLU B 190 17.15 17.41 -21.96
N ALA B 191 16.68 17.13 -20.74
CA ALA B 191 16.43 15.80 -20.29
C ALA B 191 15.42 15.09 -21.16
N GLY B 192 14.57 15.80 -21.91
CA GLY B 192 13.64 15.17 -22.86
C GLY B 192 12.15 15.38 -22.63
N VAL B 193 11.80 16.37 -21.80
CA VAL B 193 10.39 16.75 -21.66
C VAL B 193 9.85 17.21 -23.03
N PRO B 194 8.73 16.61 -23.50
CA PRO B 194 8.24 16.98 -24.84
C PRO B 194 7.58 18.35 -24.94
N LYS B 195 7.41 18.80 -26.19
CA LYS B 195 6.83 20.12 -26.49
C LYS B 195 5.44 20.25 -25.88
N GLY B 196 5.21 21.37 -25.19
CA GLY B 196 3.93 21.66 -24.56
C GLY B 196 3.73 21.13 -23.15
N VAL B 197 4.53 20.13 -22.74
CA VAL B 197 4.38 19.52 -21.41
C VAL B 197 4.78 20.48 -20.30
N LEU B 198 5.81 21.28 -20.56
CA LEU B 198 6.29 22.28 -19.63
C LEU B 198 6.36 23.61 -20.34
N ASN B 199 5.66 24.60 -19.81
CA ASN B 199 5.70 25.96 -20.34
C ASN B 199 6.15 26.92 -19.24
N PHE B 200 6.90 27.93 -19.65
CA PHE B 200 7.53 28.88 -18.74
C PHE B 200 7.09 30.29 -19.12
N ILE B 201 6.42 30.96 -18.19
CA ILE B 201 5.84 32.28 -18.39
C ILE B 201 6.36 33.19 -17.27
N THR B 202 7.10 34.23 -17.63
CA THR B 202 7.49 35.29 -16.71
C THR B 202 6.63 36.52 -16.98
N GLY B 203 6.48 37.38 -15.97
CA GLY B 203 5.70 38.62 -16.14
C GLY B 203 5.11 39.15 -14.85
N ARG B 204 4.92 40.47 -14.80
CA ARG B 204 4.40 41.16 -13.62
C ARG B 204 2.94 40.77 -13.32
N GLY B 205 2.74 40.29 -12.09
CA GLY B 205 1.47 39.74 -11.62
C GLY B 205 0.34 40.75 -11.60
N SER B 206 0.70 42.02 -11.40
CA SER B 206 -0.22 43.15 -11.55
C SER B 206 -0.87 43.22 -12.94
N GLU B 207 -0.22 42.65 -13.95
CA GLU B 207 -0.81 42.56 -15.27
C GLU B 207 -1.50 41.21 -15.53
N ILE B 208 -0.90 40.07 -15.16
CA ILE B 208 -1.32 38.82 -15.68
C ILE B 208 -1.67 37.83 -14.61
N GLY B 209 -1.32 38.05 -13.35
CA GLY B 209 -1.33 37.01 -12.34
C GLY B 209 -2.73 36.44 -12.16
N ASP B 210 -3.65 37.41 -12.01
CA ASP B 210 -5.09 37.10 -11.82
C ASP B 210 -5.60 36.30 -13.01
N TYR B 211 -5.22 36.77 -14.20
CA TYR B 211 -5.63 36.13 -15.45
C TYR B 211 -5.17 34.67 -15.48
N ILE B 212 -3.90 34.48 -15.10
CA ILE B 212 -3.30 33.16 -15.07
C ILE B 212 -4.05 32.24 -14.12
N VAL B 213 -4.38 32.80 -12.95
CA VAL B 213 -5.15 32.07 -11.94
C VAL B 213 -6.53 31.62 -12.46
N GLU B 214 -7.32 32.54 -13.01
CA GLU B 214 -8.76 32.28 -13.26
C GLU B 214 -9.11 31.71 -14.65
N HIS B 215 -8.10 31.38 -15.44
CA HIS B 215 -8.26 30.90 -16.82
C HIS B 215 -9.12 29.62 -16.91
N LYS B 216 -10.06 29.63 -17.87
CA LYS B 216 -11.09 28.57 -18.04
C LYS B 216 -10.55 27.13 -17.95
N LYS B 217 -9.45 26.89 -18.64
CA LYS B 217 -8.83 25.56 -18.81
C LYS B 217 -7.88 25.05 -17.69
N VAL B 218 -7.59 25.87 -16.68
CA VAL B 218 -6.69 25.45 -15.58
C VAL B 218 -7.40 24.50 -14.61
N ASN B 219 -6.74 23.39 -14.26
CA ASN B 219 -7.32 22.38 -13.36
C ASN B 219 -6.79 22.39 -11.93
N LEU B 220 -5.52 22.76 -11.75
CA LEU B 220 -4.89 22.78 -10.45
C LEU B 220 -3.90 23.92 -10.35
N ILE B 221 -3.85 24.56 -9.18
CA ILE B 221 -2.88 25.62 -8.91
C ILE B 221 -2.09 25.24 -7.68
N THR B 222 -0.76 25.26 -7.81
CA THR B 222 0.14 24.96 -6.70
C THR B 222 0.99 26.20 -6.47
N MET B 223 0.99 26.69 -5.24
CA MET B 223 1.57 27.98 -4.93
C MET B 223 2.14 28.04 -3.51
N THR B 224 3.22 28.80 -3.37
CA THR B 224 3.80 29.11 -2.07
C THR B 224 4.09 30.61 -2.06
N GLY B 225 3.78 31.27 -0.96
CA GLY B 225 3.96 32.72 -0.87
C GLY B 225 3.24 33.32 0.33
N SER B 226 2.80 34.57 0.20
CA SER B 226 2.15 35.29 1.30
C SER B 226 0.67 34.94 1.42
N THR B 227 0.12 35.22 2.59
CA THR B 227 -1.24 34.82 2.91
C THR B 227 -2.23 35.57 2.04
N ALA B 228 -1.99 36.86 1.88
CA ALA B 228 -2.87 37.73 1.11
C ALA B 228 -2.97 37.24 -0.33
N THR B 229 -1.81 36.92 -0.88
CA THR B 229 -1.71 36.41 -2.26
C THR B 229 -2.53 35.14 -2.40
N GLY B 230 -2.38 34.26 -1.43
CA GLY B 230 -3.09 32.98 -1.39
C GLY B 230 -4.60 33.21 -1.40
N GLN B 231 -5.02 34.15 -0.56
CA GLN B 231 -6.43 34.53 -0.43
C GLN B 231 -6.98 34.99 -1.79
N ARG B 232 -6.18 35.85 -2.43
CA ARG B 232 -6.53 36.42 -3.72
C ARG B 232 -6.73 35.30 -4.75
N ILE B 233 -5.78 34.36 -4.73
CA ILE B 233 -5.79 33.21 -5.63
C ILE B 233 -7.06 32.40 -5.44
N MET B 234 -7.38 32.17 -4.18
CA MET B 234 -8.58 31.41 -3.78
C MET B 234 -9.82 32.06 -4.36
N GLN B 235 -9.87 33.39 -4.17
CA GLN B 235 -10.99 34.20 -4.64
C GLN B 235 -11.16 34.03 -6.17
N LYS B 236 -10.02 34.12 -6.85
CA LYS B 236 -9.99 34.05 -8.30
C LYS B 236 -10.51 32.67 -8.76
N ALA B 237 -10.08 31.61 -8.04
CA ALA B 237 -10.31 30.29 -8.55
C ALA B 237 -11.73 29.89 -8.43
N SER B 238 -12.59 30.68 -7.78
CA SER B 238 -14.02 30.44 -7.85
C SER B 238 -14.54 30.36 -9.30
N ALA B 239 -13.91 31.10 -10.22
CA ALA B 239 -14.24 31.07 -11.65
C ALA B 239 -14.09 29.71 -12.34
N ASN B 240 -13.02 28.99 -12.03
CA ASN B 240 -12.70 27.71 -12.70
C ASN B 240 -12.70 26.47 -11.80
N MET B 241 -12.98 26.67 -10.51
CA MET B 241 -13.08 25.57 -9.56
C MET B 241 -11.77 24.74 -9.45
N ALA B 242 -10.61 25.37 -9.66
CA ALA B 242 -9.33 24.63 -9.63
C ALA B 242 -9.02 24.06 -8.25
N LYS B 243 -8.37 22.90 -8.23
CA LYS B 243 -7.81 22.33 -7.00
C LYS B 243 -6.65 23.24 -6.59
N LEU B 244 -6.63 23.62 -5.31
CA LEU B 244 -5.61 24.53 -4.79
C LEU B 244 -4.66 23.85 -3.81
N ILE B 245 -3.36 24.01 -4.07
CA ILE B 245 -2.32 23.66 -3.11
C ILE B 245 -1.63 24.97 -2.76
N LEU B 246 -1.82 25.43 -1.52
CA LEU B 246 -1.29 26.69 -1.03
C LEU B 246 -0.50 26.50 0.25
N GLU B 247 0.70 27.06 0.28
CA GLU B 247 1.57 27.08 1.44
C GLU B 247 1.67 28.57 1.70
N LEU B 248 1.38 29.04 2.90
CA LEU B 248 1.32 30.48 3.06
C LEU B 248 2.06 31.09 4.27
N GLY B 249 3.14 30.47 4.72
CA GLY B 249 3.97 31.05 5.78
C GLY B 249 3.29 31.21 7.13
N GLY B 250 3.82 32.12 7.95
CA GLY B 250 3.32 32.28 9.31
C GLY B 250 4.05 33.29 10.16
N LYS B 251 3.93 33.12 11.47
CA LYS B 251 4.48 34.04 12.46
C LYS B 251 4.91 33.18 13.64
N ALA B 252 6.03 32.49 13.44
CA ALA B 252 6.44 31.43 14.36
C ALA B 252 6.94 32.01 15.68
N PRO B 253 6.32 31.60 16.81
CA PRO B 253 6.86 32.01 18.10
C PRO B 253 8.07 31.15 18.48
N PHE B 254 9.11 31.78 19.04
CA PHE B 254 10.32 31.12 19.52
C PHE B 254 10.39 31.23 21.05
N MET B 255 10.21 30.10 21.73
CA MET B 255 10.02 30.08 23.17
C MET B 255 11.19 29.41 23.88
N VAL B 256 11.79 30.13 24.84
CA VAL B 256 12.96 29.65 25.59
C VAL B 256 12.67 29.67 27.09
N TRP B 257 12.43 28.48 27.65
CA TRP B 257 12.18 28.35 29.09
C TRP B 257 13.48 28.50 29.88
N LYS B 258 13.35 28.78 31.18
CA LYS B 258 14.51 28.98 32.08
C LYS B 258 15.58 27.86 32.08
N ASP B 259 15.16 26.61 31.88
CA ASP B 259 16.09 25.47 31.93
C ASP B 259 16.72 25.08 30.58
N ALA B 260 16.58 25.94 29.56
CA ALA B 260 17.04 25.62 28.21
C ALA B 260 18.56 25.52 28.17
N ASP B 261 19.08 24.68 27.26
CA ASP B 261 20.53 24.65 27.00
C ASP B 261 20.85 25.89 26.21
N MET B 262 21.66 26.75 26.80
CA MET B 262 21.61 28.14 26.33
C MET B 262 22.14 28.21 24.89
N ASP B 263 23.32 27.60 24.73
CA ASP B 263 24.12 27.71 23.54
C ASP B 263 23.33 27.25 22.31
N ASN B 264 22.78 26.05 22.50
CA ASN B 264 21.99 25.36 21.47
C ASN B 264 20.84 26.23 21.06
N ALA B 265 20.16 26.75 22.08
CA ALA B 265 18.97 27.62 21.88
C ALA B 265 19.34 28.80 21.01
N LEU B 266 20.46 29.42 21.39
CA LEU B 266 20.98 30.61 20.70
C LEU B 266 21.24 30.31 19.24
N LYS B 267 21.88 29.17 19.02
CA LYS B 267 22.23 28.70 17.67
C LYS B 267 20.95 28.57 16.83
N THR B 268 19.96 27.93 17.45
CA THR B 268 18.67 27.68 16.80
C THR B 268 18.02 28.99 16.40
N LEU B 269 18.07 29.94 17.33
CA LEU B 269 17.51 31.28 17.13
C LEU B 269 18.15 31.96 15.96
N LEU B 270 19.47 31.87 15.92
CA LEU B 270 20.31 32.45 14.86
C LEU B 270 19.89 31.88 13.51
N TRP B 271 19.72 30.55 13.47
CA TRP B 271 19.34 29.85 12.27
C TRP B 271 17.94 30.36 11.77
N ALA B 272 17.09 30.44 12.73
CA ALA B 272 15.65 30.63 12.53
C ALA B 272 15.41 32.03 12.03
N LYS B 273 16.07 33.01 12.60
CA LYS B 273 15.93 34.41 12.18
C LYS B 273 16.80 34.69 11.00
N TYR B 274 18.05 34.26 10.97
CA TYR B 274 18.97 34.83 9.98
C TYR B 274 19.23 33.97 8.75
N TRP B 275 18.84 32.70 8.78
CA TRP B 275 18.88 31.86 7.59
C TRP B 275 18.05 32.55 6.52
N ASN B 276 18.68 32.81 5.37
CA ASN B 276 18.06 33.49 4.23
C ASN B 276 17.50 34.85 4.64
N ALA B 277 18.22 35.51 5.54
CA ALA B 277 17.83 36.81 6.12
C ALA B 277 16.39 36.86 6.63
N GLY B 278 15.89 35.74 7.16
CA GLY B 278 14.55 35.67 7.75
C GLY B 278 13.42 35.53 6.77
N GLN B 279 13.76 35.23 5.52
CA GLN B 279 12.78 35.17 4.44
C GLN B 279 12.39 33.72 4.24
N SER B 280 11.65 33.16 5.21
CA SER B 280 11.23 31.74 5.14
C SER B 280 9.93 31.55 5.88
N CYS B 281 9.17 30.58 5.41
CA CYS B 281 7.88 30.29 5.99
C CYS B 281 7.93 29.96 7.47
N ILE B 282 8.94 29.24 7.88
CA ILE B 282 9.04 28.80 9.28
C ILE B 282 10.10 29.57 10.06
N ALA B 283 10.32 30.80 9.71
CA ALA B 283 11.36 31.58 10.42
C ALA B 283 10.87 32.09 11.76
N ALA B 284 11.81 32.37 12.65
CA ALA B 284 11.50 32.92 13.98
C ALA B 284 10.96 34.31 13.79
N GLU B 285 9.72 34.54 14.22
CA GLU B 285 9.05 35.85 14.07
C GLU B 285 8.72 36.57 15.38
N ARG B 286 8.67 35.83 16.50
CA ARG B 286 8.41 36.41 17.82
C ARG B 286 9.25 35.68 18.86
N LEU B 287 9.92 36.43 19.75
CA LEU B 287 10.81 35.83 20.77
C LEU B 287 10.23 36.00 22.19
N TYR B 288 10.01 34.86 22.86
CA TYR B 288 9.51 34.83 24.23
C TYR B 288 10.54 34.11 25.11
N VAL B 289 11.12 34.82 26.09
CA VAL B 289 12.18 34.25 26.96
C VAL B 289 11.85 34.41 28.47
N HIS B 290 12.18 33.37 29.23
CA HIS B 290 11.84 33.31 30.65
C HIS B 290 12.59 34.40 31.43
N GLU B 291 11.84 35.13 32.27
CA GLU B 291 12.36 36.27 33.08
C GLU B 291 13.64 36.03 33.89
N ASP B 292 13.79 34.83 34.43
CA ASP B 292 14.99 34.38 35.16
C ASP B 292 16.30 34.44 34.38
N ILE B 293 16.25 34.19 33.09
CA ILE B 293 17.46 34.21 32.25
C ILE B 293 17.44 35.31 31.20
N TYR B 294 16.45 36.18 31.27
CA TYR B 294 16.02 36.85 30.02
C TYR B 294 17.19 37.71 29.54
N ASP B 295 17.66 38.54 30.49
CA ASP B 295 18.56 39.65 30.23
C ASP B 295 19.83 39.14 29.57
N THR B 296 20.37 38.13 30.26
CA THR B 296 21.64 37.46 29.89
C THR B 296 21.51 36.93 28.48
N PHE B 297 20.39 36.24 28.27
CA PHE B 297 20.09 35.57 26.97
C PHE B 297 20.12 36.62 25.87
N MET B 298 19.43 37.72 26.15
CA MET B 298 19.29 38.81 25.18
C MET B 298 20.65 39.37 24.83
N SER B 299 21.48 39.58 25.82
CA SER B 299 22.80 40.09 25.55
C SER B 299 23.47 39.12 24.62
N ARG B 300 23.52 37.88 25.06
CA ARG B 300 24.22 36.85 24.29
C ARG B 300 23.82 36.93 22.82
N PHE B 301 22.52 37.04 22.61
CA PHE B 301 21.93 37.12 21.27
C PHE B 301 22.50 38.32 20.52
N VAL B 302 22.54 39.44 21.22
CA VAL B 302 23.05 40.70 20.67
C VAL B 302 24.49 40.53 20.22
N GLU B 303 25.27 39.91 21.11
CA GLU B 303 26.69 39.65 20.86
C GLU B 303 26.85 38.82 19.59
N LEU B 304 26.03 37.78 19.50
CA LEU B 304 26.06 36.86 18.36
C LEU B 304 25.77 37.62 17.05
N SER B 305 24.75 38.47 17.13
CA SER B 305 24.32 39.29 16.01
C SER B 305 25.45 40.19 15.54
N ARG B 306 26.14 40.80 16.51
CA ARG B 306 27.28 41.66 16.25
C ARG B 306 28.29 40.94 15.34
N LYS B 307 28.55 39.67 15.59
CA LYS B 307 29.51 38.92 14.86
C LYS B 307 29.19 38.45 13.42
N LEU B 308 27.95 38.59 12.96
CA LEU B 308 27.53 38.14 11.63
C LEU B 308 27.96 39.14 10.58
N ALA B 309 28.66 38.66 9.54
CA ALA B 309 29.12 39.49 8.44
C ALA B 309 28.06 39.58 7.36
N LEU B 310 27.82 40.78 6.84
CA LEU B 310 26.96 40.98 5.68
C LEU B 310 27.84 41.38 4.49
N GLY B 311 27.35 41.11 3.29
CA GLY B 311 28.03 41.51 2.06
C GLY B 311 28.06 40.40 1.04
N ASP B 312 29.26 40.12 0.53
CA ASP B 312 29.41 39.21 -0.61
C ASP B 312 29.06 37.77 -0.25
N PRO B 313 28.26 37.11 -1.11
CA PRO B 313 27.94 35.69 -0.92
C PRO B 313 29.15 34.77 -0.69
N LYS B 314 30.29 35.09 -1.31
CA LYS B 314 31.54 34.33 -1.12
C LYS B 314 32.01 34.21 0.33
N ASN B 315 31.68 35.19 1.18
CA ASN B 315 32.14 35.19 2.58
C ASN B 315 31.13 35.64 3.66
N ALA B 316 29.94 36.10 3.26
CA ALA B 316 28.98 36.65 4.23
C ALA B 316 28.32 35.54 5.02
N ASP B 317 27.89 35.88 6.23
CA ASP B 317 27.03 35.02 7.04
C ASP B 317 25.56 35.17 6.68
N MET B 318 25.16 36.38 6.26
CA MET B 318 23.76 36.64 5.91
C MET B 318 23.67 37.52 4.68
N GLY B 319 22.66 37.23 3.85
CA GLY B 319 22.45 37.95 2.61
C GLY B 319 21.51 39.12 2.71
N PRO B 320 21.24 39.79 1.58
CA PRO B 320 20.35 40.94 1.55
C PRO B 320 18.90 40.52 1.45
N LEU B 321 18.01 41.50 1.64
CA LEU B 321 16.61 41.34 1.29
C LEU B 321 16.49 41.30 -0.22
N ILE B 322 15.41 40.71 -0.70
CA ILE B 322 15.26 40.40 -2.13
C ILE B 322 15.17 41.64 -3.05
N ASN B 323 14.52 42.71 -2.60
CA ASN B 323 14.35 43.92 -3.42
C ASN B 323 14.24 45.21 -2.61
N LYS B 324 14.28 46.34 -3.32
CA LYS B 324 14.23 47.67 -2.69
C LYS B 324 12.95 47.79 -1.87
N GLY B 325 11.85 47.32 -2.44
CA GLY B 325 10.53 47.47 -1.85
C GLY B 325 10.48 46.83 -0.48
N ALA B 326 11.00 45.61 -0.43
CA ALA B 326 11.05 44.83 0.82
C ALA B 326 11.84 45.58 1.89
N LEU B 327 12.99 46.11 1.46
CA LEU B 327 13.87 46.88 2.33
C LEU B 327 13.12 48.06 2.93
N GLN B 328 12.42 48.76 2.04
CA GLN B 328 11.64 49.94 2.41
C GLN B 328 10.60 49.59 3.46
N ALA B 329 9.91 48.47 3.21
CA ALA B 329 8.88 47.96 4.10
C ALA B 329 9.45 47.69 5.49
N THR B 330 10.61 47.04 5.49
CA THR B 330 11.33 46.70 6.71
C THR B 330 11.63 47.96 7.52
N SER B 331 12.14 48.95 6.78
CA SER B 331 12.50 50.25 7.37
C SER B 331 11.29 50.89 8.03
N GLU B 332 10.19 50.85 7.30
CA GLU B 332 8.92 51.42 7.77
C GLU B 332 8.47 50.75 9.05
N ILE B 333 8.57 49.43 9.06
CA ILE B 333 8.21 48.61 10.23
C ILE B 333 9.04 49.05 11.45
N VAL B 334 10.34 49.19 11.19
CA VAL B 334 11.29 49.58 12.24
C VAL B 334 10.89 50.96 12.82
N GLU B 335 10.57 51.86 11.91
CA GLU B 335 10.16 53.21 12.28
C GLU B 335 8.92 53.20 13.15
N GLU B 336 7.96 52.37 12.74
CA GLU B 336 6.70 52.19 13.47
C GLU B 336 6.98 51.72 14.90
N ALA B 337 7.87 50.73 14.98
CA ALA B 337 8.28 50.15 16.26
C ALA B 337 8.87 51.23 17.17
N LYS B 338 9.76 52.03 16.57
CA LYS B 338 10.41 53.13 17.26
C LYS B 338 9.42 54.17 17.80
N GLU B 339 8.66 54.70 16.84
CA GLU B 339 7.73 55.81 17.08
C GLU B 339 6.51 55.35 17.86
N SER B 340 6.69 54.31 18.66
CA SER B 340 5.66 53.80 19.55
C SER B 340 6.24 53.14 20.81
N GLY B 341 7.38 53.64 21.29
CA GLY B 341 7.96 53.21 22.57
C GLY B 341 9.16 52.28 22.53
N ALA B 342 9.31 51.50 21.46
CA ALA B 342 10.22 50.35 21.47
C ALA B 342 11.71 50.71 21.55
N LYS B 343 12.46 49.91 22.30
CA LYS B 343 13.91 50.02 22.40
C LYS B 343 14.56 49.11 21.37
N ILE B 344 15.33 49.69 20.45
CA ILE B 344 16.12 48.90 19.51
C ILE B 344 17.39 48.47 20.24
N LEU B 345 17.48 47.19 20.59
CA LEU B 345 18.60 46.68 21.37
C LEU B 345 19.86 46.47 20.52
N PHE B 346 19.66 46.22 19.23
CA PHE B 346 20.77 46.20 18.27
C PHE B 346 20.22 46.35 16.85
N GLY B 347 21.02 46.99 16.00
CA GLY B 347 20.72 47.11 14.58
C GLY B 347 19.71 48.20 14.26
N GLY B 348 18.70 47.88 13.44
CA GLY B 348 17.58 48.78 13.15
C GLY B 348 17.78 49.71 11.98
N SER B 349 18.76 49.39 11.13
CA SER B 349 19.09 50.21 9.97
C SER B 349 19.85 49.37 8.98
N GLN B 350 20.17 49.98 7.85
CA GLN B 350 21.06 49.35 6.89
C GLN B 350 22.45 49.36 7.48
N PRO B 351 23.29 48.37 7.12
CA PRO B 351 24.68 48.40 7.54
C PRO B 351 25.46 49.47 6.81
N SER B 352 26.71 49.67 7.22
CA SER B 352 27.60 50.59 6.54
C SER B 352 28.71 49.82 5.85
N LEU B 353 28.53 49.57 4.56
CA LEU B 353 29.40 48.69 3.76
C LEU B 353 30.06 49.48 2.65
N SER B 354 31.24 48.98 2.25
CA SER B 354 32.06 49.64 1.25
C SER B 354 31.59 49.32 -0.16
N GLY B 355 32.01 50.16 -1.10
CA GLY B 355 31.75 49.97 -2.52
C GLY B 355 30.30 49.78 -2.95
N PRO B 356 30.11 48.89 -3.98
CA PRO B 356 28.78 48.56 -4.53
C PRO B 356 27.75 48.02 -3.53
N TYR B 357 28.23 47.36 -2.48
CA TYR B 357 27.37 46.69 -1.49
C TYR B 357 26.48 47.66 -0.72
N ARG B 358 26.93 48.91 -0.53
CA ARG B 358 26.10 49.87 0.23
C ARG B 358 24.75 50.19 -0.46
N ASN B 359 24.67 49.97 -1.78
CA ASN B 359 23.43 50.16 -2.55
C ASN B 359 22.62 48.88 -2.78
N GLY B 360 23.12 47.77 -2.21
CA GLY B 360 22.33 46.55 -2.06
C GLY B 360 21.25 46.72 -1.01
N TYR B 361 20.41 45.71 -0.87
CA TYR B 361 19.25 45.79 0.02
C TYR B 361 19.53 45.04 1.32
N PHE B 362 20.66 45.34 1.95
CA PHE B 362 21.06 44.71 3.19
C PHE B 362 20.36 45.41 4.31
N PHE B 363 20.05 44.64 5.36
CA PHE B 363 19.53 45.19 6.58
C PHE B 363 20.21 44.48 7.74
N LEU B 364 20.55 45.24 8.78
CA LEU B 364 21.26 44.68 9.92
C LEU B 364 20.35 43.75 10.71
N PRO B 365 20.94 42.72 11.33
CA PRO B 365 20.23 41.96 12.35
C PRO B 365 19.63 42.93 13.35
N THR B 366 18.32 42.87 13.54
CA THR B 366 17.63 43.84 14.37
C THR B 366 16.84 43.17 15.48
N ILE B 367 17.09 43.62 16.70
CA ILE B 367 16.55 43.03 17.91
C ILE B 367 15.86 44.13 18.70
N ILE B 368 14.62 43.90 19.11
CA ILE B 368 13.77 44.95 19.68
C ILE B 368 13.19 44.53 21.02
N GLY B 369 13.32 45.40 22.04
CA GLY B 369 12.73 45.19 23.37
C GLY B 369 11.66 46.22 23.67
N ASN B 370 11.04 46.12 24.85
CA ASN B 370 9.89 46.95 25.19
C ASN B 370 8.79 46.71 24.15
N ALA B 371 8.59 45.44 23.81
CA ALA B 371 7.86 45.04 22.62
C ALA B 371 6.40 44.73 22.95
N ASP B 372 5.48 45.44 22.29
CA ASP B 372 4.05 45.29 22.54
C ASP B 372 3.51 44.02 21.85
N GLN B 373 2.92 43.12 22.63
CA GLN B 373 2.27 41.89 22.10
C GLN B 373 1.22 42.20 21.02
N LYS B 374 0.53 43.33 21.16
CA LYS B 374 -0.46 43.80 20.18
C LYS B 374 0.08 44.59 18.98
N SER B 375 1.40 44.86 18.93
CA SER B 375 1.98 45.69 17.85
C SER B 375 2.10 44.97 16.51
N LYS B 376 2.37 45.75 15.45
CA LYS B 376 2.64 45.23 14.09
C LYS B 376 3.80 44.20 14.08
N ILE B 377 4.86 44.50 14.84
CA ILE B 377 6.02 43.60 14.99
C ILE B 377 5.64 42.21 15.48
N PHE B 378 4.61 42.13 16.33
CA PHE B 378 4.15 40.86 16.90
C PHE B 378 2.93 40.25 16.22
N GLN B 379 2.21 41.01 15.40
CA GLN B 379 0.98 40.50 14.77
C GLN B 379 1.01 40.32 13.26
N GLU B 380 1.87 41.05 12.54
CA GLU B 380 1.95 40.93 11.07
C GLU B 380 3.29 40.30 10.63
N GLU B 381 3.24 39.41 9.64
CA GLU B 381 4.45 38.71 9.13
C GLU B 381 5.53 39.73 8.70
N ILE B 382 6.78 39.50 9.11
CA ILE B 382 7.91 40.42 8.88
C ILE B 382 8.76 39.98 7.69
N PHE B 383 9.20 38.71 7.70
CA PHE B 383 9.91 38.11 6.57
C PHE B 383 11.22 38.87 6.30
N ALA B 384 11.98 39.10 7.36
CA ALA B 384 13.20 39.95 7.34
C ALA B 384 13.98 39.70 8.65
N PRO B 385 15.25 40.16 8.76
CA PRO B 385 16.08 39.82 9.94
C PRO B 385 15.82 40.70 11.19
N VAL B 386 14.56 40.72 11.61
CA VAL B 386 14.08 41.61 12.65
C VAL B 386 13.21 40.79 13.57
N ILE B 387 13.36 40.98 14.88
CA ILE B 387 12.51 40.27 15.83
C ILE B 387 12.35 41.08 17.11
N GLY B 388 11.14 41.02 17.68
CA GLY B 388 10.87 41.61 18.97
C GLY B 388 10.89 40.51 20.02
N ALA B 389 11.31 40.88 21.24
CA ALA B 389 11.42 39.94 22.36
C ALA B 389 10.58 40.43 23.54
N ARG B 390 10.11 39.46 24.33
CA ARG B 390 9.17 39.72 25.40
C ARG B 390 9.46 38.71 26.53
N LYS B 391 9.30 39.15 27.79
CA LYS B 391 9.51 38.28 28.94
C LYS B 391 8.28 37.38 29.14
N ILE B 392 8.53 36.22 29.75
CA ILE B 392 7.46 35.38 30.25
C ILE B 392 7.82 34.88 31.64
N SER B 393 6.77 34.57 32.39
CA SER B 393 6.90 34.08 33.75
C SER B 393 5.99 32.86 34.10
N SER B 394 5.18 32.40 33.16
CA SER B 394 4.40 31.19 33.36
C SER B 394 4.15 30.49 32.04
N VAL B 395 3.85 29.21 32.15
CA VAL B 395 3.69 28.33 30.99
C VAL B 395 2.41 28.71 30.23
N GLU B 396 1.34 28.84 31.01
CA GLU B 396 0.02 29.19 30.49
C GLU B 396 0.08 30.49 29.70
N GLU B 397 0.73 31.48 30.33
CA GLU B 397 0.91 32.81 29.76
C GLU B 397 1.60 32.72 28.40
N MET B 398 2.68 31.94 28.40
CA MET B 398 3.50 31.70 27.21
C MET B 398 2.65 31.14 26.09
N CYS B 399 1.86 30.14 26.45
CA CYS B 399 0.96 29.45 25.52
C CYS B 399 -0.01 30.44 24.89
N ASP B 400 -0.58 31.26 25.76
CA ASP B 400 -1.55 32.30 25.35
C ASP B 400 -0.91 33.24 24.33
N LEU B 401 0.31 33.66 24.65
CA LEU B 401 1.07 34.55 23.79
C LEU B 401 1.29 33.93 22.41
N ALA B 402 1.66 32.66 22.43
CA ALA B 402 1.93 31.90 21.22
C ALA B 402 0.66 31.85 20.36
N ASN B 403 -0.48 31.59 21.01
CA ASN B 403 -1.70 31.35 20.29
C ASN B 403 -2.32 32.62 19.78
N ASP B 404 -1.96 33.76 20.37
CA ASP B 404 -2.47 35.08 19.98
C ASP B 404 -1.88 35.56 18.63
N ASN B 405 -2.39 34.98 17.55
CA ASN B 405 -1.90 35.22 16.18
C ASN B 405 -2.92 34.69 15.17
N LYS B 406 -3.10 35.45 14.10
CA LYS B 406 -3.96 35.08 12.98
C LYS B 406 -3.40 33.90 12.21
N TYR B 407 -2.08 33.89 12.03
CA TYR B 407 -1.41 32.86 11.27
C TYR B 407 -0.71 31.91 12.18
N GLY B 408 -0.95 30.63 12.00
CA GLY B 408 -0.32 29.63 12.84
C GLY B 408 0.32 28.46 12.13
N LEU B 409 1.56 28.61 11.67
CA LEU B 409 2.19 27.49 10.99
C LEU B 409 3.29 26.77 11.72
N ALA B 410 4.24 27.50 12.27
CA ALA B 410 5.37 26.84 12.90
C ALA B 410 5.69 27.41 14.25
N SER B 411 6.43 26.65 15.05
CA SER B 411 6.72 27.17 16.38
C SER B 411 7.99 26.48 16.91
N TYR B 412 8.71 27.13 17.82
CA TYR B 412 9.94 26.57 18.41
C TYR B 412 9.92 26.64 19.94
N LEU B 413 10.42 25.58 20.60
CA LEU B 413 10.46 25.51 22.06
C LEU B 413 11.79 24.94 22.56
N PHE B 414 12.45 25.65 23.46
CA PHE B 414 13.64 25.14 24.14
C PHE B 414 13.41 24.98 25.64
N THR B 415 13.47 23.72 26.10
CA THR B 415 13.32 23.40 27.52
C THR B 415 13.77 21.97 27.75
N LYS B 416 14.11 21.67 29.00
CA LYS B 416 14.38 20.30 29.42
C LYS B 416 13.29 19.75 30.35
N ASP B 417 12.17 20.46 30.50
CA ASP B 417 11.06 19.99 31.33
C ASP B 417 10.08 19.23 30.46
N PRO B 418 9.99 17.89 30.67
CA PRO B 418 9.20 17.04 29.79
C PRO B 418 7.73 17.38 29.87
N ASN B 419 7.27 17.74 31.07
CA ASN B 419 5.87 18.05 31.31
C ASN B 419 5.41 19.20 30.42
N ILE B 420 6.25 20.22 30.41
CA ILE B 420 6.00 21.44 29.61
C ILE B 420 5.87 21.08 28.14
N ILE B 421 6.82 20.25 27.70
CA ILE B 421 6.87 19.79 26.30
C ILE B 421 5.57 19.08 25.94
N PHE B 422 5.15 18.19 26.84
CA PHE B 422 3.93 17.40 26.67
C PHE B 422 2.71 18.35 26.50
N GLU B 423 2.68 19.32 27.40
CA GLU B 423 1.58 20.26 27.47
C GLU B 423 1.47 21.09 26.19
N ALA B 424 2.62 21.55 25.73
CA ALA B 424 2.67 22.33 24.49
C ALA B 424 2.24 21.50 23.32
N SER B 425 2.60 20.21 23.28
CA SER B 425 2.06 19.31 22.25
C SER B 425 0.55 19.47 22.03
N GLU B 426 -0.23 19.71 23.08
CA GLU B 426 -1.67 19.98 22.92
C GLU B 426 -2.05 21.48 22.95
N ARG B 427 -1.40 22.27 23.79
CA ARG B 427 -1.81 23.67 24.00
C ARG B 427 -1.37 24.68 22.91
N ILE B 428 -0.23 24.43 22.26
CA ILE B 428 0.27 25.28 21.16
C ILE B 428 -0.42 24.86 19.84
N ARG B 429 -1.31 25.70 19.35
CA ARG B 429 -2.16 25.31 18.21
C ARG B 429 -1.48 25.61 16.86
N PHE B 430 -0.40 24.88 16.56
CA PHE B 430 0.45 25.12 15.38
C PHE B 430 0.79 23.80 14.70
N GLY B 431 0.90 23.84 13.36
CA GLY B 431 1.12 22.65 12.54
C GLY B 431 2.43 21.92 12.79
N GLU B 432 3.49 22.68 13.07
CA GLU B 432 4.75 22.09 13.51
C GLU B 432 5.25 22.82 14.77
N LEU B 433 5.72 22.01 15.72
CA LEU B 433 6.44 22.49 16.89
C LEU B 433 7.81 21.84 16.87
N TYR B 434 8.86 22.65 16.76
CA TYR B 434 10.23 22.18 16.80
C TYR B 434 10.77 22.33 18.24
N VAL B 435 11.08 21.20 18.88
CA VAL B 435 11.47 21.17 20.29
C VAL B 435 12.95 20.87 20.43
N ASN B 436 13.71 21.86 20.90
CA ASN B 436 15.17 21.78 21.07
C ASN B 436 15.93 21.46 19.79
N MET B 437 15.31 21.77 18.65
CA MET B 437 15.92 21.57 17.34
C MET B 437 15.33 22.50 16.27
N PRO B 438 16.08 22.83 15.22
CA PRO B 438 15.57 23.70 14.16
C PRO B 438 14.47 23.17 13.25
N SER B 465 0.89 13.03 -4.07
CA SER B 465 -0.48 12.52 -4.17
C SER B 465 -1.49 13.66 -4.31
N GLU B 466 -1.27 14.81 -3.64
CA GLU B 466 -2.00 16.03 -3.98
C GLU B 466 -2.19 16.25 -5.50
N TYR B 467 -1.22 15.92 -6.35
CA TYR B 467 -1.31 16.09 -7.81
C TYR B 467 -2.06 14.99 -8.60
N LEU B 468 -2.62 14.00 -7.90
CA LEU B 468 -3.42 12.94 -8.50
C LEU B 468 -4.87 12.98 -8.05
N LYS B 469 -5.77 12.71 -8.99
CA LYS B 469 -7.20 12.60 -8.74
C LYS B 469 -7.62 11.13 -8.77
N LEU B 470 -8.42 10.70 -7.80
CA LEU B 470 -8.92 9.32 -7.82
C LEU B 470 -10.17 9.28 -8.69
N LYS B 471 -10.27 8.25 -9.53
CA LYS B 471 -11.49 8.00 -10.32
C LYS B 471 -11.88 6.52 -10.17
N ASN B 472 -13.19 6.26 -10.05
CA ASN B 472 -13.71 4.92 -9.82
C ASN B 472 -14.44 4.43 -11.06
N ILE B 473 -14.35 3.14 -11.35
CA ILE B 473 -15.14 2.50 -12.39
C ILE B 473 -15.82 1.30 -11.75
N TYR B 474 -17.15 1.36 -11.69
CA TYR B 474 -17.98 0.31 -11.08
C TYR B 474 -18.50 -0.56 -12.23
N VAL B 475 -18.17 -1.86 -12.20
CA VAL B 475 -18.57 -2.79 -13.27
C VAL B 475 -19.40 -3.93 -12.69
N ASP B 476 -20.51 -4.25 -13.35
CA ASP B 476 -21.31 -5.44 -13.07
C ASP B 476 -21.18 -6.34 -14.28
N TYR B 477 -20.69 -7.55 -14.04
CA TYR B 477 -20.42 -8.56 -15.05
C TYR B 477 -21.40 -9.72 -15.07
N SER B 478 -22.34 -9.70 -14.15
CA SER B 478 -23.23 -10.84 -13.92
C SER B 478 -23.92 -11.30 -15.20
N GLY B 479 -24.25 -10.34 -16.08
CA GLY B 479 -25.02 -10.63 -17.28
C GLY B 479 -26.44 -11.09 -17.03
N LYS B 480 -26.96 -10.79 -15.83
CA LYS B 480 -28.30 -11.21 -15.40
C LYS B 480 -29.22 -9.98 -15.35
N PRO B 481 -30.56 -10.20 -15.30
CA PRO B 481 -31.48 -9.06 -15.11
C PRO B 481 -31.23 -8.31 -13.80
N LEU B 482 -31.17 -6.98 -13.87
CA LEU B 482 -31.01 -6.13 -12.68
C LEU B 482 -32.35 -5.97 -11.98
N HIS B 483 -32.33 -5.82 -10.66
CA HIS B 483 -33.55 -5.55 -9.88
C HIS B 483 -33.26 -4.35 -8.99
N ILE B 484 -33.99 -3.26 -9.22
CA ILE B 484 -33.76 -1.98 -8.55
C ILE B 484 -35.07 -1.64 -7.87
N ASN B 485 -35.04 -1.43 -6.56
CA ASN B 485 -36.27 -1.29 -5.75
C ASN B 485 -37.30 -0.34 -6.38
N THR B 486 -36.84 0.81 -6.86
CA THR B 486 -37.71 1.88 -7.35
C THR B 486 -38.03 1.81 -8.85
N VAL B 487 -37.49 0.82 -9.56
CA VAL B 487 -37.89 0.53 -10.95
C VAL B 487 -38.74 -0.74 -10.94
N ARG B 488 -40.03 -0.63 -11.24
CA ARG B 488 -40.94 -1.80 -11.13
C ARG B 488 -40.67 -2.79 -12.27
N ASP B 489 -40.45 -4.04 -11.91
CA ASP B 489 -40.21 -5.11 -12.91
C ASP B 489 -41.48 -5.47 -13.69
N ASP B 490 -42.65 -5.15 -13.13
CA ASP B 490 -43.91 -5.32 -13.87
C ASP B 490 -44.06 -4.33 -15.05
N LEU B 491 -43.16 -3.35 -15.18
CA LEU B 491 -43.02 -2.59 -16.44
C LEU B 491 -42.41 -3.42 -17.58
N PHE B 492 -41.74 -4.52 -17.24
CA PHE B 492 -41.10 -5.41 -18.22
C PHE B 492 -41.68 -6.84 -18.25
N GLN B 493 -42.88 -7.02 -17.67
CA GLN B 493 -43.84 -8.02 -18.19
C GLN B 493 -44.86 -7.21 -19.03
N SER B 494 -44.86 -7.36 -20.36
CA SER B 494 -45.31 -6.25 -21.27
C SER B 494 -46.82 -6.05 -21.34
N MET C 1 33.89 -26.17 -27.82
CA MET C 1 34.80 -25.68 -26.74
C MET C 1 34.84 -26.68 -25.61
N ASP C 2 35.98 -26.73 -24.92
CA ASP C 2 36.14 -27.57 -23.73
C ASP C 2 35.99 -26.70 -22.48
N THR C 3 34.97 -26.97 -21.67
CA THR C 3 34.77 -26.19 -20.45
C THR C 3 35.43 -26.88 -19.25
N LYS C 4 35.75 -26.08 -18.25
CA LYS C 4 36.46 -26.55 -17.06
C LYS C 4 35.67 -26.12 -15.81
N LEU C 5 36.25 -26.37 -14.64
CA LEU C 5 35.69 -25.93 -13.36
C LEU C 5 36.38 -24.63 -12.94
N TYR C 6 35.67 -23.81 -12.18
CA TYR C 6 36.24 -22.66 -11.52
C TYR C 6 36.04 -22.84 -10.03
N ILE C 7 37.12 -23.17 -9.30
CA ILE C 7 37.08 -23.43 -7.86
C ILE C 7 38.15 -22.58 -7.16
N ASP C 8 37.72 -21.84 -6.13
CA ASP C 8 38.58 -20.92 -5.38
C ASP C 8 39.50 -20.08 -6.27
N GLY C 9 38.90 -19.46 -7.28
CA GLY C 9 39.60 -18.51 -8.12
C GLY C 9 40.51 -19.07 -9.20
N GLN C 10 40.45 -20.37 -9.44
CA GLN C 10 41.26 -21.02 -10.46
C GLN C 10 40.41 -21.87 -11.40
N TRP C 11 40.74 -21.84 -12.69
CA TRP C 11 40.20 -22.81 -13.64
C TRP C 11 40.96 -24.12 -13.51
N VAL C 12 40.25 -25.19 -13.13
CA VAL C 12 40.88 -26.50 -12.89
C VAL C 12 40.11 -27.62 -13.57
N ASN C 13 40.74 -28.80 -13.62
CA ASN C 13 40.10 -30.01 -14.13
C ASN C 13 39.42 -30.76 -12.98
N SER C 14 38.55 -31.70 -13.32
CA SER C 14 37.95 -32.60 -12.34
C SER C 14 39.06 -33.38 -11.62
N SER C 15 38.88 -33.63 -10.33
CA SER C 15 39.87 -34.38 -9.53
C SER C 15 39.97 -35.86 -9.94
N SER C 16 38.87 -36.43 -10.43
CA SER C 16 38.83 -37.81 -10.91
C SER C 16 39.43 -37.98 -12.30
N GLY C 17 39.60 -36.87 -13.02
CA GLY C 17 40.07 -36.92 -14.39
C GLY C 17 39.00 -37.19 -15.46
N LYS C 18 37.75 -37.42 -15.06
CA LYS C 18 36.69 -37.78 -16.02
C LYS C 18 36.08 -36.53 -16.71
N THR C 19 35.61 -36.70 -17.94
CA THR C 19 34.84 -35.67 -18.67
C THR C 19 33.58 -36.28 -19.26
N VAL C 20 32.66 -35.40 -19.66
CA VAL C 20 31.44 -35.79 -20.38
C VAL C 20 31.39 -35.04 -21.72
N ASP C 21 30.94 -35.75 -22.76
CA ASP C 21 30.90 -35.19 -24.11
C ASP C 21 29.65 -34.32 -24.24
N LYS C 22 29.77 -33.22 -25.00
CA LYS C 22 28.63 -32.35 -25.31
C LYS C 22 28.29 -32.50 -26.78
N TYR C 23 27.05 -32.88 -27.06
CA TYR C 23 26.57 -33.09 -28.42
C TYR C 23 25.85 -31.85 -28.95
N SER C 24 25.99 -31.59 -30.24
CA SER C 24 25.22 -30.56 -30.93
C SER C 24 23.83 -31.11 -31.22
N PRO C 25 22.77 -30.40 -30.78
CA PRO C 25 21.43 -30.85 -31.17
C PRO C 25 21.08 -30.58 -32.64
N VAL C 26 21.90 -29.79 -33.32
CA VAL C 26 21.74 -29.52 -34.76
C VAL C 26 22.33 -30.63 -35.64
N THR C 27 23.52 -31.13 -35.29
CA THR C 27 24.22 -32.17 -36.08
C THR C 27 24.24 -33.56 -35.43
N GLY C 28 24.04 -33.62 -34.11
CA GLY C 28 24.13 -34.88 -33.36
C GLY C 28 25.54 -35.39 -33.17
N GLN C 29 26.54 -34.53 -33.44
CA GLN C 29 27.95 -34.87 -33.28
C GLN C 29 28.46 -34.19 -32.02
N VAL C 30 29.48 -34.79 -31.41
CA VAL C 30 30.17 -34.19 -30.26
C VAL C 30 30.84 -32.90 -30.72
N ILE C 31 30.60 -31.81 -29.99
CA ILE C 31 31.23 -30.50 -30.29
C ILE C 31 32.05 -29.89 -29.14
N GLY C 32 32.16 -30.60 -28.03
CA GLY C 32 32.86 -30.09 -26.86
C GLY C 32 32.88 -31.09 -25.72
N ARG C 33 33.50 -30.69 -24.62
CA ARG C 33 33.60 -31.50 -23.41
C ARG C 33 33.53 -30.60 -22.20
N MET C 34 33.02 -31.14 -21.10
CA MET C 34 33.08 -30.47 -19.79
C MET C 34 33.59 -31.46 -18.75
N GLU C 35 34.15 -30.93 -17.68
CA GLU C 35 34.73 -31.74 -16.62
C GLU C 35 33.63 -32.34 -15.75
N ALA C 36 33.78 -33.61 -15.37
CA ALA C 36 32.80 -34.29 -14.51
C ALA C 36 33.27 -34.22 -13.06
N ALA C 37 32.84 -33.17 -12.36
CA ALA C 37 33.32 -32.88 -11.00
C ALA C 37 32.98 -34.03 -10.02
N THR C 38 33.87 -34.24 -9.05
CA THR C 38 33.64 -35.21 -7.97
C THR C 38 32.97 -34.56 -6.79
N ARG C 39 32.54 -35.39 -5.86
CA ARG C 39 32.08 -34.95 -4.55
C ARG C 39 33.12 -34.02 -3.93
N ASP C 40 34.39 -34.46 -4.04
CA ASP C 40 35.51 -33.75 -3.43
C ASP C 40 35.60 -32.32 -3.99
N ASP C 41 35.46 -32.21 -5.31
CA ASP C 41 35.52 -30.93 -5.98
C ASP C 41 34.42 -30.00 -5.47
N VAL C 42 33.22 -30.58 -5.35
CA VAL C 42 32.04 -29.87 -4.86
C VAL C 42 32.33 -29.29 -3.48
N ASP C 43 32.88 -30.17 -2.63
CA ASP C 43 33.21 -29.84 -1.25
C ASP C 43 34.16 -28.66 -1.21
N ARG C 44 35.18 -28.76 -2.06
CA ARG C 44 36.23 -27.73 -2.17
C ARG C 44 35.60 -26.38 -2.53
N ALA C 45 34.71 -26.44 -3.52
CA ALA C 45 34.01 -25.26 -4.01
C ALA C 45 33.24 -24.59 -2.86
N ILE C 46 32.53 -25.45 -2.13
CA ILE C 46 31.71 -24.99 -1.00
C ILE C 46 32.60 -24.29 0.05
N ASP C 47 33.73 -24.91 0.32
CA ASP C 47 34.70 -24.38 1.28
C ASP C 47 35.19 -23.01 0.85
N ALA C 48 35.50 -22.90 -0.43
CA ALA C 48 35.95 -21.65 -1.03
C ALA C 48 34.91 -20.56 -0.85
N ALA C 49 33.67 -20.93 -1.13
CA ALA C 49 32.52 -20.02 -0.99
C ALA C 49 32.43 -19.50 0.44
N GLU C 50 32.55 -20.43 1.37
CA GLU C 50 32.49 -20.15 2.81
C GLU C 50 33.58 -19.14 3.19
N ASP C 51 34.78 -19.39 2.68
CA ASP C 51 35.93 -18.57 2.95
C ASP C 51 35.68 -17.14 2.45
N ALA C 52 35.12 -17.05 1.22
CA ALA C 52 34.99 -15.78 0.58
C ALA C 52 33.86 -14.97 1.13
N PHE C 53 33.04 -15.53 2.01
CA PHE C 53 31.69 -15.01 2.19
C PHE C 53 31.81 -13.63 2.88
N TRP C 54 32.56 -13.67 3.99
CA TRP C 54 32.63 -12.52 4.90
C TRP C 54 33.20 -11.31 4.19
N ALA C 55 34.26 -11.55 3.43
CA ALA C 55 34.94 -10.50 2.65
C ALA C 55 33.96 -9.86 1.68
N TRP C 56 33.21 -10.73 1.00
CA TRP C 56 32.22 -10.30 0.01
C TRP C 56 31.18 -9.38 0.68
N ASN C 57 30.72 -9.84 1.83
CA ASN C 57 29.71 -9.14 2.61
C ASN C 57 30.23 -7.74 2.98
N ASP C 58 31.49 -7.70 3.43
CA ASP C 58 32.07 -6.47 3.91
C ASP C 58 32.23 -5.47 2.81
N LEU C 59 32.33 -5.87 1.52
CA LEU C 59 32.51 -4.91 0.47
C LEU C 59 31.37 -3.94 0.33
N GLY C 60 30.17 -4.33 0.77
CA GLY C 60 29.02 -3.45 0.74
C GLY C 60 28.34 -3.57 -0.58
N SER C 61 27.09 -3.14 -0.63
CA SER C 61 26.29 -3.42 -1.80
C SER C 61 26.86 -2.67 -3.01
N VAL C 62 27.32 -1.44 -2.77
CA VAL C 62 27.67 -0.51 -3.83
C VAL C 62 28.79 -1.10 -4.70
N GLU C 63 29.81 -1.60 -4.00
CA GLU C 63 30.97 -2.19 -4.65
C GLU C 63 30.55 -3.37 -5.53
N ARG C 64 29.68 -4.20 -4.95
CA ARG C 64 29.17 -5.39 -5.64
C ARG C 64 28.47 -4.97 -6.93
N SER C 65 27.62 -3.95 -6.79
CA SER C 65 26.85 -3.41 -7.90
C SER C 65 27.73 -2.91 -8.98
N LYS C 66 28.83 -2.22 -8.61
CA LYS C 66 29.82 -1.72 -9.55
C LYS C 66 30.35 -2.88 -10.44
N ILE C 67 30.74 -3.93 -9.72
CA ILE C 67 31.29 -5.13 -10.34
C ILE C 67 30.30 -5.73 -11.34
N ILE C 68 29.06 -5.82 -10.87
CA ILE C 68 27.96 -6.37 -11.67
C ILE C 68 27.78 -5.55 -12.96
N TYR C 69 27.81 -4.25 -12.81
CA TYR C 69 27.68 -3.31 -13.92
C TYR C 69 28.77 -3.54 -14.94
N ARG C 70 29.99 -3.68 -14.42
CA ARG C 70 31.18 -3.93 -15.25
C ARG C 70 30.98 -5.20 -16.07
N ALA C 71 30.53 -6.23 -15.38
CA ALA C 71 30.28 -7.55 -15.97
C ALA C 71 29.28 -7.43 -17.12
N LYS C 72 28.21 -6.69 -16.85
CA LYS C 72 27.13 -6.45 -17.81
C LYS C 72 27.70 -5.79 -19.06
N GLU C 73 28.52 -4.77 -18.82
CA GLU C 73 29.16 -4.00 -19.89
C GLU C 73 30.00 -4.92 -20.77
N LEU C 74 30.77 -5.77 -20.10
CA LEU C 74 31.64 -6.72 -20.77
C LEU C 74 30.82 -7.65 -21.68
N ILE C 75 29.72 -8.13 -21.12
CA ILE C 75 28.80 -9.03 -21.80
C ILE C 75 28.26 -8.36 -23.08
N GLU C 76 27.87 -7.10 -22.91
CA GLU C 76 27.34 -6.29 -24.00
C GLU C 76 28.36 -6.17 -25.13
N LYS C 77 29.59 -5.88 -24.71
CA LYS C 77 30.72 -5.74 -25.64
C LYS C 77 30.91 -7.03 -26.46
N ASN C 78 30.77 -8.19 -25.83
CA ASN C 78 31.05 -9.48 -26.48
C ASN C 78 29.82 -10.41 -26.67
N ARG C 79 28.61 -9.83 -26.72
CA ARG C 79 27.34 -10.51 -26.79
C ARG C 79 27.27 -11.47 -27.96
N ALA C 80 27.96 -11.11 -29.04
CA ALA C 80 27.94 -11.91 -30.27
C ALA C 80 28.44 -13.32 -29.99
N GLU C 81 29.54 -13.39 -29.24
CA GLU C 81 30.16 -14.66 -28.85
C GLU C 81 29.15 -15.53 -28.11
N LEU C 82 28.48 -14.90 -27.16
CA LEU C 82 27.47 -15.56 -26.32
C LEU C 82 26.35 -16.13 -27.19
N GLU C 83 25.90 -15.29 -28.12
CA GLU C 83 24.84 -15.66 -29.06
C GLU C 83 25.24 -16.92 -29.85
N ASN C 84 26.48 -16.87 -30.34
CA ASN C 84 27.05 -17.97 -31.12
C ASN C 84 27.06 -19.26 -30.32
N ILE C 85 27.49 -19.13 -29.06
CA ILE C 85 27.56 -20.25 -28.12
C ILE C 85 26.18 -20.87 -27.95
N ILE C 86 25.20 -20.00 -27.75
CA ILE C 86 23.82 -20.40 -27.56
C ILE C 86 23.32 -21.21 -28.78
N MET C 87 23.64 -20.66 -29.95
CA MET C 87 23.26 -21.28 -31.21
C MET C 87 23.86 -22.70 -31.33
N GLU C 88 25.13 -22.79 -30.96
CA GLU C 88 25.86 -24.05 -30.97
C GLU C 88 25.22 -25.09 -30.04
N GLU C 89 24.93 -24.67 -28.80
CA GLU C 89 24.63 -25.61 -27.73
C GLU C 89 23.17 -25.99 -27.73
N ASN C 90 22.29 -25.03 -28.04
CA ASN C 90 20.85 -25.28 -28.05
C ASN C 90 20.18 -25.30 -29.43
N GLY C 91 20.88 -24.83 -30.47
CA GLY C 91 20.30 -24.81 -31.80
C GLY C 91 19.13 -23.85 -31.97
N LYS C 92 19.03 -22.87 -31.07
CA LYS C 92 17.94 -21.90 -31.11
C LYS C 92 18.09 -21.07 -32.38
N PRO C 93 16.97 -20.73 -33.04
CA PRO C 93 17.05 -19.74 -34.11
C PRO C 93 17.76 -18.46 -33.64
N VAL C 94 18.52 -17.83 -34.56
CA VAL C 94 19.43 -16.72 -34.25
C VAL C 94 18.69 -15.64 -33.47
N LYS C 95 17.47 -15.34 -33.95
CA LYS C 95 16.63 -14.29 -33.40
C LYS C 95 16.38 -14.57 -31.91
N GLU C 96 16.01 -15.82 -31.66
CA GLU C 96 15.70 -16.28 -30.29
C GLU C 96 16.90 -16.08 -29.38
N ALA C 97 18.06 -16.47 -29.89
CA ALA C 97 19.33 -16.36 -29.17
C ALA C 97 19.58 -14.90 -28.79
N LYS C 98 19.39 -14.04 -29.79
CA LYS C 98 19.59 -12.60 -29.63
C LYS C 98 18.70 -12.07 -28.52
N GLU C 99 17.45 -12.49 -28.58
CA GLU C 99 16.42 -12.09 -27.61
C GLU C 99 16.84 -12.47 -26.21
N GLU C 100 17.31 -13.71 -26.10
CA GLU C 100 17.77 -14.28 -24.82
C GLU C 100 18.91 -13.42 -24.25
N VAL C 101 19.85 -13.10 -25.13
CA VAL C 101 21.01 -12.30 -24.76
C VAL C 101 20.55 -10.94 -24.20
N ASP C 102 19.62 -10.34 -24.94
CA ASP C 102 19.05 -9.04 -24.57
C ASP C 102 18.46 -9.10 -23.19
N GLY C 103 17.68 -10.16 -22.98
CA GLY C 103 16.98 -10.40 -21.70
C GLY C 103 17.94 -10.49 -20.59
N VAL C 104 19.02 -11.25 -20.81
CA VAL C 104 20.11 -11.47 -19.84
C VAL C 104 20.67 -10.13 -19.42
N ILE C 105 20.97 -9.31 -20.45
CA ILE C 105 21.58 -8.00 -20.26
C ILE C 105 20.67 -7.14 -19.35
N ASP C 106 19.40 -7.18 -19.72
CA ASP C 106 18.39 -6.32 -19.07
C ASP C 106 18.24 -6.71 -17.63
N GLN C 107 18.18 -7.98 -17.39
CA GLN C 107 18.01 -8.53 -16.01
C GLN C 107 19.19 -8.15 -15.21
N ILE C 108 20.41 -8.25 -15.80
CA ILE C 108 21.63 -7.87 -15.06
C ILE C 108 21.57 -6.42 -14.64
N GLN C 109 21.13 -5.57 -15.58
CA GLN C 109 21.01 -4.14 -15.36
C GLN C 109 20.06 -3.87 -14.17
N TYR C 110 18.93 -4.57 -14.23
CA TYR C 110 17.85 -4.39 -13.28
C TYR C 110 18.34 -4.76 -11.89
N TYR C 111 19.00 -5.88 -11.82
CA TYR C 111 19.50 -6.38 -10.51
C TYR C 111 20.56 -5.44 -9.99
N ALA C 112 21.40 -4.89 -10.86
CA ALA C 112 22.39 -3.91 -10.42
C ALA C 112 21.73 -2.67 -9.83
N GLU C 113 20.67 -2.22 -10.50
CA GLU C 113 19.90 -1.08 -10.04
C GLU C 113 19.30 -1.30 -8.65
N TRP C 114 19.19 -2.48 -8.04
CA TRP C 114 18.74 -2.53 -6.61
C TRP C 114 19.81 -2.19 -5.52
N ALA C 115 21.04 -1.88 -5.91
CA ALA C 115 22.06 -1.42 -4.95
C ALA C 115 21.58 -0.27 -4.07
N SER C 127 7.35 0.71 23.56
CA SER C 127 7.39 1.97 24.29
C SER C 127 8.28 2.98 23.58
N SER C 128 8.29 4.22 24.08
CA SER C 128 9.11 5.29 23.51
C SER C 128 10.62 5.09 23.70
N HIS C 129 11.02 4.23 24.65
CA HIS C 129 12.44 3.89 24.84
C HIS C 129 12.80 2.47 24.38
N ARG C 130 12.07 1.98 23.37
CA ARG C 130 12.35 0.68 22.75
C ARG C 130 12.35 0.80 21.23
N LYS C 131 13.33 0.17 20.59
CA LYS C 131 13.43 0.16 19.14
C LYS C 131 13.69 -1.23 18.60
N ILE C 132 13.24 -1.49 17.37
CA ILE C 132 13.52 -2.73 16.65
C ILE C 132 14.34 -2.37 15.42
N PHE C 133 15.56 -2.87 15.34
CA PHE C 133 16.43 -2.67 14.19
C PHE C 133 16.31 -3.86 13.23
N GLN C 134 16.02 -3.62 11.96
CA GLN C 134 15.82 -4.68 10.97
C GLN C 134 16.85 -4.62 9.89
N TYR C 135 17.79 -5.55 9.96
CA TYR C 135 18.84 -5.66 8.97
C TYR C 135 18.43 -6.73 7.96
N LYS C 136 18.81 -6.51 6.71
CA LYS C 136 18.59 -7.48 5.67
C LYS C 136 19.96 -7.98 5.26
N VAL C 137 20.19 -9.29 5.40
CA VAL C 137 21.54 -9.87 5.23
C VAL C 137 21.51 -11.10 4.32
N PRO C 138 22.66 -11.47 3.74
CA PRO C 138 22.67 -12.65 2.88
C PRO C 138 22.31 -13.95 3.62
N TYR C 139 21.84 -14.96 2.89
CA TYR C 139 21.68 -16.30 3.45
C TYR C 139 23.02 -17.01 3.64
N GLY C 140 24.01 -16.67 2.82
CA GLY C 140 25.35 -17.22 2.94
C GLY C 140 25.79 -17.87 1.64
N ILE C 141 25.83 -19.20 1.64
CA ILE C 141 26.27 -19.99 0.50
C ILE C 141 25.07 -20.44 -0.34
N VAL C 142 25.03 -19.99 -1.60
CA VAL C 142 23.93 -20.25 -2.52
C VAL C 142 24.38 -21.28 -3.54
N VAL C 143 23.57 -22.31 -3.75
CA VAL C 143 23.75 -23.23 -4.87
C VAL C 143 22.72 -22.87 -5.92
N ALA C 144 23.20 -22.64 -7.14
CA ALA C 144 22.35 -22.27 -8.25
C ALA C 144 22.33 -23.40 -9.26
N LEU C 145 21.14 -23.91 -9.56
CA LEU C 145 20.97 -25.00 -10.48
C LEU C 145 20.15 -24.51 -11.66
N THR C 146 20.82 -24.30 -12.79
CA THR C 146 20.16 -23.73 -13.97
C THR C 146 19.84 -24.77 -15.01
N PRO C 147 18.71 -24.61 -15.69
CA PRO C 147 18.29 -25.56 -16.68
C PRO C 147 18.95 -25.26 -18.03
N TRP C 148 18.63 -26.13 -18.97
CA TRP C 148 19.21 -26.07 -20.32
C TRP C 148 18.41 -25.20 -21.28
N ASN C 149 17.13 -24.98 -20.99
CA ASN C 149 16.23 -24.35 -21.95
C ASN C 149 16.48 -22.86 -22.19
N PHE C 150 16.81 -22.13 -21.12
CA PHE C 150 17.30 -20.77 -21.24
C PHE C 150 18.62 -20.67 -20.48
N PRO C 151 19.69 -21.23 -21.07
CA PRO C 151 20.94 -21.51 -20.37
C PRO C 151 21.80 -20.30 -20.05
N ALA C 152 21.45 -19.12 -20.59
CA ALA C 152 22.11 -17.87 -20.22
C ALA C 152 21.19 -17.04 -19.33
N GLY C 153 19.94 -16.93 -19.78
CA GLY C 153 18.94 -16.09 -19.14
C GLY C 153 18.74 -16.52 -17.69
N MET C 154 18.60 -17.83 -17.52
CA MET C 154 18.39 -18.39 -16.18
C MET C 154 19.58 -18.12 -15.29
N VAL C 155 20.78 -18.26 -15.84
CA VAL C 155 22.02 -17.97 -15.12
C VAL C 155 22.02 -16.51 -14.63
N ALA C 156 21.65 -15.63 -15.54
CA ALA C 156 21.58 -14.20 -15.26
C ALA C 156 20.62 -13.92 -14.10
N ARG C 157 19.46 -14.56 -14.19
CA ARG C 157 18.41 -14.44 -13.18
C ARG C 157 18.95 -14.85 -11.82
N LYS C 158 19.65 -15.99 -11.81
CA LYS C 158 20.16 -16.56 -10.58
C LYS C 158 21.35 -15.83 -9.92
N LEU C 159 22.41 -15.69 -10.73
CA LEU C 159 23.68 -15.14 -10.26
C LEU C 159 23.57 -13.72 -9.80
N ALA C 160 22.99 -12.87 -10.66
CA ALA C 160 23.01 -11.43 -10.37
C ALA C 160 22.50 -11.05 -8.98
N PRO C 161 21.19 -11.33 -8.72
CA PRO C 161 20.60 -10.82 -7.49
C PRO C 161 21.25 -11.39 -6.28
N ALA C 162 21.59 -12.68 -6.32
CA ALA C 162 22.28 -13.37 -5.24
C ALA C 162 23.60 -12.63 -4.92
N LEU C 163 24.34 -12.35 -6.00
CA LEU C 163 25.64 -11.70 -5.90
C LEU C 163 25.49 -10.31 -5.26
N LEU C 164 24.47 -9.61 -5.71
CA LEU C 164 24.24 -8.25 -5.25
C LEU C 164 23.89 -8.27 -3.75
N THR C 165 23.08 -9.24 -3.33
CA THR C 165 22.65 -9.29 -1.96
C THR C 165 23.81 -9.77 -1.11
N GLY C 166 25.01 -10.08 -1.61
CA GLY C 166 26.13 -10.45 -0.74
C GLY C 166 26.29 -11.93 -0.44
N ASN C 167 25.58 -12.80 -1.17
CA ASN C 167 25.77 -14.25 -1.08
C ASN C 167 26.94 -14.66 -1.96
N THR C 168 27.61 -15.75 -1.58
CA THR C 168 28.58 -16.44 -2.45
C THR C 168 27.88 -17.60 -3.13
N VAL C 169 28.41 -18.01 -4.28
CA VAL C 169 27.67 -18.89 -5.20
C VAL C 169 28.50 -20.07 -5.69
N VAL C 170 27.86 -21.24 -5.71
CA VAL C 170 28.34 -22.41 -6.44
C VAL C 170 27.27 -22.70 -7.50
N LEU C 171 27.64 -22.51 -8.77
CA LEU C 171 26.74 -22.71 -9.91
C LEU C 171 27.00 -24.06 -10.55
N LYS C 172 25.95 -24.87 -10.73
CA LYS C 172 26.00 -26.05 -11.59
C LYS C 172 24.98 -25.88 -12.69
N PRO C 173 25.45 -25.75 -13.93
CA PRO C 173 24.47 -25.67 -15.01
C PRO C 173 24.03 -27.05 -15.43
N SER C 174 23.04 -27.09 -16.31
CA SER C 174 22.65 -28.34 -16.94
C SER C 174 23.85 -28.95 -17.67
N SER C 175 23.95 -30.27 -17.61
CA SER C 175 24.94 -31.01 -18.39
C SER C 175 24.83 -30.75 -19.92
N ASP C 176 23.64 -30.35 -20.39
CA ASP C 176 23.43 -30.06 -21.82
C ASP C 176 23.93 -28.70 -22.29
N THR C 177 24.13 -27.74 -21.38
CA THR C 177 24.47 -26.36 -21.76
C THR C 177 25.48 -25.71 -20.83
N PRO C 178 26.66 -26.33 -20.68
CA PRO C 178 27.60 -25.74 -19.77
C PRO C 178 28.20 -24.46 -20.35
N GLY C 179 28.28 -24.37 -21.69
CA GLY C 179 29.25 -23.49 -22.33
C GLY C 179 28.93 -22.03 -22.04
N SER C 180 27.65 -21.71 -22.25
CA SER C 180 27.14 -20.36 -22.03
C SER C 180 27.40 -19.91 -20.60
N ALA C 181 27.06 -20.82 -19.68
CA ALA C 181 27.21 -20.60 -18.25
C ALA C 181 28.66 -20.29 -17.91
N GLU C 182 29.54 -21.11 -18.48
CA GLU C 182 30.98 -20.98 -18.29
C GLU C 182 31.46 -19.61 -18.74
N TRP C 183 30.99 -19.22 -19.92
CA TRP C 183 31.32 -17.94 -20.52
C TRP C 183 30.92 -16.78 -19.59
N ILE C 184 29.69 -16.91 -19.08
CA ILE C 184 29.12 -15.92 -18.17
C ILE C 184 30.01 -15.78 -16.92
N VAL C 185 30.40 -16.93 -16.39
CA VAL C 185 31.24 -17.01 -15.20
C VAL C 185 32.58 -16.29 -15.45
N ARG C 186 33.15 -16.57 -16.62
CA ARG C 186 34.42 -15.98 -17.05
C ARG C 186 34.30 -14.47 -17.08
N LYS C 187 33.20 -14.01 -17.68
CA LYS C 187 32.90 -12.58 -17.80
C LYS C 187 32.85 -11.92 -16.42
N PHE C 188 32.14 -12.60 -15.52
CA PHE C 188 31.99 -12.14 -14.14
C PHE C 188 33.35 -11.99 -13.46
N VAL C 189 34.18 -13.01 -13.65
CA VAL C 189 35.53 -13.04 -13.11
C VAL C 189 36.35 -11.84 -13.60
N GLU C 190 36.24 -11.62 -14.91
CA GLU C 190 36.93 -10.51 -15.56
C GLU C 190 36.50 -9.16 -14.96
N ALA C 191 35.18 -9.03 -14.75
CA ALA C 191 34.61 -7.85 -14.16
C ALA C 191 35.15 -7.59 -12.77
N GLY C 192 35.70 -8.60 -12.07
CA GLY C 192 36.35 -8.38 -10.76
C GLY C 192 35.75 -9.12 -9.58
N VAL C 193 34.91 -10.13 -9.82
CA VAL C 193 34.44 -10.99 -8.74
C VAL C 193 35.64 -11.67 -8.07
N PRO C 194 35.77 -11.54 -6.73
CA PRO C 194 36.96 -12.12 -6.07
C PRO C 194 36.95 -13.64 -5.95
N LYS C 195 38.14 -14.19 -5.65
CA LYS C 195 38.33 -15.64 -5.53
C LYS C 195 37.40 -16.24 -4.49
N GLY C 196 36.72 -17.33 -4.86
CA GLY C 196 35.80 -18.03 -3.98
C GLY C 196 34.37 -17.53 -3.97
N VAL C 197 34.13 -16.29 -4.42
CA VAL C 197 32.77 -15.70 -4.42
C VAL C 197 31.86 -16.41 -5.41
N LEU C 198 32.42 -16.80 -6.55
CA LEU C 198 31.70 -17.51 -7.58
C LEU C 198 32.48 -18.77 -7.92
N ASN C 199 31.82 -19.92 -7.80
CA ASN C 199 32.40 -21.19 -8.18
C ASN C 199 31.52 -21.87 -9.21
N PHE C 200 32.17 -22.57 -10.14
CA PHE C 200 31.51 -23.18 -11.28
C PHE C 200 31.83 -24.67 -11.31
N ILE C 201 30.79 -25.49 -11.18
CA ILE C 201 30.89 -26.95 -11.09
C ILE C 201 29.99 -27.56 -12.16
N THR C 202 30.59 -28.27 -13.11
CA THR C 202 29.85 -29.08 -14.09
C THR C 202 29.94 -30.55 -13.67
N GLY C 203 28.98 -31.36 -14.11
CA GLY C 203 28.98 -32.79 -13.82
C GLY C 203 27.60 -33.43 -13.78
N ARG C 204 27.57 -34.72 -14.09
CA ARG C 204 26.32 -35.48 -14.17
C ARG C 204 25.64 -35.62 -12.82
N GLY C 205 24.38 -35.17 -12.78
CA GLY C 205 23.56 -35.09 -11.56
C GLY C 205 23.30 -36.44 -10.91
N SER C 206 23.25 -37.48 -11.75
CA SER C 206 23.20 -38.87 -11.30
C SER C 206 24.37 -39.27 -10.41
N GLU C 207 25.50 -38.56 -10.53
CA GLU C 207 26.63 -38.76 -9.63
C GLU C 207 26.64 -37.78 -8.45
N ILE C 208 26.41 -36.49 -8.67
CA ILE C 208 26.76 -35.51 -7.70
C ILE C 208 25.61 -34.64 -7.30
N GLY C 209 24.48 -34.64 -8.01
CA GLY C 209 23.46 -33.62 -7.87
C GLY C 209 22.90 -33.61 -6.46
N ASP C 210 22.57 -34.83 -6.02
CA ASP C 210 22.02 -35.08 -4.67
C ASP C 210 22.99 -34.57 -3.62
N TYR C 211 24.26 -34.92 -3.82
CA TYR C 211 25.33 -34.53 -2.91
C TYR C 211 25.40 -33.01 -2.78
N ILE C 212 25.36 -32.36 -3.95
CA ILE C 212 25.41 -30.90 -4.02
C ILE C 212 24.25 -30.28 -3.25
N VAL C 213 23.07 -30.86 -3.45
CA VAL C 213 21.87 -30.41 -2.76
C VAL C 213 22.00 -30.51 -1.23
N GLU C 214 22.36 -31.69 -0.72
CA GLU C 214 22.22 -31.96 0.73
C GLU C 214 23.44 -31.64 1.61
N HIS C 215 24.44 -30.99 1.03
CA HIS C 215 25.72 -30.68 1.70
C HIS C 215 25.52 -29.80 2.95
N LYS C 216 26.19 -30.18 4.04
CA LYS C 216 26.02 -29.56 5.37
C LYS C 216 26.02 -28.03 5.39
N LYS C 217 26.95 -27.44 4.66
CA LYS C 217 27.21 -25.99 4.61
C LYS C 217 26.35 -25.11 3.66
N VAL C 218 25.50 -25.73 2.83
CA VAL C 218 24.65 -24.97 1.89
C VAL C 218 23.49 -24.30 2.64
N ASN C 219 23.26 -23.02 2.34
CA ASN C 219 22.19 -22.25 3.01
C ASN C 219 20.95 -22.00 2.16
N LEU C 220 21.11 -21.87 0.85
CA LEU C 220 20.01 -21.59 -0.06
C LEU C 220 20.23 -22.28 -1.39
N ILE C 221 19.15 -22.81 -1.98
CA ILE C 221 19.19 -23.43 -3.29
C ILE C 221 18.18 -22.74 -4.19
N THR C 222 18.65 -22.28 -5.34
CA THR C 222 17.79 -21.62 -6.32
C THR C 222 17.84 -22.44 -7.59
N MET C 223 16.67 -22.84 -8.09
CA MET C 223 16.59 -23.83 -9.15
C MET C 223 15.38 -23.61 -10.04
N THR C 224 15.56 -23.92 -11.32
CA THR C 224 14.48 -23.95 -12.29
C THR C 224 14.62 -25.24 -13.10
N GLY C 225 13.53 -25.93 -13.34
CA GLY C 225 13.57 -27.21 -14.06
C GLY C 225 12.28 -27.98 -13.94
N SER C 226 12.37 -29.31 -13.96
CA SER C 226 11.19 -30.18 -13.93
C SER C 226 10.67 -30.40 -12.53
N THR C 227 9.42 -30.81 -12.44
CA THR C 227 8.75 -30.93 -11.16
C THR C 227 9.38 -32.03 -10.33
N ALA C 228 9.69 -33.15 -10.97
CA ALA C 228 10.26 -34.30 -10.30
C ALA C 228 11.59 -33.94 -9.64
N THR C 229 12.40 -33.23 -10.43
CA THR C 229 13.73 -32.76 -9.96
C THR C 229 13.56 -31.89 -8.73
N GLY C 230 12.60 -30.98 -8.80
CA GLY C 230 12.29 -30.05 -7.71
C GLY C 230 11.94 -30.81 -6.46
N GLN C 231 11.09 -31.82 -6.63
CA GLN C 231 10.62 -32.69 -5.55
C GLN C 231 11.82 -33.35 -4.87
N ARG C 232 12.69 -33.89 -5.72
CA ARG C 232 13.89 -34.59 -5.28
C ARG C 232 14.75 -33.65 -4.41
N ILE C 233 14.92 -32.44 -4.94
CA ILE C 233 15.71 -31.40 -4.27
C ILE C 233 15.16 -31.10 -2.90
N MET C 234 13.84 -30.97 -2.86
CA MET C 234 13.10 -30.68 -1.62
C MET C 234 13.37 -31.77 -0.60
N GLN C 235 13.26 -33.01 -1.07
CA GLN C 235 13.47 -34.19 -0.24
C GLN C 235 14.88 -34.15 0.37
N LYS C 236 15.85 -33.85 -0.49
CA LYS C 236 17.24 -33.82 -0.10
C LYS C 236 17.46 -32.75 0.98
N ALA C 237 16.83 -31.58 0.79
CA ALA C 237 17.16 -30.45 1.61
C ALA C 237 16.66 -30.58 2.98
N SER C 238 15.84 -31.59 3.29
CA SER C 238 15.53 -31.89 4.68
C SER C 238 16.77 -32.07 5.57
N ALA C 239 17.87 -32.58 4.98
CA ALA C 239 19.16 -32.74 5.67
C ALA C 239 19.78 -31.45 6.21
N ASN C 240 19.73 -30.39 5.42
CA ASN C 240 20.39 -29.11 5.77
C ASN C 240 19.47 -27.91 5.98
N MET C 241 18.16 -28.13 5.81
CA MET C 241 17.15 -27.12 6.04
C MET C 241 17.35 -25.86 5.13
N ALA C 242 17.90 -26.03 3.94
CA ALA C 242 18.18 -24.89 3.04
C ALA C 242 16.90 -24.19 2.61
N LYS C 243 16.99 -22.87 2.44
CA LYS C 243 15.92 -22.07 1.83
C LYS C 243 15.87 -22.48 0.36
N LEU C 244 14.67 -22.75 -0.13
CA LEU C 244 14.45 -23.21 -1.50
C LEU C 244 13.72 -22.18 -2.35
N ILE C 245 14.31 -21.86 -3.52
CA ILE C 245 13.62 -21.13 -4.56
C ILE C 245 13.53 -22.10 -5.75
N LEU C 246 12.31 -22.54 -6.05
CA LEU C 246 12.05 -23.52 -7.10
C LEU C 246 10.98 -23.00 -8.06
N GLU C 247 11.30 -22.93 -9.36
CA GLU C 247 10.26 -22.70 -10.37
C GLU C 247 10.21 -23.91 -11.30
N LEU C 248 9.07 -24.58 -11.36
CA LEU C 248 8.99 -25.94 -11.88
C LEU C 248 8.05 -26.18 -13.08
N GLY C 249 7.88 -25.18 -13.94
CA GLY C 249 7.09 -25.34 -15.16
C GLY C 249 5.63 -25.65 -14.94
N GLY C 250 4.99 -26.22 -15.95
CA GLY C 250 3.56 -26.49 -15.88
C GLY C 250 2.96 -27.15 -17.10
N LYS C 251 1.65 -26.96 -17.25
CA LYS C 251 0.87 -27.59 -18.30
C LYS C 251 -0.20 -26.59 -18.69
N ALA C 252 0.23 -25.55 -19.41
CA ALA C 252 -0.60 -24.39 -19.67
C ALA C 252 -1.73 -24.70 -20.63
N PRO C 253 -3.00 -24.48 -20.21
CA PRO C 253 -4.10 -24.63 -21.15
C PRO C 253 -4.21 -23.38 -22.04
N PHE C 254 -4.48 -23.60 -23.33
CA PHE C 254 -4.67 -22.53 -24.32
C PHE C 254 -6.12 -22.55 -24.79
N MET C 255 -6.88 -21.53 -24.41
CA MET C 255 -8.34 -21.54 -24.57
C MET C 255 -8.78 -20.48 -25.58
N VAL C 256 -9.52 -20.91 -26.61
CA VAL C 256 -9.98 -20.02 -27.69
C VAL C 256 -11.51 -20.08 -27.80
N TRP C 257 -12.19 -19.05 -27.30
CA TRP C 257 -13.65 -18.96 -27.38
C TRP C 257 -14.09 -18.62 -28.81
N LYS C 258 -15.36 -18.87 -29.12
CA LYS C 258 -15.94 -18.62 -30.45
C LYS C 258 -15.75 -17.21 -31.02
N ASP C 259 -15.72 -16.19 -30.17
CA ASP C 259 -15.60 -14.79 -30.61
C ASP C 259 -14.15 -14.26 -30.72
N ALA C 260 -13.17 -15.14 -30.64
CA ALA C 260 -11.76 -14.72 -30.64
C ALA C 260 -11.36 -14.11 -31.97
N ASP C 261 -10.40 -13.18 -31.94
CA ASP C 261 -9.78 -12.65 -33.16
C ASP C 261 -8.86 -13.73 -33.66
N MET C 262 -9.17 -14.25 -34.84
CA MET C 262 -8.65 -15.59 -35.15
C MET C 262 -7.13 -15.50 -35.29
N ASP C 263 -6.72 -14.53 -36.11
CA ASP C 263 -5.35 -14.38 -36.58
C ASP C 263 -4.40 -14.26 -35.40
N ASN C 264 -4.79 -13.32 -34.54
CA ASN C 264 -4.01 -12.99 -33.32
C ASN C 264 -3.84 -14.23 -32.48
N ALA C 265 -4.96 -14.93 -32.31
CA ALA C 265 -5.02 -16.16 -31.48
C ALA C 265 -4.01 -17.16 -32.02
N LEU C 266 -4.07 -17.33 -33.33
CA LEU C 266 -3.20 -18.28 -34.04
C LEU C 266 -1.74 -17.95 -33.81
N LYS C 267 -1.44 -16.66 -33.94
CA LYS C 267 -0.07 -16.15 -33.75
C LYS C 267 0.42 -16.51 -32.34
N THR C 268 -0.46 -16.24 -31.37
CA THR C 268 -0.16 -16.48 -29.97
C THR C 268 0.14 -17.96 -29.74
N LEU C 269 -0.69 -18.80 -30.34
CA LEU C 269 -0.55 -20.26 -30.25
C LEU C 269 0.78 -20.70 -30.77
N LEU C 270 1.13 -20.14 -31.93
CA LEU C 270 2.41 -20.44 -32.62
C LEU C 270 3.57 -20.10 -31.71
N TRP C 271 3.48 -18.91 -31.08
CA TRP C 271 4.53 -18.43 -30.21
C TRP C 271 4.71 -19.43 -28.98
N ALA C 272 3.56 -19.76 -28.49
CA ALA C 272 3.42 -20.45 -27.21
C ALA C 272 3.93 -21.86 -27.33
N LYS C 273 3.59 -22.52 -28.43
CA LYS C 273 4.04 -23.89 -28.67
C LYS C 273 5.42 -23.90 -29.26
N TYR C 274 5.74 -23.06 -30.24
CA TYR C 274 6.95 -23.31 -31.01
C TYR C 274 8.16 -22.47 -30.64
N TRP C 275 7.96 -21.41 -29.84
CA TRP C 275 9.09 -20.66 -29.29
C TRP C 275 9.95 -21.64 -28.49
N ASN C 276 11.23 -21.71 -28.86
CA ASN C 276 12.21 -22.62 -28.26
C ASN C 276 11.75 -24.08 -28.36
N ALA C 277 11.09 -24.39 -29.46
CA ALA C 277 10.52 -25.72 -29.71
C ALA C 277 9.66 -26.26 -28.56
N GLY C 278 8.97 -25.37 -27.86
CA GLY C 278 8.05 -25.75 -26.77
C GLY C 278 8.72 -26.08 -25.46
N GLN C 279 10.00 -25.73 -25.33
CA GLN C 279 10.80 -26.09 -24.17
C GLN C 279 10.83 -24.86 -23.25
N SER C 280 9.68 -24.57 -22.64
CA SER C 280 9.55 -23.40 -21.76
C SER C 280 8.51 -23.68 -20.70
N CYS C 281 8.69 -23.05 -19.56
CA CYS C 281 7.79 -23.21 -18.46
C CYS C 281 6.37 -22.78 -18.79
N ILE C 282 6.21 -21.72 -19.57
CA ILE C 282 4.88 -21.23 -19.93
C ILE C 282 4.46 -21.61 -21.34
N ALA C 283 4.92 -22.74 -21.81
CA ALA C 283 4.55 -23.16 -23.18
C ALA C 283 3.10 -23.65 -23.23
N ALA C 284 2.47 -23.47 -24.39
CA ALA C 284 1.12 -24.01 -24.64
C ALA C 284 1.21 -25.54 -24.59
N GLU C 285 0.50 -26.15 -23.65
CA GLU C 285 0.56 -27.62 -23.45
C GLU C 285 -0.76 -28.36 -23.73
N ARG C 286 -1.88 -27.65 -23.70
CA ARG C 286 -3.21 -28.22 -24.00
C ARG C 286 -4.04 -27.20 -24.77
N LEU C 287 -4.69 -27.64 -25.85
CA LEU C 287 -5.50 -26.73 -26.69
C LEU C 287 -6.99 -27.03 -26.58
N TYR C 288 -7.77 -26.03 -26.17
CA TYR C 288 -9.21 -26.12 -26.04
C TYR C 288 -9.85 -25.06 -26.95
N VAL C 289 -10.62 -25.48 -27.95
CA VAL C 289 -11.24 -24.55 -28.93
C VAL C 289 -12.75 -24.76 -29.05
N HIS C 290 -13.48 -23.66 -29.18
CA HIS C 290 -14.94 -23.67 -29.20
C HIS C 290 -15.44 -24.41 -30.44
N GLU C 291 -16.40 -25.32 -30.23
CA GLU C 291 -16.97 -26.20 -31.29
C GLU C 291 -17.47 -25.51 -32.57
N ASP C 292 -18.02 -24.30 -32.42
CA ASP C 292 -18.47 -23.46 -33.54
C ASP C 292 -17.39 -23.09 -34.57
N ILE C 293 -16.15 -22.92 -34.11
CA ILE C 293 -15.05 -22.52 -35.01
C ILE C 293 -13.97 -23.59 -35.13
N TYR C 294 -14.23 -24.76 -34.53
CA TYR C 294 -13.08 -25.56 -34.07
C TYR C 294 -12.26 -25.96 -35.31
N ASP C 295 -13.01 -26.56 -36.24
CA ASP C 295 -12.47 -27.29 -37.39
C ASP C 295 -11.54 -26.38 -38.19
N THR C 296 -12.14 -25.23 -38.50
CA THR C 296 -11.50 -24.17 -39.33
C THR C 296 -10.20 -23.77 -38.68
N PHE C 297 -10.33 -23.51 -37.36
CA PHE C 297 -9.20 -23.03 -36.54
C PHE C 297 -8.05 -24.04 -36.64
N MET C 298 -8.42 -25.31 -36.47
CA MET C 298 -7.46 -26.40 -36.49
C MET C 298 -6.74 -26.48 -37.82
N SER C 299 -7.49 -26.32 -38.88
CA SER C 299 -6.91 -26.37 -40.19
C SER C 299 -5.89 -25.26 -40.25
N ARG C 300 -6.34 -24.06 -39.95
CA ARG C 300 -5.49 -22.87 -40.03
C ARG C 300 -4.16 -23.13 -39.34
N PHE C 301 -4.27 -23.70 -38.14
CA PHE C 301 -3.12 -24.03 -37.30
C PHE C 301 -2.18 -24.96 -38.04
N VAL C 302 -2.78 -25.98 -38.64
CA VAL C 302 -2.05 -27.00 -39.41
C VAL C 302 -1.27 -26.34 -40.53
N GLU C 303 -1.96 -25.45 -41.24
CA GLU C 303 -1.40 -24.72 -42.37
C GLU C 303 -0.17 -23.93 -41.91
N LEU C 304 -0.36 -23.24 -40.79
CA LEU C 304 0.70 -22.41 -40.21
C LEU C 304 1.93 -23.27 -39.88
N SER C 305 1.65 -24.41 -39.27
CA SER C 305 2.70 -25.36 -38.89
C SER C 305 3.49 -25.82 -40.10
N ARG C 306 2.75 -26.12 -41.19
CA ARG C 306 3.33 -26.53 -42.45
C ARG C 306 4.42 -25.53 -42.88
N LYS C 307 4.17 -24.24 -42.73
CA LYS C 307 5.07 -23.23 -43.16
C LYS C 307 6.35 -22.95 -42.33
N LEU C 308 6.50 -23.52 -41.15
CA LEU C 308 7.67 -23.29 -40.29
C LEU C 308 8.85 -24.11 -40.75
N ALA C 309 9.99 -23.45 -40.97
CA ALA C 309 11.23 -24.11 -41.40
C ALA C 309 12.02 -24.62 -40.19
N LEU C 310 12.52 -25.85 -40.28
CA LEU C 310 13.45 -26.39 -39.27
C LEU C 310 14.82 -26.50 -39.91
N GLY C 311 15.86 -26.46 -39.08
CA GLY C 311 17.23 -26.63 -39.54
C GLY C 311 18.16 -25.62 -38.92
N ASP C 312 18.93 -24.95 -39.77
CA ASP C 312 20.02 -24.09 -39.31
C ASP C 312 19.52 -22.86 -38.56
N PRO C 313 20.13 -22.56 -37.40
CA PRO C 313 19.78 -21.35 -36.65
C PRO C 313 19.80 -20.04 -37.47
N LYS C 314 20.70 -19.96 -38.47
CA LYS C 314 20.79 -18.79 -39.36
C LYS C 314 19.48 -18.45 -40.09
N ASN C 315 18.64 -19.45 -40.36
CA ASN C 315 17.39 -19.23 -41.11
C ASN C 315 16.12 -19.97 -40.64
N ALA C 316 16.24 -20.86 -39.64
CA ALA C 316 15.10 -21.67 -39.21
C ALA C 316 14.11 -20.84 -38.42
N ASP C 317 12.85 -21.27 -38.45
CA ASP C 317 11.81 -20.74 -37.57
C ASP C 317 11.80 -21.42 -36.22
N MET C 318 12.18 -22.70 -36.15
CA MET C 318 12.19 -23.46 -34.91
C MET C 318 13.41 -24.36 -34.84
N GLY C 319 13.94 -24.49 -33.63
CA GLY C 319 15.15 -25.29 -33.40
C GLY C 319 14.86 -26.74 -33.03
N PRO C 320 15.93 -27.51 -32.74
CA PRO C 320 15.80 -28.90 -32.34
C PRO C 320 15.52 -29.04 -30.86
N LEU C 321 15.16 -30.25 -30.47
CA LEU C 321 15.14 -30.61 -29.04
C LEU C 321 16.57 -30.68 -28.55
N ILE C 322 16.73 -30.52 -27.24
CA ILE C 322 18.06 -30.36 -26.64
C ILE C 322 18.98 -31.58 -26.75
N ASN C 323 18.43 -32.79 -26.66
CA ASN C 323 19.26 -34.01 -26.74
C ASN C 323 18.53 -35.23 -27.30
N LYS C 324 19.29 -36.30 -27.56
CA LYS C 324 18.75 -37.54 -28.15
C LYS C 324 17.64 -38.08 -27.24
N GLY C 325 17.91 -38.05 -25.94
CA GLY C 325 17.02 -38.65 -24.95
C GLY C 325 15.64 -38.00 -25.00
N ALA C 326 15.66 -36.68 -25.06
CA ALA C 326 14.43 -35.87 -25.14
C ALA C 326 13.63 -36.25 -26.37
N LEU C 327 14.34 -36.36 -27.49
CA LEU C 327 13.75 -36.73 -28.78
C LEU C 327 13.04 -38.07 -28.66
N GLN C 328 13.76 -39.01 -28.05
CA GLN C 328 13.28 -40.37 -27.84
C GLN C 328 11.99 -40.36 -27.03
N ALA C 329 12.01 -39.57 -25.97
CA ALA C 329 10.87 -39.41 -25.07
C ALA C 329 9.66 -38.89 -25.83
N THR C 330 9.91 -37.89 -26.66
CA THR C 330 8.89 -37.26 -27.49
C THR C 330 8.23 -38.30 -28.39
N SER C 331 9.11 -39.09 -29.02
CA SER C 331 8.70 -40.15 -29.93
C SER C 331 7.78 -41.14 -29.21
N GLU C 332 8.22 -41.52 -28.02
CA GLU C 332 7.48 -42.46 -27.16
C GLU C 332 6.10 -41.92 -26.83
N ILE C 333 6.06 -40.64 -26.49
CA ILE C 333 4.81 -39.94 -26.17
C ILE C 333 3.84 -40.01 -27.36
N VAL C 334 4.41 -39.72 -28.54
CA VAL C 334 3.66 -39.73 -29.78
C VAL C 334 3.04 -41.13 -30.02
N GLU C 335 3.88 -42.14 -29.81
CA GLU C 335 3.48 -43.53 -29.96
C GLU C 335 2.32 -43.88 -29.02
N GLU C 336 2.46 -43.44 -27.79
CA GLU C 336 1.44 -43.63 -26.75
C GLU C 336 0.11 -43.03 -27.19
N ALA C 337 0.21 -41.80 -27.70
CA ALA C 337 -0.96 -41.06 -28.20
C ALA C 337 -1.66 -41.85 -29.30
N LYS C 338 -0.84 -42.35 -30.22
CA LYS C 338 -1.33 -43.14 -31.32
C LYS C 338 -1.96 -44.38 -30.78
N GLU C 339 -1.34 -44.95 -29.75
CA GLU C 339 -1.76 -46.19 -29.13
C GLU C 339 -3.16 -46.19 -28.54
N SER C 340 -3.61 -45.04 -28.08
CA SER C 340 -4.91 -44.90 -27.46
C SER C 340 -6.05 -44.40 -28.34
N GLY C 341 -5.93 -44.41 -29.67
CA GLY C 341 -7.06 -43.77 -30.36
C GLY C 341 -6.76 -42.52 -31.17
N ALA C 342 -5.71 -41.78 -30.80
CA ALA C 342 -5.54 -40.41 -31.28
C ALA C 342 -5.22 -40.27 -32.77
N LYS C 343 -5.78 -39.24 -33.39
CA LYS C 343 -5.48 -38.86 -34.77
C LYS C 343 -4.36 -37.83 -34.77
N ILE C 344 -3.24 -38.16 -35.41
CA ILE C 344 -2.18 -37.17 -35.65
C ILE C 344 -2.61 -36.33 -36.86
N LEU C 345 -2.97 -35.08 -36.61
CA LEU C 345 -3.49 -34.19 -37.66
C LEU C 345 -2.37 -33.61 -38.51
N PHE C 346 -1.18 -33.48 -37.93
CA PHE C 346 0.01 -33.06 -38.66
C PHE C 346 1.26 -33.44 -37.87
N GLY C 347 2.33 -33.76 -38.60
CA GLY C 347 3.64 -34.04 -38.01
C GLY C 347 3.75 -35.43 -37.40
N GLY C 348 4.29 -35.50 -36.18
CA GLY C 348 4.35 -36.76 -35.40
C GLY C 348 5.59 -37.60 -35.65
N SER C 349 6.62 -36.99 -36.22
CA SER C 349 7.86 -37.68 -36.53
C SER C 349 8.96 -36.67 -36.68
N GLN C 350 10.17 -37.16 -36.89
CA GLN C 350 11.28 -36.31 -37.24
C GLN C 350 11.05 -35.80 -38.65
N PRO C 351 11.56 -34.60 -38.98
CA PRO C 351 11.51 -34.14 -40.37
C PRO C 351 12.49 -34.90 -41.23
N SER C 352 12.45 -34.65 -42.53
CA SER C 352 13.41 -35.22 -43.47
C SER C 352 14.30 -34.12 -44.03
N LEU C 353 15.48 -33.97 -43.43
CA LEU C 353 16.40 -32.86 -43.74
C LEU C 353 17.70 -33.37 -44.33
N SER C 354 18.34 -32.50 -45.10
CA SER C 354 19.55 -32.81 -45.86
C SER C 354 20.78 -32.73 -44.97
N GLY C 355 21.86 -33.38 -45.39
CA GLY C 355 23.19 -33.24 -44.77
C GLY C 355 23.25 -33.58 -43.29
N PRO C 356 24.11 -32.86 -42.53
CA PRO C 356 24.30 -33.09 -41.07
C PRO C 356 23.03 -32.96 -40.20
N TYR C 357 22.07 -32.16 -40.67
CA TYR C 357 20.85 -31.86 -39.92
C TYR C 357 19.97 -33.08 -39.67
N ARG C 358 20.02 -34.06 -40.57
CA ARG C 358 19.19 -35.27 -40.40
C ARG C 358 19.53 -36.07 -39.11
N ASN C 359 20.74 -35.91 -38.58
CA ASN C 359 21.15 -36.55 -37.33
C ASN C 359 21.06 -35.65 -36.10
N GLY C 360 20.56 -34.43 -36.30
CA GLY C 360 20.14 -33.56 -35.20
C GLY C 360 18.86 -34.07 -34.56
N TYR C 361 18.46 -33.43 -33.47
CA TYR C 361 17.30 -33.89 -32.69
C TYR C 361 16.07 -33.03 -32.99
N PHE C 362 15.77 -32.90 -34.29
CA PHE C 362 14.63 -32.11 -34.73
C PHE C 362 13.40 -32.96 -34.62
N PHE C 363 12.29 -32.31 -34.32
CA PHE C 363 10.99 -32.97 -34.33
C PHE C 363 9.99 -32.01 -34.95
N LEU C 364 9.11 -32.56 -35.79
CA LEU C 364 8.13 -31.75 -36.51
C LEU C 364 7.09 -31.17 -35.56
N PRO C 365 6.59 -29.97 -35.88
CA PRO C 365 5.38 -29.48 -35.23
C PRO C 365 4.32 -30.56 -35.28
N THR C 366 3.81 -30.95 -34.12
CA THR C 366 2.88 -32.08 -34.05
C THR C 366 1.58 -31.70 -33.38
N ILE C 367 0.48 -31.99 -34.06
CA ILE C 367 -0.85 -31.57 -33.68
C ILE C 367 -1.74 -32.81 -33.63
N ILE C 368 -2.46 -32.99 -32.53
CA ILE C 368 -3.17 -34.24 -32.27
C ILE C 368 -4.64 -33.99 -31.95
N GLY C 369 -5.54 -34.73 -32.60
CA GLY C 369 -6.98 -34.68 -32.33
C GLY C 369 -7.50 -35.99 -31.80
N ASN C 370 -8.80 -36.04 -31.51
CA ASN C 370 -9.41 -37.20 -30.85
C ASN C 370 -8.72 -37.43 -29.52
N ALA C 371 -8.50 -36.33 -28.80
CA ALA C 371 -7.57 -36.27 -27.69
C ALA C 371 -8.28 -36.48 -26.35
N ASP C 372 -7.86 -37.49 -25.60
CA ASP C 372 -8.47 -37.83 -24.30
C ASP C 372 -7.98 -36.85 -23.21
N GLN C 373 -8.92 -36.15 -22.56
CA GLN C 373 -8.62 -35.28 -21.40
C GLN C 373 -7.81 -35.99 -20.30
N LYS C 374 -8.09 -37.29 -20.11
CA LYS C 374 -7.36 -38.14 -19.14
C LYS C 374 -6.02 -38.72 -19.60
N SER C 375 -5.62 -38.51 -20.86
CA SER C 375 -4.41 -39.13 -21.42
C SER C 375 -3.11 -38.48 -20.95
N LYS C 376 -1.99 -39.17 -21.20
CA LYS C 376 -0.63 -38.64 -20.93
C LYS C 376 -0.37 -37.28 -21.61
N ILE C 377 -0.84 -37.15 -22.86
CA ILE C 377 -0.73 -35.89 -23.63
C ILE C 377 -1.36 -34.69 -22.92
N PHE C 378 -2.44 -34.95 -22.18
CA PHE C 378 -3.17 -33.91 -21.46
C PHE C 378 -2.82 -33.78 -19.98
N GLN C 379 -2.18 -34.79 -19.39
CA GLN C 379 -1.91 -34.77 -17.94
C GLN C 379 -0.43 -34.66 -17.54
N GLU C 380 0.51 -35.06 -18.40
CA GLU C 380 1.95 -34.99 -18.08
C GLU C 380 2.66 -33.95 -18.96
N GLU C 381 3.57 -33.18 -18.36
CA GLU C 381 4.35 -32.14 -19.08
C GLU C 381 5.06 -32.72 -20.30
N ILE C 382 4.97 -32.03 -21.44
CA ILE C 382 5.53 -32.49 -22.73
C ILE C 382 6.87 -31.83 -23.03
N PHE C 383 6.90 -30.50 -22.99
CA PHE C 383 8.15 -29.73 -23.13
C PHE C 383 8.79 -29.98 -24.51
N ALA C 384 7.97 -29.90 -25.55
CA ALA C 384 8.35 -30.25 -26.93
C ALA C 384 7.28 -29.69 -27.88
N PRO C 385 7.50 -29.67 -29.22
CA PRO C 385 6.55 -29.02 -30.14
C PRO C 385 5.32 -29.89 -30.52
N VAL C 386 4.60 -30.32 -29.50
CA VAL C 386 3.52 -31.29 -29.63
C VAL C 386 2.37 -30.80 -28.79
N ILE C 387 1.16 -30.88 -29.32
CA ILE C 387 -0.01 -30.47 -28.55
C ILE C 387 -1.26 -31.23 -29.00
N GLY C 388 -2.11 -31.56 -28.04
CA GLY C 388 -3.40 -32.15 -28.32
C GLY C 388 -4.48 -31.10 -28.22
N ALA C 389 -5.53 -31.26 -29.01
CA ALA C 389 -6.65 -30.31 -29.08
C ALA C 389 -7.98 -31.01 -28.77
N ARG C 390 -8.90 -30.23 -28.21
CA ARG C 390 -10.17 -30.76 -27.72
C ARG C 390 -11.25 -29.68 -27.89
N LYS C 391 -12.46 -30.09 -28.22
CA LYS C 391 -13.59 -29.17 -28.39
C LYS C 391 -14.14 -28.75 -27.04
N ILE C 392 -14.73 -27.56 -27.01
CA ILE C 392 -15.50 -27.12 -25.84
C ILE C 392 -16.79 -26.47 -26.31
N SER C 393 -17.78 -26.51 -25.42
CA SER C 393 -19.09 -25.95 -25.70
C SER C 393 -19.72 -25.14 -24.54
N SER C 394 -19.03 -25.00 -23.42
CA SER C 394 -19.50 -24.15 -22.34
C SER C 394 -18.33 -23.62 -21.54
N VAL C 395 -18.56 -22.50 -20.86
CA VAL C 395 -17.53 -21.79 -20.13
C VAL C 395 -17.09 -22.60 -18.90
N GLU C 396 -18.10 -23.08 -18.16
CA GLU C 396 -17.90 -23.88 -16.97
C GLU C 396 -17.05 -25.11 -17.27
N GLU C 397 -17.45 -25.78 -18.36
CA GLU C 397 -16.77 -26.99 -18.85
C GLU C 397 -15.30 -26.70 -19.10
N MET C 398 -15.09 -25.59 -19.81
CA MET C 398 -13.74 -25.13 -20.18
C MET C 398 -12.90 -24.94 -18.93
N CYS C 399 -13.49 -24.26 -17.96
CA CYS C 399 -12.84 -23.97 -16.68
C CYS C 399 -12.41 -25.27 -16.00
N ASP C 400 -13.34 -26.20 -15.98
CA ASP C 400 -13.13 -27.52 -15.37
C ASP C 400 -11.94 -28.22 -16.03
N LEU C 401 -11.94 -28.18 -17.35
CA LEU C 401 -10.88 -28.78 -18.15
C LEU C 401 -9.52 -28.18 -17.80
N ALA C 402 -9.51 -26.85 -17.70
CA ALA C 402 -8.31 -26.10 -17.38
C ALA C 402 -7.78 -26.55 -16.01
N ASN C 403 -8.70 -26.67 -15.04
CA ASN C 403 -8.31 -26.91 -13.68
C ASN C 403 -7.92 -28.34 -13.44
N ASP C 404 -8.35 -29.25 -14.32
CA ASP C 404 -8.04 -30.68 -14.23
C ASP C 404 -6.57 -30.99 -14.60
N ASN C 405 -5.67 -30.68 -13.67
CA ASN C 405 -4.22 -30.78 -13.85
C ASN C 405 -3.52 -30.68 -12.50
N LYS C 406 -2.48 -31.48 -12.33
CA LYS C 406 -1.70 -31.37 -11.13
C LYS C 406 -1.02 -30.02 -11.18
N TYR C 407 -0.48 -29.68 -12.36
CA TYR C 407 0.25 -28.43 -12.57
C TYR C 407 -0.61 -27.18 -12.74
N GLY C 408 -0.02 -26.03 -12.43
CA GLY C 408 -0.65 -24.72 -12.59
C GLY C 408 0.26 -23.60 -13.05
N LEU C 409 1.22 -23.87 -13.93
CA LEU C 409 2.17 -22.82 -14.31
C LEU C 409 1.68 -21.56 -15.04
N ALA C 410 0.79 -21.69 -16.02
CA ALA C 410 0.35 -20.53 -16.79
C ALA C 410 -1.06 -20.66 -17.36
N SER C 411 -1.64 -19.55 -17.77
CA SER C 411 -2.98 -19.56 -18.33
C SER C 411 -3.03 -18.79 -19.62
N TYR C 412 -3.94 -19.18 -20.51
CA TYR C 412 -4.11 -18.49 -21.77
C TYR C 412 -5.58 -18.37 -22.11
N LEU C 413 -5.98 -17.26 -22.73
CA LEU C 413 -7.39 -17.14 -23.11
C LEU C 413 -7.59 -16.12 -24.23
N PHE C 414 -8.27 -16.53 -25.30
CA PHE C 414 -8.67 -15.60 -26.36
C PHE C 414 -10.19 -15.48 -26.46
N THR C 415 -10.70 -14.28 -26.19
CA THR C 415 -12.13 -13.98 -26.29
C THR C 415 -12.33 -12.48 -26.26
N LYS C 416 -13.48 -12.04 -26.75
CA LYS C 416 -13.90 -10.65 -26.63
C LYS C 416 -15.09 -10.49 -25.69
N ASP C 417 -15.47 -11.53 -24.95
CA ASP C 417 -16.56 -11.46 -23.99
C ASP C 417 -16.00 -11.10 -22.61
N PRO C 418 -16.29 -9.87 -22.12
CA PRO C 418 -15.68 -9.36 -20.92
C PRO C 418 -16.06 -10.19 -19.72
N ASN C 419 -17.32 -10.65 -19.69
CA ASN C 419 -17.85 -11.40 -18.57
C ASN C 419 -17.03 -12.66 -18.33
N ILE C 420 -16.78 -13.35 -19.45
CA ILE C 420 -16.01 -14.61 -19.45
C ILE C 420 -14.63 -14.36 -18.87
N ILE C 421 -14.02 -13.27 -19.34
CA ILE C 421 -12.67 -12.88 -18.91
C ILE C 421 -12.64 -12.66 -17.40
N PHE C 422 -13.66 -11.94 -16.93
CA PHE C 422 -13.80 -11.60 -15.51
C PHE C 422 -13.88 -12.92 -14.68
N GLU C 423 -14.71 -13.81 -15.18
CA GLU C 423 -14.98 -15.06 -14.50
C GLU C 423 -13.74 -15.92 -14.39
N ALA C 424 -13.01 -15.98 -15.50
CA ALA C 424 -11.76 -16.76 -15.54
C ALA C 424 -10.75 -16.17 -14.60
N SER C 425 -10.68 -14.83 -14.48
CA SER C 425 -9.83 -14.21 -13.47
C SER C 425 -9.95 -14.88 -12.09
N GLU C 426 -11.13 -15.33 -11.67
CA GLU C 426 -11.28 -16.09 -10.42
C GLU C 426 -11.34 -17.62 -10.59
N ARG C 427 -11.99 -18.11 -11.64
CA ARG C 427 -12.22 -19.56 -11.80
C ARG C 427 -11.01 -20.40 -12.29
N ILE C 428 -10.14 -19.81 -13.11
CA ILE C 428 -8.92 -20.48 -13.59
C ILE C 428 -7.81 -20.38 -12.53
N ARG C 429 -7.51 -21.50 -11.88
CA ARG C 429 -6.61 -21.47 -10.71
C ARG C 429 -5.13 -21.58 -11.10
N PHE C 430 -4.63 -20.54 -11.77
CA PHE C 430 -3.28 -20.51 -12.34
C PHE C 430 -2.58 -19.19 -12.04
N GLY C 431 -1.27 -19.25 -11.83
CA GLY C 431 -0.46 -18.10 -11.41
C GLY C 431 -0.39 -16.96 -12.42
N GLU C 432 -0.38 -17.29 -13.70
CA GLU C 432 -0.52 -16.29 -14.76
C GLU C 432 -1.61 -16.71 -15.75
N LEU C 433 -2.47 -15.76 -16.10
CA LEU C 433 -3.45 -15.90 -17.17
C LEU C 433 -3.14 -14.81 -18.21
N TYR C 434 -2.76 -15.22 -19.41
CA TYR C 434 -2.50 -14.28 -20.49
C TYR C 434 -3.76 -14.18 -21.38
N VAL C 435 -4.37 -13.00 -21.41
CA VAL C 435 -5.66 -12.79 -22.08
C VAL C 435 -5.45 -11.98 -23.35
N ASN C 436 -5.69 -12.62 -24.50
CA ASN C 436 -5.52 -12.03 -25.83
C ASN C 436 -4.11 -11.51 -26.12
N MET C 437 -3.10 -12.13 -25.52
CA MET C 437 -1.71 -11.74 -25.74
C MET C 437 -0.77 -12.85 -25.30
N PRO C 438 0.46 -12.84 -25.83
CA PRO C 438 1.47 -13.80 -25.37
C PRO C 438 2.20 -13.34 -24.10
N GLY C 439 3.04 -14.21 -23.54
CA GLY C 439 3.80 -13.82 -22.35
C GLY C 439 4.64 -12.57 -22.57
N TYR C 462 10.17 -8.68 -5.12
CA TYR C 462 9.95 -9.85 -4.25
C TYR C 462 11.09 -10.87 -4.49
N GLY C 463 11.38 -11.08 -5.78
CA GLY C 463 12.30 -12.11 -6.19
C GLY C 463 13.69 -11.84 -5.62
N ILE C 464 14.11 -10.58 -5.74
CA ILE C 464 15.44 -10.18 -5.23
C ILE C 464 15.49 -10.36 -3.72
N SER C 465 14.40 -10.01 -3.03
CA SER C 465 14.30 -10.16 -1.60
C SER C 465 14.40 -11.61 -1.19
N GLU C 466 13.82 -12.54 -1.96
CA GLU C 466 14.09 -13.96 -1.74
C GLU C 466 15.53 -14.31 -1.34
N TYR C 467 16.56 -13.65 -1.87
CA TYR C 467 17.97 -13.92 -1.50
C TYR C 467 18.51 -13.24 -0.22
N LEU C 468 17.66 -12.50 0.49
CA LEU C 468 18.01 -11.83 1.75
C LEU C 468 17.22 -12.38 2.93
N LYS C 469 17.89 -12.50 4.06
CA LYS C 469 17.30 -12.93 5.33
C LYS C 469 17.15 -11.72 6.26
N LEU C 470 15.96 -11.57 6.86
CA LEU C 470 15.75 -10.49 7.81
C LEU C 470 16.25 -10.95 9.17
N LYS C 471 16.96 -10.07 9.88
CA LYS C 471 17.23 -10.25 11.30
C LYS C 471 16.83 -9.02 12.10
N ASN C 472 16.21 -9.24 13.25
CA ASN C 472 15.69 -8.17 14.11
C ASN C 472 16.52 -8.07 15.38
N ILE C 473 16.73 -6.85 15.86
CA ILE C 473 17.38 -6.62 17.15
C ILE C 473 16.47 -5.71 17.96
N TYR C 474 15.93 -6.24 19.05
CA TYR C 474 14.99 -5.54 19.92
C TYR C 474 15.77 -4.98 21.11
N VAL C 475 15.76 -3.66 21.29
CA VAL C 475 16.55 -2.99 22.34
C VAL C 475 15.63 -2.17 23.25
N ASP C 476 15.83 -2.27 24.55
CA ASP C 476 15.19 -1.41 25.56
C ASP C 476 16.31 -0.59 26.19
N TYR C 477 16.21 0.73 26.07
CA TYR C 477 17.22 1.64 26.61
C TYR C 477 16.60 2.61 27.64
N SER C 478 15.50 2.18 28.28
CA SER C 478 14.84 2.98 29.33
C SER C 478 15.72 3.12 30.57
N GLY C 479 16.47 2.08 30.90
CA GLY C 479 17.23 2.03 32.15
C GLY C 479 16.37 2.02 33.42
N LYS C 480 15.10 1.63 33.28
CA LYS C 480 14.13 1.64 34.38
C LYS C 480 13.80 0.19 34.77
N PRO C 481 13.19 -0.03 35.96
CA PRO C 481 12.83 -1.40 36.36
C PRO C 481 11.82 -2.05 35.42
N LEU C 482 12.09 -3.28 35.00
CA LEU C 482 11.18 -4.05 34.14
C LEU C 482 10.08 -4.66 35.00
N HIS C 483 8.89 -4.84 34.40
CA HIS C 483 7.77 -5.51 35.05
C HIS C 483 7.25 -6.56 34.09
N ILE C 484 7.25 -7.82 34.52
CA ILE C 484 6.82 -8.95 33.70
C ILE C 484 5.65 -9.60 34.45
N ASN C 485 4.49 -9.69 33.80
CA ASN C 485 3.26 -10.10 34.47
C ASN C 485 3.42 -11.36 35.34
N THR C 486 4.11 -12.36 34.82
CA THR C 486 4.24 -13.67 35.46
C THR C 486 5.44 -13.83 36.40
N VAL C 487 6.27 -12.78 36.52
CA VAL C 487 7.37 -12.74 37.49
C VAL C 487 6.97 -11.78 38.61
N ARG C 488 6.78 -12.30 39.82
CA ARG C 488 6.33 -11.49 40.95
C ARG C 488 7.38 -10.46 41.38
N ASP C 489 6.97 -9.18 41.44
CA ASP C 489 7.88 -8.11 41.86
C ASP C 489 8.21 -8.14 43.35
N ASP C 490 7.38 -8.83 44.15
CA ASP C 490 7.72 -9.05 45.56
C ASP C 490 8.92 -10.01 45.77
N LEU C 491 9.40 -10.66 44.71
CA LEU C 491 10.72 -11.33 44.74
C LEU C 491 11.89 -10.33 44.77
N PHE C 492 11.63 -9.09 44.35
CA PHE C 492 12.66 -8.04 44.28
C PHE C 492 12.39 -6.84 45.22
N GLN C 493 11.49 -7.01 46.20
CA GLN C 493 11.63 -6.26 47.48
C GLN C 493 12.19 -7.31 48.45
N SER C 494 13.46 -7.17 48.88
CA SER C 494 14.26 -8.33 49.37
C SER C 494 13.89 -8.81 50.78
N MET D 1 -13.08 -33.67 29.56
CA MET D 1 -14.06 -33.61 28.44
C MET D 1 -13.66 -34.63 27.38
N ASP D 2 -14.66 -35.13 26.66
CA ASP D 2 -14.42 -36.03 25.52
C ASP D 2 -14.55 -35.24 24.22
N THR D 3 -13.45 -35.13 23.47
CA THR D 3 -13.49 -34.40 22.21
C THR D 3 -13.76 -35.33 21.04
N LYS D 4 -14.30 -34.76 19.97
CA LYS D 4 -14.71 -35.51 18.78
C LYS D 4 -14.06 -34.88 17.54
N LEU D 5 -14.43 -35.39 16.38
CA LEU D 5 -14.01 -34.82 15.09
C LEU D 5 -15.12 -33.93 14.55
N TYR D 6 -14.72 -33.04 13.64
CA TYR D 6 -15.66 -32.14 12.97
C TYR D 6 -15.32 -32.12 11.49
N ILE D 7 -15.92 -32.97 10.71
CA ILE D 7 -15.71 -32.98 9.24
C ILE D 7 -17.02 -32.58 8.60
N ASP D 8 -16.97 -31.66 7.62
CA ASP D 8 -18.16 -31.24 6.84
C ASP D 8 -19.36 -30.91 7.75
N GLY D 9 -19.08 -30.10 8.79
CA GLY D 9 -20.13 -29.68 9.69
C GLY D 9 -20.77 -30.84 10.44
N GLN D 10 -19.97 -31.86 10.79
CA GLN D 10 -20.52 -33.03 11.45
C GLN D 10 -19.63 -33.42 12.62
N TRP D 11 -20.17 -33.22 13.83
CA TRP D 11 -19.47 -33.68 15.03
C TRP D 11 -19.60 -35.21 15.01
N VAL D 12 -18.51 -35.88 14.69
CA VAL D 12 -18.56 -37.35 14.47
C VAL D 12 -17.46 -38.07 15.26
N ASN D 13 -17.62 -39.38 15.37
CA ASN D 13 -16.60 -40.24 15.97
C ASN D 13 -15.63 -40.72 14.90
N SER D 14 -14.48 -41.24 15.33
CA SER D 14 -13.54 -41.89 14.43
C SER D 14 -14.23 -43.06 13.71
N SER D 15 -13.89 -43.28 12.44
CA SER D 15 -14.47 -44.39 11.66
C SER D 15 -14.03 -45.78 12.16
N SER D 16 -12.83 -45.86 12.74
CA SER D 16 -12.31 -47.10 13.33
C SER D 16 -12.91 -47.41 14.70
N GLY D 17 -13.53 -46.42 15.32
CA GLY D 17 -14.05 -46.56 16.68
C GLY D 17 -13.05 -46.30 17.80
N LYS D 18 -11.76 -46.10 17.47
CA LYS D 18 -10.71 -46.01 18.49
C LYS D 18 -10.60 -44.59 19.09
N THR D 19 -10.17 -44.52 20.35
CA THR D 19 -9.87 -43.24 21.04
C THR D 19 -8.50 -43.29 21.71
N VAL D 20 -8.01 -42.12 22.10
CA VAL D 20 -6.77 -41.98 22.88
C VAL D 20 -7.08 -41.23 24.18
N ASP D 21 -6.47 -41.65 25.27
CA ASP D 21 -6.72 -41.06 26.58
C ASP D 21 -5.91 -39.76 26.71
N LYS D 22 -6.48 -38.77 27.39
CA LYS D 22 -5.78 -37.52 27.69
C LYS D 22 -5.50 -37.45 29.18
N TYR D 23 -4.22 -37.31 29.54
CA TYR D 23 -3.81 -37.24 30.94
C TYR D 23 -3.66 -35.80 31.42
N SER D 24 -3.99 -35.56 32.69
CA SER D 24 -3.72 -34.28 33.34
C SER D 24 -2.25 -34.23 33.72
N PRO D 25 -1.51 -33.20 33.28
CA PRO D 25 -0.14 -33.06 33.75
C PRO D 25 -0.02 -32.62 35.21
N VAL D 26 -1.11 -32.17 35.81
CA VAL D 26 -1.17 -31.78 37.21
C VAL D 26 -1.36 -32.99 38.15
N THR D 27 -2.24 -33.92 37.79
CA THR D 27 -2.55 -35.10 38.63
C THR D 27 -1.99 -36.43 38.08
N GLY D 28 -1.69 -36.48 36.78
CA GLY D 28 -1.24 -37.70 36.13
C GLY D 28 -2.33 -38.74 35.90
N GLN D 29 -3.59 -38.32 36.08
CA GLN D 29 -4.75 -39.18 35.88
C GLN D 29 -5.38 -38.83 34.53
N VAL D 30 -6.04 -39.82 33.93
CA VAL D 30 -6.80 -39.59 32.71
C VAL D 30 -7.96 -38.64 33.03
N ILE D 31 -8.12 -37.57 32.24
CA ILE D 31 -9.21 -36.60 32.44
C ILE D 31 -10.14 -36.41 31.22
N GLY D 32 -9.90 -37.16 30.16
CA GLY D 32 -10.62 -36.98 28.91
C GLY D 32 -10.20 -37.97 27.85
N ARG D 33 -10.87 -37.88 26.70
CA ARG D 33 -10.57 -38.72 25.54
C ARG D 33 -10.77 -37.91 24.29
N MET D 34 -10.06 -38.32 23.24
CA MET D 34 -10.10 -37.73 21.90
C MET D 34 -10.15 -38.82 20.82
N GLU D 35 -10.96 -38.64 19.77
CA GLU D 35 -11.13 -39.67 18.75
C GLU D 35 -9.83 -39.84 17.97
N ALA D 36 -9.47 -41.08 17.65
CA ALA D 36 -8.27 -41.38 16.87
C ALA D 36 -8.64 -41.55 15.40
N ALA D 37 -8.60 -40.45 14.66
CA ALA D 37 -9.06 -40.45 13.27
C ALA D 37 -8.27 -41.41 12.39
N THR D 38 -8.94 -41.98 11.39
CA THR D 38 -8.29 -42.84 10.39
C THR D 38 -7.86 -42.04 9.20
N ARG D 39 -7.08 -42.68 8.33
CA ARG D 39 -6.76 -42.14 7.02
C ARG D 39 -8.04 -41.73 6.30
N ASP D 40 -9.05 -42.61 6.39
CA ASP D 40 -10.32 -42.42 5.70
C ASP D 40 -10.97 -41.11 6.15
N ASP D 41 -10.97 -40.91 7.47
CA ASP D 41 -11.54 -39.70 8.06
C ASP D 41 -10.86 -38.46 7.53
N VAL D 42 -9.53 -38.53 7.49
CA VAL D 42 -8.69 -37.44 6.99
C VAL D 42 -9.08 -37.08 5.57
N ASP D 43 -9.21 -38.15 4.76
CA ASP D 43 -9.57 -38.03 3.35
C ASP D 43 -10.90 -37.31 3.21
N ARG D 44 -11.85 -37.75 4.03
CA ARG D 44 -13.21 -37.20 4.03
C ARG D 44 -13.17 -35.71 4.33
N ALA D 45 -12.38 -35.37 5.35
CA ALA D 45 -12.20 -33.98 5.79
C ALA D 45 -11.68 -33.13 4.63
N ILE D 46 -10.66 -33.68 3.97
CA ILE D 46 -10.03 -33.01 2.84
C ILE D 46 -11.05 -32.73 1.73
N ASP D 47 -11.85 -33.76 1.45
CA ASP D 47 -12.88 -33.69 0.44
C ASP D 47 -13.89 -32.59 0.76
N ALA D 48 -14.29 -32.54 2.03
CA ALA D 48 -15.22 -31.55 2.54
C ALA D 48 -14.67 -30.15 2.31
N ALA D 49 -13.39 -29.99 2.66
CA ALA D 49 -12.67 -28.72 2.51
C ALA D 49 -12.71 -28.27 1.05
N GLU D 50 -12.42 -29.22 0.18
CA GLU D 50 -12.39 -28.99 -1.27
C GLU D 50 -13.75 -28.50 -1.76
N ASP D 51 -14.80 -29.18 -1.27
CA ASP D 51 -16.17 -28.88 -1.63
C ASP D 51 -16.50 -27.44 -1.20
N ALA D 52 -16.09 -27.09 0.02
CA ALA D 52 -16.50 -25.84 0.60
C ALA D 52 -15.73 -24.69 0.05
N PHE D 53 -14.71 -24.93 -0.76
CA PHE D 53 -13.66 -23.92 -0.94
C PHE D 53 -14.27 -22.73 -1.71
N TRP D 54 -14.88 -23.10 -2.84
CA TRP D 54 -15.36 -22.12 -3.82
C TRP D 54 -16.39 -21.19 -3.19
N ALA D 55 -17.31 -21.80 -2.45
CA ALA D 55 -18.38 -21.07 -1.76
C ALA D 55 -17.76 -20.04 -0.80
N TRP D 56 -16.78 -20.52 -0.04
CA TRP D 56 -16.08 -19.70 0.94
C TRP D 56 -15.43 -18.48 0.26
N ASN D 57 -14.78 -18.77 -0.86
CA ASN D 57 -14.08 -17.77 -1.65
C ASN D 57 -15.08 -16.70 -2.13
N ASP D 58 -16.24 -17.17 -2.61
CA ASP D 58 -17.22 -16.28 -3.19
C ASP D 58 -17.81 -15.39 -2.16
N LEU D 59 -17.81 -15.73 -0.86
CA LEU D 59 -18.40 -14.87 0.13
C LEU D 59 -17.73 -13.53 0.23
N GLY D 60 -16.45 -13.44 -0.14
CA GLY D 60 -15.73 -12.19 -0.14
C GLY D 60 -15.12 -11.97 1.22
N SER D 61 -14.13 -11.08 1.27
CA SER D 61 -13.36 -10.96 2.49
C SER D 61 -14.24 -10.44 3.62
N VAL D 62 -15.13 -9.50 3.28
CA VAL D 62 -15.86 -8.73 4.25
C VAL D 62 -16.71 -9.65 5.13
N GLU D 63 -17.43 -10.54 4.44
CA GLU D 63 -18.30 -11.50 5.10
C GLU D 63 -17.51 -12.39 6.06
N ARG D 64 -16.35 -12.84 5.57
CA ARG D 64 -15.47 -13.69 6.35
C ARG D 64 -15.05 -12.97 7.64
N SER D 65 -14.66 -11.71 7.45
CA SER D 65 -14.21 -10.85 8.54
C SER D 65 -15.28 -10.69 9.57
N LYS D 66 -16.54 -10.49 9.12
CA LYS D 66 -17.69 -10.37 9.98
C LYS D 66 -17.77 -11.59 10.93
N ILE D 67 -17.69 -12.75 10.26
CA ILE D 67 -17.78 -14.04 10.95
C ILE D 67 -16.70 -14.16 12.01
N ILE D 68 -15.49 -13.78 11.60
CA ILE D 68 -14.32 -13.82 12.47
C ILE D 68 -14.53 -12.95 13.71
N TYR D 69 -15.05 -11.76 13.47
CA TYR D 69 -15.35 -10.80 14.52
C TYR D 69 -16.33 -11.39 15.52
N ARG D 70 -17.38 -12.01 14.97
CA ARG D 70 -18.42 -12.66 15.77
C ARG D 70 -17.80 -13.72 16.67
N ALA D 71 -16.93 -14.53 16.06
CA ALA D 71 -16.23 -15.61 16.75
C ALA D 71 -15.43 -15.07 17.92
N LYS D 72 -14.71 -13.99 17.63
CA LYS D 72 -13.86 -13.30 18.62
C LYS D 72 -14.71 -12.86 19.81
N GLU D 73 -15.84 -12.25 19.48
CA GLU D 73 -16.78 -11.74 20.47
C GLU D 73 -17.26 -12.87 21.38
N LEU D 74 -17.61 -13.98 20.74
CA LEU D 74 -18.08 -15.18 21.43
C LEU D 74 -17.02 -15.68 22.42
N ILE D 75 -15.80 -15.73 21.92
CA ILE D 75 -14.64 -16.16 22.70
C ILE D 75 -14.47 -15.28 23.95
N GLU D 76 -14.58 -13.98 23.72
CA GLU D 76 -14.47 -12.99 24.78
C GLU D 76 -15.52 -13.22 25.86
N LYS D 77 -16.74 -13.45 25.37
CA LYS D 77 -17.89 -13.72 26.24
C LYS D 77 -17.62 -14.94 27.13
N ASN D 78 -17.02 -15.99 26.58
CA ASN D 78 -16.82 -17.25 27.30
C ASN D 78 -15.33 -17.64 27.59
N ARG D 79 -14.44 -16.64 27.64
CA ARG D 79 -13.02 -16.77 27.81
C ARG D 79 -12.66 -17.58 29.02
N ALA D 80 -13.50 -17.47 30.07
CA ALA D 80 -13.27 -18.15 31.34
C ALA D 80 -13.16 -19.65 31.12
N GLU D 81 -14.10 -20.18 30.34
CA GLU D 81 -14.16 -21.59 30.01
C GLU D 81 -12.86 -22.04 29.36
N LEU D 82 -12.43 -21.24 28.39
CA LEU D 82 -11.19 -21.50 27.64
C LEU D 82 -10.01 -21.57 28.59
N GLU D 83 -9.96 -20.59 29.49
CA GLU D 83 -8.90 -20.48 30.49
C GLU D 83 -8.84 -21.76 31.33
N ASN D 84 -10.02 -22.16 31.77
CA ASN D 84 -10.18 -23.35 32.60
C ASN D 84 -9.66 -24.58 31.89
N ILE D 85 -10.03 -24.69 30.61
CA ILE D 85 -9.61 -25.80 29.75
C ILE D 85 -8.09 -25.86 29.66
N ILE D 86 -7.51 -24.68 29.45
CA ILE D 86 -6.05 -24.54 29.34
C ILE D 86 -5.38 -25.04 30.62
N MET D 87 -5.94 -24.60 31.75
CA MET D 87 -5.44 -24.97 33.06
C MET D 87 -5.47 -26.50 33.25
N GLU D 88 -6.59 -27.08 32.84
CA GLU D 88 -6.79 -28.52 32.90
C GLU D 88 -5.74 -29.28 32.07
N GLU D 89 -5.55 -28.84 30.82
CA GLU D 89 -4.85 -29.64 29.84
C GLU D 89 -3.36 -29.43 29.92
N ASN D 90 -2.94 -28.19 30.18
CA ASN D 90 -1.51 -27.87 30.27
C ASN D 90 -0.97 -27.55 31.67
N GLY D 91 -1.86 -27.35 32.64
CA GLY D 91 -1.42 -27.03 34.00
C GLY D 91 -0.73 -25.69 34.13
N LYS D 92 -0.95 -24.79 33.18
CA LYS D 92 -0.33 -23.47 33.19
C LYS D 92 -0.85 -22.70 34.39
N PRO D 93 0.01 -21.93 35.05
CA PRO D 93 -0.49 -20.99 36.07
C PRO D 93 -1.60 -20.10 35.49
N VAL D 94 -2.57 -19.76 36.33
CA VAL D 94 -3.81 -19.08 35.92
C VAL D 94 -3.49 -17.86 35.09
N LYS D 95 -2.50 -17.10 35.60
CA LYS D 95 -2.07 -15.83 34.99
C LYS D 95 -1.66 -16.08 33.55
N GLU D 96 -0.83 -17.11 33.38
CA GLU D 96 -0.29 -17.49 32.07
C GLU D 96 -1.43 -17.80 31.11
N ALA D 97 -2.39 -18.58 31.60
CA ALA D 97 -3.56 -18.99 30.84
C ALA D 97 -4.32 -17.77 30.34
N LYS D 98 -4.53 -16.85 31.29
CA LYS D 98 -5.24 -15.60 31.03
C LYS D 98 -4.57 -14.82 29.92
N GLU D 99 -3.26 -14.73 30.05
CA GLU D 99 -2.39 -14.01 29.09
C GLU D 99 -2.57 -14.59 27.71
N GLU D 100 -2.52 -15.92 27.67
CA GLU D 100 -2.65 -16.68 26.41
C GLU D 100 -3.98 -16.35 25.74
N VAL D 101 -5.04 -16.37 26.57
CA VAL D 101 -6.38 -16.10 26.10
C VAL D 101 -6.46 -14.70 25.48
N ASP D 102 -5.86 -13.76 26.20
CA ASP D 102 -5.81 -12.35 25.79
C ASP D 102 -5.17 -12.24 24.43
N GLY D 103 -4.04 -12.93 24.32
CA GLY D 103 -3.22 -12.95 23.08
C GLY D 103 -4.01 -13.44 21.94
N VAL D 104 -4.73 -14.54 22.19
CA VAL D 104 -5.60 -15.21 21.19
C VAL D 104 -6.60 -14.20 20.66
N ILE D 105 -7.25 -13.52 21.62
CA ILE D 105 -8.30 -12.56 21.33
C ILE D 105 -7.73 -11.45 20.40
N ASP D 106 -6.57 -10.98 20.82
CA ASP D 106 -5.94 -9.83 20.15
C ASP D 106 -5.56 -10.19 18.76
N GLN D 107 -5.00 -11.34 18.61
CA GLN D 107 -4.56 -11.86 17.26
C GLN D 107 -5.75 -11.99 16.40
N ILE D 108 -6.86 -12.52 16.94
CA ILE D 108 -8.10 -12.66 16.14
C ILE D 108 -8.57 -11.32 15.64
N GLN D 109 -8.53 -10.33 16.54
CA GLN D 109 -8.96 -8.97 16.23
C GLN D 109 -8.11 -8.40 15.07
N TYR D 110 -6.81 -8.62 15.22
CA TYR D 110 -5.82 -8.08 14.28
C TYR D 110 -6.06 -8.67 12.90
N TYR D 111 -6.24 -9.97 12.89
CA TYR D 111 -6.44 -10.67 11.60
C TYR D 111 -7.74 -10.24 10.98
N ALA D 112 -8.77 -10.01 11.79
CA ALA D 112 -10.04 -9.50 11.25
C ALA D 112 -9.87 -8.14 10.60
N GLU D 113 -9.11 -7.28 11.28
CA GLU D 113 -8.79 -5.96 10.78
C GLU D 113 -8.08 -6.00 9.43
N TRP D 114 -7.50 -7.07 8.90
CA TRP D 114 -6.99 -7.00 7.48
C TRP D 114 -8.04 -7.17 6.33
N ALA D 115 -9.32 -7.35 6.67
CA ALA D 115 -10.39 -7.39 5.64
C ALA D 115 -10.35 -6.18 4.73
N ARG D 116 -10.46 -6.45 3.42
CA ARG D 116 -10.45 -5.42 2.37
C ARG D 116 -9.15 -4.60 2.30
N LYS D 117 -8.08 -5.05 2.95
CA LYS D 117 -6.84 -4.27 2.95
C LYS D 117 -5.74 -4.98 2.18
N LEU D 118 -5.89 -6.28 1.95
CA LEU D 118 -5.13 -6.99 0.93
C LEU D 118 -6.04 -7.08 -0.33
N ASN D 119 -6.42 -5.91 -0.88
CA ASN D 119 -7.05 -5.80 -2.21
C ASN D 119 -6.08 -6.11 -3.37
N GLY D 120 -6.63 -6.44 -4.53
CA GLY D 120 -5.85 -6.53 -5.78
C GLY D 120 -5.36 -5.20 -6.32
N GLU D 121 -4.43 -5.24 -7.29
CA GLU D 121 -3.72 -4.05 -7.82
C GLU D 121 -3.59 -4.09 -9.35
N VAL D 122 -3.55 -2.91 -9.97
CA VAL D 122 -3.54 -2.77 -11.43
C VAL D 122 -2.34 -1.95 -11.82
N VAL D 123 -1.46 -2.52 -12.63
CA VAL D 123 -0.24 -1.83 -13.04
C VAL D 123 -0.15 -1.76 -14.56
N GLU D 124 0.67 -0.84 -15.05
CA GLU D 124 0.86 -0.66 -16.49
C GLU D 124 1.47 -1.89 -17.15
N GLY D 125 1.00 -2.16 -18.37
CA GLY D 125 1.59 -3.16 -19.26
C GLY D 125 2.75 -2.55 -20.05
N THR D 126 3.08 -3.17 -21.18
CA THR D 126 4.16 -2.70 -22.06
C THR D 126 3.72 -1.69 -23.15
N SER D 127 2.42 -1.35 -23.16
CA SER D 127 1.89 -0.27 -23.98
C SER D 127 0.73 0.41 -23.26
N SER D 128 0.24 1.52 -23.83
CA SER D 128 -0.88 2.27 -23.26
C SER D 128 -2.22 1.53 -23.30
N HIS D 129 -2.33 0.51 -24.15
CA HIS D 129 -3.54 -0.33 -24.21
C HIS D 129 -3.33 -1.75 -23.62
N ARG D 130 -2.42 -1.85 -22.66
CA ARG D 130 -2.16 -3.11 -21.94
C ARG D 130 -2.13 -2.87 -20.44
N LYS D 131 -2.75 -3.77 -19.68
CA LYS D 131 -2.73 -3.71 -18.22
C LYS D 131 -2.44 -5.06 -17.62
N ILE D 132 -1.84 -5.07 -16.43
CA ILE D 132 -1.59 -6.29 -15.67
C ILE D 132 -2.38 -6.17 -14.37
N PHE D 133 -3.33 -7.07 -14.16
CA PHE D 133 -4.14 -7.12 -12.95
C PHE D 133 -3.53 -8.12 -11.98
N GLN D 134 -3.28 -7.72 -10.73
CA GLN D 134 -2.69 -8.60 -9.71
C GLN D 134 -3.64 -8.86 -8.58
N TYR D 135 -4.23 -10.05 -8.60
CA TYR D 135 -5.14 -10.48 -7.60
C TYR D 135 -4.39 -11.30 -6.58
N LYS D 136 -4.86 -11.22 -5.35
CA LYS D 136 -4.32 -12.04 -4.26
C LYS D 136 -5.43 -13.01 -3.91
N VAL D 137 -5.12 -14.31 -4.01
CA VAL D 137 -6.13 -15.37 -3.86
C VAL D 137 -5.67 -16.46 -2.90
N PRO D 138 -6.62 -17.24 -2.35
CA PRO D 138 -6.21 -18.30 -1.43
C PRO D 138 -5.33 -19.37 -2.09
N TYR D 139 -4.55 -20.09 -1.29
CA TYR D 139 -3.86 -21.28 -1.76
C TYR D 139 -4.81 -22.45 -1.96
N GLY D 140 -5.89 -22.50 -1.20
CA GLY D 140 -6.92 -23.52 -1.33
C GLY D 140 -7.15 -24.25 -0.03
N ILE D 141 -6.67 -25.49 0.04
CA ILE D 141 -6.82 -26.35 1.22
C ILE D 141 -5.59 -26.27 2.12
N VAL D 142 -5.80 -25.79 3.35
CA VAL D 142 -4.73 -25.56 4.33
C VAL D 142 -4.80 -26.63 5.40
N VAL D 143 -3.67 -27.26 5.70
CA VAL D 143 -3.54 -28.11 6.87
C VAL D 143 -2.79 -27.35 7.94
N ALA D 144 -3.39 -27.28 9.12
CA ALA D 144 -2.82 -26.55 10.24
C ALA D 144 -2.43 -27.54 11.31
N LEU D 145 -1.16 -27.53 11.69
CA LEU D 145 -0.64 -28.45 12.69
C LEU D 145 -0.15 -27.63 13.86
N THR D 146 -0.91 -27.65 14.96
CA THR D 146 -0.59 -26.83 16.11
C THR D 146 0.03 -27.63 17.24
N PRO D 147 1.00 -27.02 17.95
CA PRO D 147 1.67 -27.68 19.02
C PRO D 147 0.88 -27.60 20.32
N TRP D 148 1.45 -28.24 21.34
CA TRP D 148 0.80 -28.37 22.65
C TRP D 148 1.13 -27.21 23.59
N ASN D 149 2.25 -26.54 23.34
CA ASN D 149 2.79 -25.57 24.28
C ASN D 149 1.97 -24.28 24.40
N PHE D 150 1.46 -23.78 23.28
CA PHE D 150 0.48 -22.69 23.29
C PHE D 150 -0.72 -23.13 22.47
N PRO D 151 -1.53 -24.03 23.06
CA PRO D 151 -2.54 -24.79 22.33
C PRO D 151 -3.79 -24.01 21.92
N ALA D 152 -3.92 -22.76 22.39
CA ALA D 152 -5.00 -21.87 21.93
C ALA D 152 -4.40 -20.80 21.02
N GLY D 153 -3.31 -20.20 21.49
CA GLY D 153 -2.69 -19.08 20.84
C GLY D 153 -2.24 -19.46 19.43
N MET D 154 -1.60 -20.62 19.35
CA MET D 154 -1.12 -21.10 18.05
C MET D 154 -2.25 -21.36 17.11
N VAL D 155 -3.34 -21.92 17.63
CA VAL D 155 -4.56 -22.17 16.85
C VAL D 155 -5.08 -20.85 16.25
N ALA D 156 -5.14 -19.85 17.12
CA ALA D 156 -5.61 -18.52 16.76
C ALA D 156 -4.77 -17.94 15.62
N ARG D 157 -3.45 -18.09 15.80
CA ARG D 157 -2.48 -17.61 14.81
C ARG D 157 -2.73 -18.25 13.46
N LYS D 158 -2.94 -19.58 13.51
CA LYS D 158 -3.14 -20.35 12.29
C LYS D 158 -4.47 -20.16 11.55
N LEU D 159 -5.55 -20.41 12.31
CA LEU D 159 -6.90 -20.41 11.77
C LEU D 159 -7.32 -19.07 11.24
N ALA D 160 -7.15 -18.03 12.05
CA ALA D 160 -7.72 -16.72 11.68
C ALA D 160 -7.33 -16.23 10.29
N PRO D 161 -5.99 -16.00 10.10
CA PRO D 161 -5.57 -15.36 8.86
C PRO D 161 -5.90 -16.18 7.66
N ALA D 162 -5.71 -17.49 7.77
CA ALA D 162 -6.03 -18.45 6.71
C ALA D 162 -7.51 -18.30 6.30
N LEU D 163 -8.36 -18.28 7.35
CA LEU D 163 -9.79 -18.18 7.16
C LEU D 163 -10.16 -16.87 6.43
N LEU D 164 -9.51 -15.81 6.87
CA LEU D 164 -9.80 -14.49 6.34
C LEU D 164 -9.39 -14.44 4.87
N THR D 165 -8.24 -15.04 4.53
CA THR D 165 -7.75 -14.98 3.18
C THR D 165 -8.60 -15.90 2.31
N GLY D 166 -9.60 -16.64 2.81
CA GLY D 166 -10.45 -17.43 1.92
C GLY D 166 -10.00 -18.88 1.70
N ASN D 167 -9.05 -19.37 2.50
CA ASN D 167 -8.67 -20.78 2.50
C ASN D 167 -9.64 -21.59 3.34
N THR D 168 -9.81 -22.87 2.99
CA THR D 168 -10.48 -23.84 3.86
C THR D 168 -9.42 -24.61 4.63
N VAL D 169 -9.81 -25.14 5.79
CA VAL D 169 -8.84 -25.62 6.78
C VAL D 169 -9.19 -27.01 7.33
N VAL D 170 -8.16 -27.84 7.43
CA VAL D 170 -8.18 -29.06 8.22
C VAL D 170 -7.14 -28.88 9.34
N LEU D 171 -7.62 -28.79 10.58
CA LEU D 171 -6.79 -28.57 11.76
C LEU D 171 -6.55 -29.90 12.48
N LYS D 172 -5.29 -30.23 12.74
CA LYS D 172 -4.94 -31.30 13.67
C LYS D 172 -4.13 -30.71 14.79
N PRO D 173 -4.67 -30.71 15.99
CA PRO D 173 -3.92 -30.19 17.12
C PRO D 173 -2.96 -31.27 17.56
N SER D 174 -2.12 -31.01 18.56
CA SER D 174 -1.25 -32.06 19.02
C SER D 174 -2.15 -32.89 19.85
N SER D 175 -1.87 -34.17 19.92
CA SER D 175 -2.72 -35.08 20.65
C SER D 175 -2.89 -34.66 22.09
N ASP D 176 -1.83 -34.10 22.66
CA ASP D 176 -1.80 -33.69 24.06
C ASP D 176 -2.77 -32.61 24.52
N THR D 177 -3.16 -31.72 23.62
CA THR D 177 -4.01 -30.55 23.89
C THR D 177 -5.14 -30.38 22.90
N PRO D 178 -5.98 -31.41 22.73
CA PRO D 178 -7.02 -31.27 21.74
C PRO D 178 -8.09 -30.29 22.23
N GLY D 179 -8.28 -30.18 23.55
CA GLY D 179 -9.55 -29.71 24.12
C GLY D 179 -9.79 -28.26 23.74
N SER D 180 -8.75 -27.46 23.97
CA SER D 180 -8.76 -26.03 23.70
C SER D 180 -9.09 -25.77 22.23
N ALA D 181 -8.37 -26.52 21.39
CA ALA D 181 -8.51 -26.43 19.93
C ALA D 181 -9.96 -26.72 19.53
N GLU D 182 -10.49 -27.78 20.11
CA GLU D 182 -11.86 -28.21 19.86
C GLU D 182 -12.85 -27.11 20.21
N TRP D 183 -12.63 -26.52 21.38
CA TRP D 183 -13.46 -25.44 21.90
C TRP D 183 -13.46 -24.27 20.91
N ILE D 184 -12.26 -23.93 20.44
CA ILE D 184 -12.06 -22.84 19.50
C ILE D 184 -12.86 -23.10 18.21
N VAL D 185 -12.74 -24.34 17.74
CA VAL D 185 -13.44 -24.78 16.54
C VAL D 185 -14.95 -24.62 16.69
N ARG D 186 -15.43 -25.05 17.84
CA ARG D 186 -16.85 -24.97 18.19
C ARG D 186 -17.33 -23.52 18.14
N LYS D 187 -16.52 -22.65 18.74
CA LYS D 187 -16.80 -21.22 18.80
C LYS D 187 -16.92 -20.65 17.38
N PHE D 188 -15.96 -21.04 16.55
CA PHE D 188 -15.91 -20.61 15.16
C PHE D 188 -17.19 -21.03 14.42
N VAL D 189 -17.58 -22.28 14.64
CA VAL D 189 -18.78 -22.85 14.04
C VAL D 189 -20.02 -22.04 14.45
N GLU D 190 -20.08 -21.74 15.73
CA GLU D 190 -21.17 -20.95 16.30
C GLU D 190 -21.26 -19.57 15.62
N ALA D 191 -20.09 -18.95 15.46
CA ALA D 191 -19.97 -17.67 14.81
C ALA D 191 -20.50 -17.70 13.38
N GLY D 192 -20.57 -18.86 12.74
CA GLY D 192 -21.17 -18.98 11.39
C GLY D 192 -20.26 -19.49 10.28
N VAL D 193 -19.12 -20.09 10.62
CA VAL D 193 -18.29 -20.76 9.62
C VAL D 193 -19.11 -21.88 8.97
N PRO D 194 -19.21 -21.89 7.61
CA PRO D 194 -20.06 -22.92 6.98
C PRO D 194 -19.46 -24.33 6.96
N LYS D 195 -20.32 -25.30 6.65
CA LYS D 195 -19.95 -26.71 6.58
C LYS D 195 -18.80 -26.93 5.60
N GLY D 196 -17.79 -27.67 6.04
CA GLY D 196 -16.62 -28.01 5.25
C GLY D 196 -15.49 -26.99 5.26
N VAL D 197 -15.75 -25.74 5.65
CA VAL D 197 -14.74 -24.68 5.64
C VAL D 197 -13.66 -24.94 6.71
N LEU D 198 -14.09 -25.46 7.85
CA LEU D 198 -13.21 -25.79 8.94
C LEU D 198 -13.47 -27.23 9.34
N ASN D 199 -12.42 -28.04 9.30
CA ASN D 199 -12.48 -29.42 9.75
C ASN D 199 -11.47 -29.68 10.84
N PHE D 200 -11.83 -30.54 11.78
CA PHE D 200 -11.08 -30.79 12.99
C PHE D 200 -10.82 -32.28 13.09
N ILE D 201 -9.53 -32.64 13.06
CA ILE D 201 -9.07 -34.03 13.06
C ILE D 201 -8.07 -34.20 14.20
N THR D 202 -8.39 -35.05 15.16
CA THR D 202 -7.47 -35.46 16.22
C THR D 202 -6.97 -36.88 15.91
N GLY D 203 -5.81 -37.23 16.44
CA GLY D 203 -5.25 -38.59 16.22
C GLY D 203 -3.75 -38.65 16.28
N ARG D 204 -3.23 -39.82 16.65
CA ARG D 204 -1.80 -40.04 16.83
C ARG D 204 -1.04 -39.96 15.52
N GLY D 205 -0.05 -39.05 15.49
CA GLY D 205 0.72 -38.71 14.29
C GLY D 205 1.54 -39.86 13.74
N SER D 206 1.94 -40.77 14.63
CA SER D 206 2.55 -42.04 14.27
C SER D 206 1.68 -42.89 13.36
N GLU D 207 0.37 -42.69 13.39
CA GLU D 207 -0.54 -43.35 12.47
C GLU D 207 -0.88 -42.51 11.23
N ILE D 208 -1.16 -41.20 11.38
CA ILE D 208 -1.81 -40.48 10.34
C ILE D 208 -1.07 -39.25 9.93
N GLY D 209 -0.07 -38.79 10.68
CA GLY D 209 0.49 -37.46 10.51
C GLY D 209 1.08 -37.30 9.11
N ASP D 210 1.88 -38.30 8.77
CA ASP D 210 2.56 -38.37 7.46
C ASP D 210 1.53 -38.34 6.35
N TYR D 211 0.48 -39.13 6.53
CA TYR D 211 -0.61 -39.24 5.55
C TYR D 211 -1.26 -37.87 5.34
N ILE D 212 -1.53 -37.20 6.46
CA ILE D 212 -2.15 -35.88 6.44
C ILE D 212 -1.27 -34.89 5.67
N VAL D 213 0.02 -34.96 5.94
CA VAL D 213 1.00 -34.11 5.27
C VAL D 213 1.01 -34.33 3.74
N GLU D 214 1.15 -35.57 3.29
CA GLU D 214 1.48 -35.83 1.87
C GLU D 214 0.27 -36.04 0.92
N HIS D 215 -0.94 -35.81 1.44
CA HIS D 215 -2.19 -36.04 0.70
C HIS D 215 -2.27 -35.21 -0.59
N LYS D 216 -2.69 -35.87 -1.68
CA LYS D 216 -2.69 -35.29 -3.05
C LYS D 216 -3.27 -33.86 -3.16
N LYS D 217 -4.40 -33.65 -2.48
CA LYS D 217 -5.20 -32.40 -2.55
C LYS D 217 -4.78 -31.23 -1.63
N VAL D 218 -3.81 -31.43 -0.74
CA VAL D 218 -3.37 -30.36 0.19
C VAL D 218 -2.50 -29.32 -0.55
N ASN D 219 -2.79 -28.04 -0.33
CA ASN D 219 -2.06 -26.95 -1.00
C ASN D 219 -1.05 -26.21 -0.13
N LEU D 220 -1.33 -26.10 1.16
CA LEU D 220 -0.47 -25.37 2.09
C LEU D 220 -0.47 -26.03 3.46
N ILE D 221 0.69 -26.07 4.11
CA ILE D 221 0.82 -26.61 5.46
C ILE D 221 1.43 -25.55 6.34
N THR D 222 0.77 -25.26 7.46
CA THR D 222 1.26 -24.30 8.44
C THR D 222 1.44 -25.03 9.76
N MET D 223 2.64 -24.93 10.31
CA MET D 223 3.03 -25.78 11.44
C MET D 223 4.01 -25.10 12.36
N THR D 224 3.89 -25.39 13.65
CA THR D 224 4.85 -24.98 14.66
C THR D 224 5.14 -26.20 15.53
N GLY D 225 6.41 -26.42 15.86
CA GLY D 225 6.81 -27.59 16.64
C GLY D 225 8.30 -27.82 16.62
N SER D 226 8.72 -29.09 16.72
CA SER D 226 10.15 -29.44 16.79
C SER D 226 10.80 -29.51 15.41
N THR D 227 12.11 -29.42 15.39
CA THR D 227 12.85 -29.32 14.16
C THR D 227 12.74 -30.61 13.36
N ALA D 228 12.84 -31.73 14.05
CA ALA D 228 12.79 -33.04 13.42
C ALA D 228 11.47 -33.23 12.70
N THR D 229 10.39 -32.86 13.41
CA THR D 229 9.03 -32.95 12.88
C THR D 229 8.91 -32.13 11.60
N GLY D 230 9.44 -30.92 11.67
CA GLY D 230 9.43 -29.98 10.53
C GLY D 230 10.12 -30.59 9.32
N GLN D 231 11.29 -31.18 9.59
CA GLN D 231 12.10 -31.84 8.57
C GLN D 231 11.29 -32.94 7.89
N ARG D 232 10.65 -33.74 8.74
CA ARG D 232 9.83 -34.87 8.28
C ARG D 232 8.72 -34.37 7.35
N ILE D 233 8.08 -33.30 7.79
CA ILE D 233 6.97 -32.67 7.05
C ILE D 233 7.45 -32.23 5.67
N MET D 234 8.62 -31.59 5.68
CA MET D 234 9.26 -31.08 4.46
C MET D 234 9.47 -32.24 3.48
N GLN D 235 10.03 -33.31 4.02
CA GLN D 235 10.33 -34.53 3.25
C GLN D 235 9.04 -35.06 2.59
N LYS D 236 7.99 -35.11 3.41
CA LYS D 236 6.72 -35.64 2.97
C LYS D 236 6.17 -34.78 1.83
N ALA D 237 6.29 -33.45 1.97
CA ALA D 237 5.59 -32.56 1.08
C ALA D 237 6.19 -32.56 -0.28
N SER D 238 7.34 -33.19 -0.49
CA SER D 238 7.83 -33.40 -1.85
C SER D 238 6.78 -34.09 -2.77
N ALA D 239 5.93 -34.94 -2.19
CA ALA D 239 4.84 -35.61 -2.91
C ALA D 239 3.79 -34.68 -3.54
N ASN D 240 3.40 -33.64 -2.81
CA ASN D 240 2.32 -32.73 -3.27
C ASN D 240 2.74 -31.28 -3.51
N MET D 241 4.02 -30.98 -3.30
CA MET D 241 4.59 -29.66 -3.55
C MET D 241 3.89 -28.53 -2.75
N ALA D 242 3.39 -28.84 -1.54
CA ALA D 242 2.65 -27.84 -0.74
C ALA D 242 3.54 -26.67 -0.32
N LYS D 243 2.94 -25.49 -0.23
CA LYS D 243 3.58 -24.31 0.38
C LYS D 243 3.71 -24.61 1.86
N LEU D 244 4.90 -24.38 2.42
CA LEU D 244 5.20 -24.69 3.83
C LEU D 244 5.44 -23.42 4.66
N ILE D 245 4.72 -23.32 5.78
CA ILE D 245 5.01 -22.34 6.82
C ILE D 245 5.39 -23.15 8.05
N LEU D 246 6.67 -23.10 8.43
CA LEU D 246 7.21 -23.86 9.54
C LEU D 246 7.96 -22.96 10.52
N GLU D 247 7.58 -22.96 11.80
CA GLU D 247 8.39 -22.33 12.84
C GLU D 247 8.83 -23.38 13.84
N LEU D 248 10.14 -23.57 13.98
CA LEU D 248 10.69 -24.78 14.58
C LEU D 248 11.59 -24.62 15.83
N GLY D 249 11.33 -23.58 16.63
CA GLY D 249 12.06 -23.42 17.89
C GLY D 249 13.56 -23.19 17.75
N GLY D 250 14.29 -23.48 18.82
CA GLY D 250 15.71 -23.20 18.83
C GLY D 250 16.43 -23.52 20.13
N LYS D 251 17.56 -22.84 20.31
CA LYS D 251 18.44 -23.04 21.45
C LYS D 251 19.03 -21.69 21.79
N ALA D 252 18.19 -20.85 22.40
CA ALA D 252 18.50 -19.44 22.56
C ALA D 252 19.59 -19.23 23.61
N PRO D 253 20.70 -18.59 23.22
CA PRO D 253 21.70 -18.23 24.22
C PRO D 253 21.29 -16.99 25.00
N PHE D 254 21.51 -17.00 26.32
CA PHE D 254 21.22 -15.88 27.21
C PHE D 254 22.54 -15.31 27.74
N MET D 255 22.87 -14.09 27.31
CA MET D 255 24.21 -13.54 27.52
C MET D 255 24.14 -12.32 28.46
N VAL D 256 24.91 -12.36 29.55
CA VAL D 256 24.93 -11.29 30.56
C VAL D 256 26.35 -10.75 30.73
N TRP D 257 26.60 -9.57 30.17
CA TRP D 257 27.91 -8.91 30.30
C TRP D 257 28.07 -8.33 31.71
N LYS D 258 29.33 -8.06 32.09
CA LYS D 258 29.67 -7.52 33.41
C LYS D 258 28.91 -6.25 33.84
N ASP D 259 28.56 -5.38 32.90
CA ASP D 259 27.89 -4.11 33.23
C ASP D 259 26.34 -4.17 33.22
N ALA D 260 25.77 -5.37 33.17
CA ALA D 260 24.33 -5.53 33.08
C ALA D 260 23.63 -5.03 34.33
N ASP D 261 22.39 -4.55 34.18
CA ASP D 261 21.54 -4.21 35.33
C ASP D 261 21.08 -5.52 35.89
N MET D 262 21.48 -5.80 37.12
CA MET D 262 21.50 -7.20 37.54
C MET D 262 20.04 -7.71 37.63
N ASP D 263 19.24 -6.91 38.32
CA ASP D 263 17.90 -7.26 38.74
C ASP D 263 17.05 -7.61 37.52
N ASN D 264 17.11 -6.66 36.57
CA ASN D 264 16.35 -6.74 35.31
C ASN D 264 16.72 -8.00 34.59
N ALA D 265 18.05 -8.21 34.51
CA ALA D 265 18.63 -9.39 33.80
C ALA D 265 18.05 -10.66 34.39
N LEU D 266 18.06 -10.71 35.72
CA LEU D 266 17.59 -11.87 36.48
C LEU D 266 16.14 -12.15 36.16
N LYS D 267 15.35 -11.07 36.16
CA LYS D 267 13.91 -11.14 35.88
C LYS D 267 13.69 -11.76 34.50
N THR D 268 14.46 -11.23 33.55
CA THR D 268 14.37 -11.67 32.15
C THR D 268 14.68 -13.16 32.05
N LEU D 269 15.72 -13.57 32.75
CA LEU D 269 16.16 -14.97 32.78
C LEU D 269 15.06 -15.86 33.30
N LEU D 270 14.46 -15.40 34.39
CA LEU D 270 13.35 -16.11 35.05
C LEU D 270 12.22 -16.32 34.07
N TRP D 271 11.87 -15.23 33.35
CA TRP D 271 10.79 -15.26 32.39
C TRP D 271 11.10 -16.32 31.26
N ALA D 272 12.30 -16.22 30.83
CA ALA D 272 12.79 -16.89 29.62
C ALA D 272 12.86 -18.37 29.86
N LYS D 273 13.36 -18.78 31.02
CA LYS D 273 13.43 -20.19 31.38
C LYS D 273 12.12 -20.68 31.90
N TYR D 274 11.44 -19.97 32.80
CA TYR D 274 10.37 -20.61 33.55
C TYR D 274 8.95 -20.31 33.06
N TRP D 275 8.79 -19.32 32.19
CA TRP D 275 7.50 -19.09 31.54
C TRP D 275 7.13 -20.38 30.81
N ASN D 276 5.95 -20.90 31.14
CA ASN D 276 5.44 -22.14 30.59
C ASN D 276 6.40 -23.31 30.80
N ALA D 277 7.06 -23.29 31.96
CA ALA D 277 8.07 -24.27 32.32
C ALA D 277 9.15 -24.53 31.26
N GLY D 278 9.49 -23.48 30.52
CA GLY D 278 10.55 -23.55 29.50
C GLY D 278 10.16 -24.18 28.18
N GLN D 279 8.85 -24.35 27.99
CA GLN D 279 8.32 -25.04 26.83
C GLN D 279 7.91 -23.96 25.82
N SER D 280 8.91 -23.30 25.22
CA SER D 280 8.67 -22.17 24.32
C SER D 280 9.67 -22.13 23.18
N CYS D 281 9.31 -21.68 22.01
CA CYS D 281 10.29 -21.68 20.92
C CYS D 281 11.47 -20.67 20.99
N ILE D 282 11.40 -19.75 21.93
CA ILE D 282 12.39 -18.73 22.24
C ILE D 282 12.82 -18.78 23.71
N ALA D 283 12.64 -19.93 24.40
CA ALA D 283 13.05 -20.03 25.78
C ALA D 283 14.57 -19.97 25.95
N ALA D 284 15.00 -19.48 27.11
CA ALA D 284 16.42 -19.45 27.44
C ALA D 284 16.92 -20.89 27.53
N GLU D 285 17.88 -21.25 26.68
CA GLU D 285 18.40 -22.62 26.60
C GLU D 285 19.88 -22.79 26.99
N ARG D 286 20.64 -21.69 26.94
CA ARG D 286 22.06 -21.70 27.33
C ARG D 286 22.38 -20.39 28.05
N LEU D 287 23.07 -20.47 29.19
CA LEU D 287 23.41 -19.27 29.98
C LEU D 287 24.92 -18.98 29.95
N TYR D 288 25.27 -17.79 29.49
CA TYR D 288 26.66 -17.32 29.43
C TYR D 288 26.76 -16.04 30.26
N VAL D 289 27.57 -16.06 31.33
CA VAL D 289 27.72 -14.90 32.24
C VAL D 289 29.19 -14.49 32.43
N HIS D 290 29.42 -13.18 32.48
CA HIS D 290 30.77 -12.63 32.56
C HIS D 290 31.43 -13.01 33.89
N GLU D 291 32.67 -13.50 33.79
CA GLU D 291 33.47 -14.01 34.94
C GLU D 291 33.57 -13.10 36.17
N ASP D 292 33.63 -11.79 35.95
CA ASP D 292 33.63 -10.77 37.00
C ASP D 292 32.43 -10.77 37.93
N ILE D 293 31.25 -11.12 37.43
CA ILE D 293 30.02 -11.14 38.23
C ILE D 293 29.44 -12.53 38.39
N TYR D 294 30.16 -13.54 37.91
CA TYR D 294 29.45 -14.77 37.48
C TYR D 294 28.77 -15.36 38.73
N ASP D 295 29.61 -15.55 39.74
CA ASP D 295 29.33 -16.35 40.92
C ASP D 295 28.07 -15.83 41.60
N THR D 296 28.16 -14.51 41.84
CA THR D 296 27.12 -13.73 42.54
C THR D 296 25.81 -13.90 41.81
N PHE D 297 25.92 -13.71 40.48
CA PHE D 297 24.74 -13.77 39.58
C PHE D 297 24.07 -15.13 39.74
N MET D 298 24.90 -16.16 39.69
CA MET D 298 24.43 -17.55 39.78
C MET D 298 23.70 -17.79 41.08
N SER D 299 24.26 -17.30 42.17
CA SER D 299 23.56 -17.53 43.38
C SER D 299 22.23 -16.87 43.21
N ARG D 300 22.27 -15.58 42.97
CA ARG D 300 21.03 -14.81 42.92
C ARG D 300 19.94 -15.60 42.20
N PHE D 301 20.36 -16.16 41.06
CA PHE D 301 19.46 -16.97 40.21
C PHE D 301 18.90 -18.14 40.99
N VAL D 302 19.81 -18.81 41.71
CA VAL D 302 19.48 -19.97 42.52
C VAL D 302 18.44 -19.60 43.57
N GLU D 303 18.70 -18.47 44.22
CA GLU D 303 17.82 -17.94 45.26
C GLU D 303 16.41 -17.72 44.70
N LEU D 304 16.40 -17.08 43.52
CA LEU D 304 15.15 -16.78 42.84
C LEU D 304 14.35 -18.07 42.55
N SER D 305 15.08 -19.05 42.05
CA SER D 305 14.52 -20.35 41.71
C SER D 305 13.90 -21.00 42.93
N ARG D 306 14.62 -20.92 44.06
CA ARG D 306 14.16 -21.44 45.34
C ARG D 306 12.75 -20.92 45.65
N LYS D 307 12.49 -19.65 45.39
CA LYS D 307 11.25 -19.04 45.70
C LYS D 307 10.01 -19.34 44.83
N LEU D 308 10.17 -20.01 43.69
CA LEU D 308 9.06 -20.30 42.78
C LEU D 308 8.27 -21.50 43.29
N ALA D 309 6.95 -21.32 43.41
CA ALA D 309 6.05 -22.38 43.85
C ALA D 309 5.59 -23.22 42.66
N LEU D 310 5.59 -24.54 42.82
CA LEU D 310 4.99 -25.45 41.84
C LEU D 310 3.73 -26.04 42.44
N GLY D 311 2.81 -26.46 41.56
CA GLY D 311 1.59 -27.13 41.97
C GLY D 311 0.37 -26.59 41.25
N ASP D 312 -0.64 -26.21 42.03
CA ASP D 312 -1.95 -25.86 41.46
C ASP D 312 -1.89 -24.56 40.65
N PRO D 313 -2.49 -24.58 39.44
CA PRO D 313 -2.57 -23.36 38.62
C PRO D 313 -3.13 -22.12 39.35
N LYS D 314 -4.06 -22.33 40.29
CA LYS D 314 -4.63 -21.24 41.09
C LYS D 314 -3.61 -20.39 41.86
N ASN D 315 -2.47 -20.99 42.23
CA ASN D 315 -1.45 -20.26 43.00
C ASN D 315 0.03 -20.50 42.62
N ALA D 316 0.32 -21.41 41.70
CA ALA D 316 1.69 -21.74 41.34
C ALA D 316 2.33 -20.65 40.51
N ASP D 317 3.65 -20.56 40.62
CA ASP D 317 4.46 -19.71 39.76
C ASP D 317 4.84 -20.43 38.46
N MET D 318 4.98 -21.75 38.50
CA MET D 318 5.35 -22.52 37.30
C MET D 318 4.56 -23.83 37.25
N GLY D 319 4.19 -24.22 36.04
CA GLY D 319 3.41 -25.43 35.82
C GLY D 319 4.24 -26.67 35.56
N PRO D 320 3.55 -27.79 35.30
CA PRO D 320 4.22 -29.05 35.01
C PRO D 320 4.63 -29.16 33.55
N LEU D 321 5.45 -30.15 33.25
CA LEU D 321 5.70 -30.55 31.88
C LEU D 321 4.44 -31.20 31.32
N ILE D 322 4.31 -31.19 30.00
CA ILE D 322 3.07 -31.58 29.34
C ILE D 322 2.67 -33.05 29.49
N ASN D 323 3.64 -33.97 29.53
CA ASN D 323 3.32 -35.40 29.65
C ASN D 323 4.43 -36.22 30.33
N LYS D 324 4.12 -37.48 30.64
CA LYS D 324 5.04 -38.38 31.33
C LYS D 324 6.32 -38.50 30.52
N GLY D 325 6.16 -38.64 29.20
CA GLY D 325 7.28 -38.91 28.31
C GLY D 325 8.31 -37.79 28.38
N ALA D 326 7.78 -36.57 28.33
CA ALA D 326 8.62 -35.36 28.40
C ALA D 326 9.41 -35.33 29.70
N LEU D 327 8.71 -35.64 30.79
CA LEU D 327 9.31 -35.69 32.12
C LEU D 327 10.48 -36.67 32.15
N GLN D 328 10.20 -37.84 31.59
CA GLN D 328 11.19 -38.93 31.52
C GLN D 328 12.42 -38.48 30.78
N ALA D 329 12.19 -37.82 29.64
CA ALA D 329 13.25 -37.30 28.79
C ALA D 329 14.12 -36.31 29.56
N THR D 330 13.45 -35.43 30.29
CA THR D 330 14.10 -34.41 31.11
C THR D 330 15.02 -35.07 32.13
N SER D 331 14.46 -36.09 32.78
CA SER D 331 15.16 -36.86 33.81
C SER D 331 16.43 -37.47 33.23
N GLU D 332 16.26 -38.06 32.06
CA GLU D 332 17.36 -38.72 31.34
C GLU D 332 18.47 -37.73 31.03
N ILE D 333 18.06 -36.55 30.57
CA ILE D 333 18.98 -35.46 30.23
C ILE D 333 19.81 -35.08 31.48
N VAL D 334 19.08 -34.93 32.58
CA VAL D 334 19.69 -34.56 33.85
C VAL D 334 20.75 -35.60 34.26
N GLU D 335 20.35 -36.86 34.12
CA GLU D 335 21.23 -37.98 34.45
C GLU D 335 22.50 -37.96 33.63
N GLU D 336 22.32 -37.70 32.34
CA GLU D 336 23.42 -37.59 31.38
C GLU D 336 24.40 -36.52 31.82
N ALA D 337 23.82 -35.37 32.18
CA ALA D 337 24.58 -34.21 32.63
C ALA D 337 25.43 -34.58 33.86
N LYS D 338 24.77 -35.26 34.80
CA LYS D 338 25.40 -35.71 36.03
C LYS D 338 26.57 -36.68 35.76
N GLU D 339 26.22 -37.75 35.07
CA GLU D 339 27.12 -38.88 34.81
C GLU D 339 28.18 -38.51 33.79
N SER D 340 28.50 -37.22 33.70
CA SER D 340 29.55 -36.72 32.84
C SER D 340 30.20 -35.44 33.40
N GLY D 341 30.29 -35.32 34.73
CA GLY D 341 31.02 -34.24 35.38
C GLY D 341 30.21 -33.13 36.03
N ALA D 342 29.02 -32.85 35.51
CA ALA D 342 28.31 -31.60 35.81
C ALA D 342 27.82 -31.47 37.24
N LYS D 343 27.92 -30.26 37.77
CA LYS D 343 27.44 -29.91 39.11
C LYS D 343 26.03 -29.36 39.00
N ILE D 344 25.08 -30.03 39.66
CA ILE D 344 23.72 -29.53 39.75
C ILE D 344 23.71 -28.48 40.88
N LEU D 345 23.59 -27.21 40.51
CA LEU D 345 23.64 -26.12 41.47
C LEU D 345 22.33 -25.94 42.23
N PHE D 346 21.22 -26.34 41.60
CA PHE D 346 19.92 -26.40 42.26
C PHE D 346 18.98 -27.28 41.47
N GLY D 347 18.07 -27.96 42.18
CA GLY D 347 17.00 -28.74 41.56
C GLY D 347 17.47 -30.10 41.07
N GLY D 348 17.09 -30.45 39.84
CA GLY D 348 17.57 -31.68 39.18
C GLY D 348 16.72 -32.92 39.40
N SER D 349 15.50 -32.71 39.88
CA SER D 349 14.60 -33.81 40.19
C SER D 349 13.19 -33.30 40.21
N GLN D 350 12.25 -34.20 40.41
CA GLN D 350 10.86 -33.83 40.65
C GLN D 350 10.79 -33.20 42.03
N PRO D 351 9.84 -32.28 42.24
CA PRO D 351 9.63 -31.74 43.58
C PRO D 351 8.94 -32.78 44.47
N SER D 352 8.80 -32.47 45.74
CA SER D 352 8.07 -33.32 46.68
C SER D 352 6.80 -32.61 47.12
N LEU D 353 5.69 -32.96 46.46
CA LEU D 353 4.40 -32.27 46.65
C LEU D 353 3.36 -33.20 47.24
N SER D 354 2.39 -32.60 47.92
CA SER D 354 1.33 -33.33 48.63
C SER D 354 0.23 -33.75 47.68
N GLY D 355 -0.55 -34.74 48.12
CA GLY D 355 -1.79 -35.13 47.42
C GLY D 355 -1.63 -35.57 45.98
N PRO D 356 -2.64 -35.26 45.12
CA PRO D 356 -2.64 -35.65 43.68
C PRO D 356 -1.44 -35.12 42.85
N TYR D 357 -0.87 -33.99 43.28
CA TYR D 357 0.17 -33.29 42.56
C TYR D 357 1.46 -34.10 42.46
N ARG D 358 1.73 -34.98 43.44
CA ARG D 358 2.95 -35.79 43.38
C ARG D 358 3.04 -36.73 42.16
N ASN D 359 1.90 -37.07 41.56
CA ASN D 359 1.85 -37.89 40.34
C ASN D 359 1.70 -37.09 39.05
N GLY D 360 1.68 -35.76 39.17
CA GLY D 360 1.81 -34.86 38.03
C GLY D 360 3.23 -34.88 37.48
N TYR D 361 3.43 -34.20 36.37
CA TYR D 361 4.72 -34.21 35.68
C TYR D 361 5.50 -32.92 35.96
N PHE D 362 5.64 -32.61 37.25
CA PHE D 362 6.36 -31.42 37.67
C PHE D 362 7.83 -31.73 37.68
N PHE D 363 8.63 -30.71 37.38
CA PHE D 363 10.06 -30.81 37.49
C PHE D 363 10.58 -29.52 38.08
N LEU D 364 11.55 -29.63 38.99
CA LEU D 364 12.09 -28.47 39.68
C LEU D 364 12.90 -27.60 38.73
N PRO D 365 12.89 -26.28 38.98
CA PRO D 365 13.85 -25.41 38.31
C PRO D 365 15.23 -25.98 38.50
N THR D 366 15.94 -26.23 37.41
CA THR D 366 17.22 -26.92 37.47
C THR D 366 18.32 -26.10 36.80
N ILE D 367 19.40 -25.90 37.57
CA ILE D 367 20.50 -25.04 37.17
C ILE D 367 21.79 -25.85 37.29
N ILE D 368 22.60 -25.83 36.23
CA ILE D 368 23.75 -26.73 36.11
C ILE D 368 25.03 -25.96 35.81
N GLY D 369 26.09 -26.23 36.57
CA GLY D 369 27.43 -25.66 36.35
C GLY D 369 28.43 -26.72 35.94
N ASN D 370 29.68 -26.31 35.70
CA ASN D 370 30.70 -27.20 35.17
C ASN D 370 30.21 -27.76 33.83
N ALA D 371 29.66 -26.86 33.03
CA ALA D 371 28.84 -27.24 31.88
C ALA D 371 29.68 -27.23 30.59
N ASP D 372 29.72 -28.38 29.91
CA ASP D 372 30.50 -28.53 28.68
C ASP D 372 29.76 -27.88 27.49
N GLN D 373 30.42 -26.94 26.82
CA GLN D 373 29.88 -26.31 25.59
C GLN D 373 29.49 -27.34 24.52
N LYS D 374 30.22 -28.45 24.44
CA LYS D 374 29.95 -29.56 23.52
C LYS D 374 28.89 -30.58 23.98
N SER D 375 28.37 -30.47 25.20
CA SER D 375 27.44 -31.48 25.77
C SER D 375 26.03 -31.39 25.19
N LYS D 376 25.23 -32.44 25.45
CA LYS D 376 23.79 -32.49 25.08
C LYS D 376 23.00 -31.28 25.64
N ILE D 377 23.30 -30.92 26.89
CA ILE D 377 22.68 -29.75 27.56
C ILE D 377 22.86 -28.44 26.77
N PHE D 378 24.00 -28.31 26.09
CA PHE D 378 24.32 -27.12 25.32
C PHE D 378 24.07 -27.22 23.81
N GLN D 379 23.90 -28.44 23.29
CA GLN D 379 23.73 -28.61 21.84
C GLN D 379 22.35 -29.09 21.37
N GLU D 380 21.57 -29.77 22.21
CA GLU D 380 20.24 -30.28 21.82
C GLU D 380 19.12 -29.55 22.57
N GLU D 381 18.03 -29.22 21.87
CA GLU D 381 16.88 -28.50 22.46
C GLU D 381 16.35 -29.23 23.70
N ILE D 382 16.11 -28.50 24.79
CA ILE D 382 15.67 -29.06 26.09
C ILE D 382 14.17 -28.93 26.29
N PHE D 383 13.64 -27.72 26.14
CA PHE D 383 12.20 -27.47 26.18
C PHE D 383 11.61 -27.87 27.56
N ALA D 384 12.27 -27.41 28.62
CA ALA D 384 11.96 -27.81 30.01
C ALA D 384 12.68 -26.82 30.95
N PRO D 385 12.37 -26.82 32.27
CA PRO D 385 12.95 -25.79 33.17
C PRO D 385 14.39 -26.09 33.67
N VAL D 386 15.29 -26.28 32.71
CA VAL D 386 16.64 -26.75 32.97
C VAL D 386 17.57 -25.91 32.13
N ILE D 387 18.68 -25.47 32.70
CA ILE D 387 19.66 -24.71 31.95
C ILE D 387 21.06 -24.89 32.51
N GLY D 388 22.04 -24.93 31.61
CA GLY D 388 23.44 -24.97 31.99
C GLY D 388 24.03 -23.58 31.85
N ALA D 389 25.01 -23.26 32.69
CA ALA D 389 25.68 -21.95 32.72
C ALA D 389 27.18 -22.11 32.53
N ARG D 390 27.78 -21.09 31.94
CA ARG D 390 29.19 -21.12 31.54
C ARG D 390 29.75 -19.69 31.67
N LYS D 391 31.02 -19.57 32.07
CA LYS D 391 31.67 -18.27 32.20
C LYS D 391 32.11 -17.77 30.83
N ILE D 392 32.22 -16.46 30.72
CA ILE D 392 32.85 -15.82 29.56
C ILE D 392 33.75 -14.70 30.03
N SER D 393 34.74 -14.41 29.21
CA SER D 393 35.73 -13.38 29.48
C SER D 393 36.09 -12.46 28.31
N SER D 394 35.49 -12.67 27.14
CA SER D 394 35.66 -11.76 26.01
C SER D 394 34.43 -11.79 25.12
N VAL D 395 34.28 -10.73 24.35
CA VAL D 395 33.11 -10.51 23.51
C VAL D 395 33.09 -11.52 22.36
N GLU D 396 34.25 -11.61 21.71
CA GLU D 396 34.47 -12.51 20.58
C GLU D 396 34.14 -13.95 20.96
N GLU D 397 34.67 -14.33 22.12
CA GLU D 397 34.48 -15.67 22.68
C GLU D 397 33.00 -15.97 22.85
N MET D 398 32.32 -14.99 23.45
CA MET D 398 30.88 -15.06 23.72
C MET D 398 30.12 -15.29 22.42
N CYS D 399 30.48 -14.49 21.42
CA CYS D 399 29.86 -14.57 20.10
C CYS D 399 30.00 -15.95 19.52
N ASP D 400 31.23 -16.47 19.62
CA ASP D 400 31.57 -17.80 19.11
C ASP D 400 30.69 -18.86 19.77
N LEU D 401 30.57 -18.73 21.08
CA LEU D 401 29.77 -19.64 21.89
C LEU D 401 28.31 -19.64 21.42
N ALA D 402 27.81 -18.42 21.20
CA ALA D 402 26.44 -18.21 20.77
C ALA D 402 26.22 -18.91 19.42
N ASN D 403 27.19 -18.73 18.51
CA ASN D 403 27.02 -19.19 17.15
C ASN D 403 27.21 -20.66 17.02
N ASP D 404 27.89 -21.28 17.99
CA ASP D 404 28.13 -22.72 18.01
C ASP D 404 26.86 -23.54 18.36
N ASN D 405 25.97 -23.64 17.37
CA ASN D 405 24.66 -24.30 17.50
C ASN D 405 24.08 -24.57 16.11
N LYS D 406 23.40 -25.69 16.02
CA LYS D 406 22.78 -26.15 14.81
C LYS D 406 21.73 -25.18 14.36
N TYR D 407 20.95 -24.68 15.31
CA TYR D 407 19.88 -23.76 14.96
C TYR D 407 19.85 -22.49 15.77
N GLY D 408 19.74 -21.36 15.10
CA GLY D 408 19.66 -20.09 15.80
C GLY D 408 18.36 -19.41 15.46
N LEU D 409 17.59 -19.10 16.49
CA LEU D 409 16.33 -18.44 16.31
C LEU D 409 16.38 -17.19 17.18
N ALA D 410 16.06 -17.37 18.45
CA ALA D 410 16.14 -16.27 19.40
C ALA D 410 17.49 -16.21 20.13
N SER D 411 17.76 -15.05 20.71
CA SER D 411 18.94 -14.84 21.55
C SER D 411 18.66 -13.66 22.50
N TYR D 412 19.32 -13.62 23.65
CA TYR D 412 19.15 -12.54 24.65
C TYR D 412 20.49 -11.96 25.08
N LEU D 413 20.54 -10.63 25.24
CA LEU D 413 21.77 -9.94 25.66
C LEU D 413 21.48 -8.86 26.68
N PHE D 414 22.18 -8.89 27.81
CA PHE D 414 22.12 -7.81 28.80
C PHE D 414 23.46 -7.11 28.95
N THR D 415 23.48 -5.82 28.59
CA THR D 415 24.67 -4.98 28.73
C THR D 415 24.28 -3.53 28.57
N LYS D 416 25.13 -2.64 29.07
CA LYS D 416 24.99 -1.20 28.84
C LYS D 416 26.08 -0.65 27.93
N ASP D 417 26.89 -1.52 27.31
CA ASP D 417 27.95 -1.07 26.40
C ASP D 417 27.40 -1.06 24.98
N PRO D 418 27.24 0.15 24.39
CA PRO D 418 26.58 0.30 23.10
C PRO D 418 27.35 -0.40 22.01
N ASN D 419 28.69 -0.33 22.09
CA ASN D 419 29.56 -0.91 21.07
C ASN D 419 29.30 -2.40 20.93
N ILE D 420 29.24 -3.05 22.09
CA ILE D 420 29.00 -4.50 22.17
C ILE D 420 27.69 -4.85 21.50
N ILE D 421 26.68 -4.05 21.84
CA ILE D 421 25.31 -4.24 21.31
C ILE D 421 25.34 -4.16 19.78
N PHE D 422 26.04 -3.13 19.29
CA PHE D 422 26.17 -2.87 17.86
C PHE D 422 26.82 -4.11 17.16
N GLU D 423 27.86 -4.57 17.80
CA GLU D 423 28.67 -5.66 17.26
C GLU D 423 27.84 -6.95 17.17
N ALA D 424 27.10 -7.20 18.22
CA ALA D 424 26.23 -8.39 18.27
C ALA D 424 25.16 -8.30 17.22
N SER D 425 24.61 -7.11 16.96
CA SER D 425 23.69 -6.93 15.84
C SER D 425 24.18 -7.58 14.54
N GLU D 426 25.49 -7.58 14.25
CA GLU D 426 26.03 -8.29 13.09
C GLU D 426 26.65 -9.67 13.40
N ARG D 427 27.32 -9.82 14.55
CA ARG D 427 28.06 -11.05 14.84
C ARG D 427 27.22 -12.25 15.33
N ILE D 428 26.12 -11.98 16.03
CA ILE D 428 25.21 -13.03 16.51
C ILE D 428 24.24 -13.43 15.38
N ARG D 429 24.43 -14.61 14.82
CA ARG D 429 23.68 -15.01 13.62
C ARG D 429 22.32 -15.65 13.96
N PHE D 430 21.42 -14.83 14.49
CA PHE D 430 20.11 -15.29 14.99
C PHE D 430 19.00 -14.34 14.54
N GLY D 431 17.82 -14.91 14.28
CA GLY D 431 16.67 -14.17 13.76
C GLY D 431 16.14 -13.07 14.65
N GLU D 432 16.15 -13.31 15.95
CA GLU D 432 15.79 -12.27 16.93
C GLU D 432 16.88 -12.22 18.01
N LEU D 433 17.27 -10.98 18.32
CA LEU D 433 18.13 -10.68 19.45
C LEU D 433 17.35 -9.74 20.37
N TYR D 434 17.07 -10.20 21.58
CA TYR D 434 16.38 -9.38 22.57
C TYR D 434 17.42 -8.74 23.50
N VAL D 435 17.54 -7.41 23.46
CA VAL D 435 18.61 -6.68 24.16
C VAL D 435 18.01 -5.93 25.35
N ASN D 436 18.39 -6.35 26.55
CA ASN D 436 17.88 -5.80 27.83
C ASN D 436 16.37 -5.86 27.99
N MET D 437 15.74 -6.87 27.40
CA MET D 437 14.30 -7.04 27.51
C MET D 437 13.89 -8.45 27.15
N PRO D 438 12.71 -8.88 27.62
CA PRO D 438 12.17 -10.17 27.23
C PRO D 438 11.41 -10.12 25.89
N GLY D 439 10.91 -11.27 25.44
CA GLY D 439 10.16 -11.31 24.20
C GLY D 439 8.88 -10.50 24.29
N TYR D 462 3.33 -9.48 6.74
CA TYR D 462 3.96 -10.50 5.93
C TYR D 462 3.35 -11.87 6.23
N GLY D 463 3.09 -12.12 7.52
CA GLY D 463 2.60 -13.41 7.97
C GLY D 463 1.25 -13.73 7.31
N ILE D 464 0.38 -12.72 7.34
CA ILE D 464 -0.96 -12.89 6.75
C ILE D 464 -0.86 -13.15 5.25
N SER D 465 0.06 -12.43 4.59
CA SER D 465 0.29 -12.59 3.18
C SER D 465 0.79 -13.97 2.85
N GLU D 466 1.64 -14.58 3.71
CA GLU D 466 1.94 -16.01 3.57
C GLU D 466 0.77 -16.88 3.12
N TYR D 467 -0.46 -16.65 3.58
CA TYR D 467 -1.63 -17.48 3.17
C TYR D 467 -2.31 -17.11 1.83
N LEU D 468 -1.78 -16.12 1.11
CA LEU D 468 -2.28 -15.69 -0.19
C LEU D 468 -1.29 -15.92 -1.30
N LYS D 469 -1.82 -16.34 -2.46
CA LYS D 469 -1.04 -16.53 -3.68
C LYS D 469 -1.33 -15.41 -4.67
N LEU D 470 -0.29 -14.86 -5.27
CA LEU D 470 -0.48 -13.80 -6.27
C LEU D 470 -0.76 -14.47 -7.62
N LYS D 471 -1.75 -13.94 -8.35
CA LYS D 471 -1.98 -14.31 -9.75
C LYS D 471 -2.05 -13.06 -10.62
N ASN D 472 -1.47 -13.12 -11.81
CA ASN D 472 -1.44 -12.00 -12.74
C ASN D 472 -2.36 -12.29 -13.93
N ILE D 473 -3.02 -11.25 -14.45
CA ILE D 473 -3.79 -11.35 -15.68
C ILE D 473 -3.30 -10.22 -16.58
N TYR D 474 -2.68 -10.59 -17.70
CA TYR D 474 -2.14 -9.63 -18.67
C TYR D 474 -3.17 -9.49 -19.79
N VAL D 475 -3.67 -8.27 -20.02
CA VAL D 475 -4.69 -8.01 -21.03
C VAL D 475 -4.21 -6.97 -22.03
N ASP D 476 -4.42 -7.25 -23.32
CA ASP D 476 -4.20 -6.30 -24.40
C ASP D 476 -5.57 -5.99 -24.98
N TYR D 477 -5.89 -4.71 -24.91
CA TYR D 477 -7.16 -4.11 -25.32
C TYR D 477 -7.08 -3.29 -26.60
N SER D 478 -5.96 -3.29 -27.27
CA SER D 478 -5.72 -2.44 -28.44
C SER D 478 -6.67 -2.80 -29.59
N GLY D 479 -7.00 -4.09 -29.72
CA GLY D 479 -7.79 -4.58 -30.83
C GLY D 479 -7.10 -4.48 -32.19
N LYS D 480 -5.76 -4.36 -32.17
CA LYS D 480 -4.95 -4.21 -33.38
C LYS D 480 -4.16 -5.51 -33.62
N PRO D 481 -3.60 -5.70 -34.84
CA PRO D 481 -2.79 -6.89 -35.11
C PRO D 481 -1.55 -7.00 -34.21
N LEU D 482 -1.33 -8.19 -33.65
CA LEU D 482 -0.19 -8.48 -32.80
C LEU D 482 1.06 -8.71 -33.65
N HIS D 483 2.22 -8.41 -33.06
CA HIS D 483 3.53 -8.66 -33.69
C HIS D 483 4.38 -9.41 -32.69
N ILE D 484 4.84 -10.60 -33.05
CA ILE D 484 5.60 -11.46 -32.16
C ILE D 484 6.95 -11.72 -32.84
N ASN D 485 8.04 -11.38 -32.17
CA ASN D 485 9.38 -11.40 -32.76
C ASN D 485 9.69 -12.67 -33.56
N THR D 486 9.33 -13.83 -33.02
CA THR D 486 9.69 -15.13 -33.61
C THR D 486 8.64 -15.70 -34.58
N VAL D 487 7.51 -15.00 -34.75
CA VAL D 487 6.49 -15.38 -35.74
C VAL D 487 6.58 -14.37 -36.90
N ARG D 488 6.99 -14.82 -38.07
CA ARG D 488 7.18 -13.90 -39.21
C ARG D 488 5.84 -13.35 -39.72
N ASP D 489 5.75 -12.03 -39.81
CA ASP D 489 4.52 -11.38 -40.33
C ASP D 489 4.33 -11.57 -41.82
N ASP D 490 5.40 -11.90 -42.55
CA ASP D 490 5.27 -12.27 -43.97
C ASP D 490 4.54 -13.62 -44.20
N LEU D 491 4.28 -14.38 -43.13
CA LEU D 491 3.32 -15.51 -43.20
C LEU D 491 1.87 -15.03 -43.34
N PHE D 492 1.60 -13.78 -42.96
CA PHE D 492 0.25 -13.18 -43.03
C PHE D 492 0.11 -12.00 -44.01
N GLN D 493 1.09 -11.83 -44.88
CA GLN D 493 1.07 -10.89 -45.98
C GLN D 493 1.03 -11.75 -47.22
N SER D 494 0.20 -11.31 -48.17
CA SER D 494 -0.13 -12.06 -49.39
C SER D 494 1.00 -12.11 -50.44
#